data_2DMU
#
_entry.id   2DMU
#
_entity_poly.entity_id   1
_entity_poly.type   'polypeptide(L)'
_entity_poly.pdbx_seq_one_letter_code
;GSSGSSGRRHRTIFTDEQLEALENLFQETKYPDVGTREQLARKVHLREEKVEVWFKNRRAKWRRSGPSSG
;
_entity_poly.pdbx_strand_id   A
#
# COMPACT_ATOMS: atom_id res chain seq x y z
N GLY A 1 -9.46 15.11 3.17
CA GLY A 1 -9.13 14.02 4.07
C GLY A 1 -9.67 12.70 3.60
N SER A 2 -11.00 12.54 3.68
CA SER A 2 -11.65 11.30 3.26
C SER A 2 -10.96 10.71 2.04
N SER A 3 -10.97 11.47 0.94
CA SER A 3 -10.35 11.02 -0.30
C SER A 3 -9.24 11.98 -0.74
N GLY A 4 -8.17 11.42 -1.29
CA GLY A 4 -7.06 12.24 -1.75
C GLY A 4 -7.35 12.94 -3.06
N SER A 5 -8.49 13.62 -3.13
CA SER A 5 -8.89 14.33 -4.34
C SER A 5 -8.38 15.77 -4.32
N SER A 6 -8.58 16.45 -3.19
CA SER A 6 -8.15 17.83 -3.04
C SER A 6 -6.63 17.91 -2.85
N GLY A 7 -6.12 17.17 -1.87
CA GLY A 7 -4.70 17.18 -1.60
C GLY A 7 -3.95 16.13 -2.40
N ARG A 8 -2.65 16.30 -2.55
CA ARG A 8 -1.82 15.37 -3.30
C ARG A 8 -0.73 14.79 -2.43
N ARG A 9 -0.40 13.52 -2.65
CA ARG A 9 0.64 12.84 -1.88
C ARG A 9 1.68 12.22 -2.80
N HIS A 10 2.96 12.46 -2.49
CA HIS A 10 4.05 11.94 -3.29
C HIS A 10 4.26 10.45 -3.01
N ARG A 11 4.90 9.76 -3.94
CA ARG A 11 5.17 8.33 -3.80
C ARG A 11 6.63 8.08 -3.49
N THR A 12 6.93 6.93 -2.90
CA THR A 12 8.29 6.57 -2.56
C THR A 12 8.56 5.10 -2.86
N ILE A 13 9.84 4.77 -3.08
CA ILE A 13 10.23 3.41 -3.38
C ILE A 13 10.41 2.58 -2.11
N PHE A 14 10.17 1.28 -2.22
CA PHE A 14 10.31 0.39 -1.06
C PHE A 14 11.11 -0.85 -1.44
N THR A 15 11.58 -1.57 -0.42
CA THR A 15 12.37 -2.78 -0.64
C THR A 15 11.47 -4.00 -0.79
N ASP A 16 12.00 -5.05 -1.41
CA ASP A 16 11.24 -6.27 -1.62
C ASP A 16 10.52 -6.70 -0.34
N GLU A 17 11.25 -6.71 0.76
CA GLU A 17 10.68 -7.09 2.05
C GLU A 17 9.51 -6.18 2.42
N GLN A 18 9.75 -4.88 2.41
CA GLN A 18 8.73 -3.91 2.76
C GLN A 18 7.48 -4.13 1.90
N LEU A 19 7.67 -4.29 0.60
CA LEU A 19 6.55 -4.51 -0.31
C LEU A 19 5.82 -5.80 0.01
N GLU A 20 6.59 -6.87 0.22
CA GLU A 20 6.02 -8.17 0.56
C GLU A 20 4.97 -8.04 1.66
N ALA A 21 5.40 -7.55 2.82
CA ALA A 21 4.51 -7.38 3.96
C ALA A 21 3.27 -6.60 3.56
N LEU A 22 3.47 -5.40 3.03
CA LEU A 22 2.36 -4.54 2.61
C LEU A 22 1.37 -5.32 1.76
N GLU A 23 1.86 -5.93 0.68
CA GLU A 23 1.02 -6.72 -0.21
C GLU A 23 0.39 -7.89 0.53
N ASN A 24 1.12 -8.44 1.49
CA ASN A 24 0.63 -9.56 2.28
C ASN A 24 -0.54 -9.16 3.15
N LEU A 25 -0.57 -7.89 3.55
CA LEU A 25 -1.64 -7.36 4.39
C LEU A 25 -2.81 -6.88 3.55
N PHE A 26 -2.50 -6.07 2.53
CA PHE A 26 -3.53 -5.53 1.65
C PHE A 26 -4.27 -6.66 0.92
N GLN A 27 -3.59 -7.78 0.75
CA GLN A 27 -4.18 -8.93 0.07
C GLN A 27 -5.22 -9.61 0.96
N GLU A 28 -4.86 -9.80 2.22
CA GLU A 28 -5.76 -10.45 3.18
C GLU A 28 -6.90 -9.50 3.58
N THR A 29 -6.54 -8.23 3.82
CA THR A 29 -7.52 -7.23 4.22
C THR A 29 -7.24 -5.89 3.56
N LYS A 30 -8.20 -5.38 2.80
CA LYS A 30 -8.06 -4.11 2.12
C LYS A 30 -7.76 -2.98 3.11
N TYR A 31 -8.50 -2.98 4.21
CA TYR A 31 -8.32 -1.96 5.24
C TYR A 31 -7.95 -2.59 6.58
N PRO A 32 -6.65 -2.52 6.91
CA PRO A 32 -6.13 -3.09 8.17
C PRO A 32 -6.59 -2.30 9.39
N ASP A 33 -6.08 -2.66 10.55
CA ASP A 33 -6.43 -1.99 11.80
C ASP A 33 -5.27 -1.14 12.31
N VAL A 34 -5.60 -0.10 13.07
CA VAL A 34 -4.59 0.79 13.62
C VAL A 34 -3.46 0.00 14.29
N GLY A 35 -3.84 -1.08 14.97
CA GLY A 35 -2.86 -1.91 15.65
C GLY A 35 -1.95 -2.65 14.69
N THR A 36 -2.56 -3.21 13.65
CA THR A 36 -1.80 -3.96 12.65
C THR A 36 -0.89 -3.05 11.84
N ARG A 37 -1.39 -1.86 11.51
CA ARG A 37 -0.62 -0.89 10.74
C ARG A 37 0.60 -0.42 11.52
N GLU A 38 0.37 0.06 12.74
CA GLU A 38 1.46 0.54 13.59
C GLU A 38 2.57 -0.50 13.69
N GLN A 39 2.17 -1.74 13.97
CA GLN A 39 3.14 -2.83 14.10
C GLN A 39 3.84 -3.09 12.77
N LEU A 40 3.06 -3.39 11.75
CA LEU A 40 3.60 -3.67 10.42
C LEU A 40 4.65 -2.63 10.03
N ALA A 41 4.32 -1.36 10.26
CA ALA A 41 5.23 -0.27 9.94
C ALA A 41 6.62 -0.53 10.51
N ARG A 42 6.73 -0.55 11.83
CA ARG A 42 8.00 -0.78 12.50
C ARG A 42 8.64 -2.08 12.00
N LYS A 43 7.80 -3.05 11.66
CA LYS A 43 8.29 -4.34 11.16
C LYS A 43 8.98 -4.18 9.82
N VAL A 44 8.43 -3.32 8.97
CA VAL A 44 9.00 -3.07 7.66
C VAL A 44 9.87 -1.82 7.65
N HIS A 45 10.12 -1.28 8.85
CA HIS A 45 10.93 -0.08 8.98
C HIS A 45 10.30 1.10 8.25
N LEU A 46 9.00 1.28 8.44
CA LEU A 46 8.28 2.37 7.80
C LEU A 46 7.38 3.09 8.80
N ARG A 47 6.84 4.24 8.39
CA ARG A 47 5.96 5.02 9.24
C ARG A 47 4.50 4.69 8.97
N GLU A 48 3.75 4.41 10.04
CA GLU A 48 2.34 4.07 9.91
C GLU A 48 1.70 4.85 8.78
N GLU A 49 1.79 6.18 8.85
CA GLU A 49 1.21 7.04 7.82
C GLU A 49 1.55 6.53 6.43
N LYS A 50 2.84 6.35 6.16
CA LYS A 50 3.30 5.87 4.87
C LYS A 50 2.60 4.56 4.50
N VAL A 51 2.60 3.61 5.44
CA VAL A 51 1.97 2.31 5.21
C VAL A 51 0.56 2.48 4.65
N GLU A 52 -0.24 3.31 5.33
CA GLU A 52 -1.61 3.55 4.90
C GLU A 52 -1.65 4.04 3.45
N VAL A 53 -0.74 4.94 3.11
CA VAL A 53 -0.66 5.49 1.77
C VAL A 53 -0.54 4.38 0.72
N TRP A 54 0.49 3.57 0.85
CA TRP A 54 0.72 2.47 -0.08
C TRP A 54 -0.59 1.77 -0.43
N PHE A 55 -1.39 1.49 0.59
CA PHE A 55 -2.67 0.83 0.39
C PHE A 55 -3.55 1.61 -0.58
N LYS A 56 -3.67 2.91 -0.35
CA LYS A 56 -4.48 3.78 -1.19
C LYS A 56 -4.04 3.67 -2.66
N ASN A 57 -2.73 3.62 -2.87
CA ASN A 57 -2.18 3.51 -4.22
C ASN A 57 -2.63 2.22 -4.88
N ARG A 58 -2.47 1.11 -4.19
CA ARG A 58 -2.87 -0.19 -4.72
C ARG A 58 -4.32 -0.17 -5.20
N ARG A 59 -5.21 0.29 -4.34
CA ARG A 59 -6.63 0.37 -4.67
C ARG A 59 -6.82 1.02 -6.03
N ALA A 60 -6.11 2.12 -6.27
CA ALA A 60 -6.20 2.84 -7.53
C ALA A 60 -6.28 1.88 -8.71
N LYS A 61 -5.33 0.95 -8.77
CA LYS A 61 -5.28 -0.03 -9.85
C LYS A 61 -6.43 -1.03 -9.72
N TRP A 62 -6.53 -1.67 -8.57
CA TRP A 62 -7.59 -2.64 -8.32
C TRP A 62 -8.89 -2.21 -8.96
N ARG A 63 -9.10 -0.89 -9.04
CA ARG A 63 -10.32 -0.34 -9.64
C ARG A 63 -10.12 -0.07 -11.12
N ARG A 64 -9.02 0.60 -11.45
CA ARG A 64 -8.71 0.93 -12.83
C ARG A 64 -8.72 -0.32 -13.71
N SER A 65 -7.93 -1.32 -13.31
CA SER A 65 -7.85 -2.57 -14.06
C SER A 65 -9.18 -3.32 -14.00
N GLY A 66 -9.77 -3.39 -12.81
CA GLY A 66 -11.03 -4.08 -12.65
C GLY A 66 -12.16 -3.44 -13.42
N PRO A 67 -13.27 -4.16 -13.56
CA PRO A 67 -14.45 -3.68 -14.29
C PRO A 67 -15.16 -2.54 -13.56
N SER A 68 -14.78 -2.32 -12.31
CA SER A 68 -15.38 -1.27 -11.50
C SER A 68 -15.58 0.00 -12.33
N SER A 69 -14.55 0.39 -13.05
CA SER A 69 -14.62 1.59 -13.89
C SER A 69 -14.49 1.24 -15.37
N GLY A 70 -15.39 1.79 -16.18
CA GLY A 70 -15.36 1.51 -17.60
C GLY A 70 -16.16 0.28 -17.98
N GLY A 1 -14.03 10.40 -0.52
CA GLY A 1 -14.47 10.10 -1.88
C GLY A 1 -13.70 10.88 -2.92
N SER A 2 -12.50 10.43 -3.23
CA SER A 2 -11.66 11.10 -4.22
C SER A 2 -10.82 10.09 -5.00
N SER A 3 -10.76 10.26 -6.32
CA SER A 3 -10.00 9.37 -7.18
C SER A 3 -8.98 10.14 -8.00
N GLY A 4 -7.70 9.89 -7.73
CA GLY A 4 -6.63 10.56 -8.46
C GLY A 4 -6.23 9.83 -9.71
N SER A 5 -6.62 10.37 -10.87
CA SER A 5 -6.29 9.77 -12.15
C SER A 5 -4.81 9.37 -12.21
N SER A 6 -3.95 10.27 -11.74
CA SER A 6 -2.52 10.02 -11.74
C SER A 6 -1.87 10.53 -10.45
N GLY A 7 -0.74 9.94 -10.09
CA GLY A 7 -0.04 10.35 -8.88
C GLY A 7 1.18 9.49 -8.60
N ARG A 8 2.15 9.54 -9.50
CA ARG A 8 3.37 8.77 -9.35
C ARG A 8 4.52 9.65 -8.89
N ARG A 9 5.29 9.17 -7.91
CA ARG A 9 6.41 9.92 -7.37
C ARG A 9 7.62 9.02 -7.18
N HIS A 10 8.61 9.16 -8.07
CA HIS A 10 9.83 8.36 -7.99
C HIS A 10 10.74 8.85 -6.88
N ARG A 11 10.26 9.83 -6.12
CA ARG A 11 11.04 10.40 -5.02
C ARG A 11 11.71 9.29 -4.20
N THR A 12 10.95 8.24 -3.89
CA THR A 12 11.46 7.12 -3.11
C THR A 12 10.77 5.82 -3.49
N ILE A 13 11.50 4.72 -3.38
CA ILE A 13 10.95 3.41 -3.72
C ILE A 13 11.05 2.45 -2.53
N PHE A 14 10.00 1.67 -2.33
CA PHE A 14 9.97 0.71 -1.23
C PHE A 14 10.84 -0.50 -1.54
N THR A 15 11.39 -1.11 -0.49
CA THR A 15 12.24 -2.28 -0.65
C THR A 15 11.42 -3.56 -0.74
N ASP A 16 11.95 -4.55 -1.45
CA ASP A 16 11.26 -5.83 -1.62
C ASP A 16 10.54 -6.23 -0.34
N GLU A 17 11.29 -6.39 0.74
CA GLU A 17 10.73 -6.78 2.02
C GLU A 17 9.48 -5.96 2.33
N GLN A 18 9.59 -4.64 2.21
CA GLN A 18 8.47 -3.75 2.48
C GLN A 18 7.26 -4.12 1.62
N LEU A 19 7.50 -4.22 0.31
CA LEU A 19 6.43 -4.57 -0.63
C LEU A 19 5.80 -5.90 -0.25
N GLU A 20 6.62 -6.87 0.11
CA GLU A 20 6.14 -8.19 0.49
C GLU A 20 5.07 -8.09 1.57
N ALA A 21 5.43 -7.48 2.70
CA ALA A 21 4.50 -7.31 3.81
C ALA A 21 3.25 -6.55 3.37
N LEU A 22 3.44 -5.32 2.92
CA LEU A 22 2.34 -4.49 2.46
C LEU A 22 1.35 -5.30 1.63
N GLU A 23 1.86 -5.97 0.59
CA GLU A 23 1.03 -6.79 -0.27
C GLU A 23 0.36 -7.91 0.51
N ASN A 24 1.11 -8.51 1.43
CA ASN A 24 0.58 -9.60 2.25
C ASN A 24 -0.57 -9.13 3.12
N LEU A 25 -0.45 -7.92 3.66
CA LEU A 25 -1.48 -7.35 4.51
C LEU A 25 -2.67 -6.87 3.69
N PHE A 26 -2.37 -6.23 2.56
CA PHE A 26 -3.41 -5.72 1.67
C PHE A 26 -4.19 -6.87 1.04
N GLN A 27 -3.49 -7.96 0.74
CA GLN A 27 -4.11 -9.12 0.13
C GLN A 27 -5.07 -9.81 1.10
N GLU A 28 -4.61 -10.02 2.33
CA GLU A 28 -5.42 -10.66 3.35
C GLU A 28 -6.63 -9.80 3.70
N THR A 29 -6.39 -8.50 3.88
CA THR A 29 -7.45 -7.57 4.22
C THR A 29 -7.40 -6.33 3.35
N LYS A 30 -8.56 -5.75 3.07
CA LYS A 30 -8.65 -4.56 2.25
C LYS A 30 -8.33 -3.30 3.07
N TYR A 31 -8.86 -3.25 4.29
CA TYR A 31 -8.64 -2.11 5.17
C TYR A 31 -8.22 -2.57 6.56
N PRO A 32 -6.90 -2.49 6.84
CA PRO A 32 -6.34 -2.88 8.13
C PRO A 32 -6.75 -1.95 9.26
N ASP A 33 -6.38 -2.30 10.49
CA ASP A 33 -6.70 -1.49 11.65
C ASP A 33 -5.46 -0.82 12.22
N VAL A 34 -5.64 0.32 12.86
CA VAL A 34 -4.53 1.07 13.45
C VAL A 34 -3.58 0.12 14.18
N GLY A 35 -4.13 -0.81 14.94
CA GLY A 35 -3.32 -1.76 15.68
C GLY A 35 -2.38 -2.53 14.78
N THR A 36 -2.89 -2.99 13.64
CA THR A 36 -2.09 -3.74 12.69
C THR A 36 -1.09 -2.85 11.98
N ARG A 37 -1.53 -1.66 11.58
CA ARG A 37 -0.67 -0.72 10.89
C ARG A 37 0.59 -0.42 11.70
N GLU A 38 0.39 0.04 12.93
CA GLU A 38 1.51 0.36 13.82
C GLU A 38 2.57 -0.75 13.78
N GLN A 39 2.12 -1.98 14.02
CA GLN A 39 3.03 -3.12 14.02
C GLN A 39 3.69 -3.28 12.66
N LEU A 40 2.89 -3.40 11.61
CA LEU A 40 3.41 -3.57 10.26
C LEU A 40 4.53 -2.58 9.98
N ALA A 41 4.28 -1.31 10.29
CA ALA A 41 5.27 -0.26 10.08
C ALA A 41 6.62 -0.66 10.67
N ARG A 42 6.68 -0.79 11.99
CA ARG A 42 7.92 -1.16 12.67
C ARG A 42 8.52 -2.42 12.06
N LYS A 43 7.64 -3.34 11.64
CA LYS A 43 8.08 -4.59 11.04
C LYS A 43 8.80 -4.33 9.72
N VAL A 44 8.26 -3.43 8.92
CA VAL A 44 8.85 -3.09 7.63
C VAL A 44 9.75 -1.85 7.74
N HIS A 45 9.99 -1.42 8.98
CA HIS A 45 10.83 -0.25 9.22
C HIS A 45 10.29 0.97 8.49
N LEU A 46 8.99 1.20 8.61
CA LEU A 46 8.36 2.35 7.97
C LEU A 46 7.43 3.08 8.93
N ARG A 47 6.85 4.18 8.46
CA ARG A 47 5.94 4.97 9.29
C ARG A 47 4.49 4.67 8.94
N GLU A 48 3.67 4.50 9.97
CA GLU A 48 2.25 4.21 9.77
C GLU A 48 1.70 4.97 8.57
N GLU A 49 1.91 6.29 8.57
CA GLU A 49 1.44 7.14 7.48
C GLU A 49 1.82 6.55 6.13
N LYS A 50 3.10 6.23 5.97
CA LYS A 50 3.60 5.66 4.72
C LYS A 50 2.87 4.37 4.38
N VAL A 51 2.75 3.48 5.37
CA VAL A 51 2.07 2.21 5.18
C VAL A 51 0.71 2.40 4.51
N GLU A 52 -0.08 3.32 5.06
CA GLU A 52 -1.41 3.60 4.52
C GLU A 52 -1.32 4.05 3.07
N VAL A 53 -0.37 4.94 2.78
CA VAL A 53 -0.17 5.44 1.43
C VAL A 53 -0.18 4.31 0.41
N TRP A 54 0.76 3.39 0.56
CA TRP A 54 0.86 2.25 -0.35
C TRP A 54 -0.52 1.63 -0.61
N PHE A 55 -1.23 1.30 0.47
CA PHE A 55 -2.56 0.71 0.35
C PHE A 55 -3.45 1.56 -0.56
N LYS A 56 -3.44 2.86 -0.34
CA LYS A 56 -4.24 3.78 -1.14
C LYS A 56 -3.86 3.70 -2.61
N ASN A 57 -2.55 3.69 -2.88
CA ASN A 57 -2.06 3.63 -4.25
C ASN A 57 -2.53 2.34 -4.93
N ARG A 58 -2.33 1.21 -4.27
CA ARG A 58 -2.73 -0.08 -4.81
C ARG A 58 -4.25 -0.15 -4.97
N ARG A 59 -4.97 0.03 -3.87
CA ARG A 59 -6.42 -0.02 -3.90
C ARG A 59 -6.97 0.72 -5.13
N ALA A 60 -6.40 1.88 -5.42
CA ALA A 60 -6.83 2.68 -6.56
C ALA A 60 -6.59 1.94 -7.87
N LYS A 61 -5.49 1.20 -7.93
CA LYS A 61 -5.15 0.42 -9.13
C LYS A 61 -5.98 -0.85 -9.21
N TRP A 62 -6.29 -1.42 -8.05
CA TRP A 62 -7.08 -2.64 -7.99
C TRP A 62 -8.37 -2.49 -8.79
N ARG A 63 -9.08 -1.39 -8.58
CA ARG A 63 -10.33 -1.12 -9.28
C ARG A 63 -10.07 -0.80 -10.75
N ARG A 64 -8.93 -0.18 -11.01
CA ARG A 64 -8.56 0.20 -12.38
C ARG A 64 -8.40 -1.04 -13.25
N SER A 65 -7.70 -2.05 -12.72
CA SER A 65 -7.47 -3.28 -13.47
C SER A 65 -7.71 -4.50 -12.57
N GLY A 66 -8.53 -5.42 -13.06
CA GLY A 66 -8.82 -6.63 -12.30
C GLY A 66 -10.27 -7.06 -12.45
N PRO A 67 -11.13 -6.56 -11.56
CA PRO A 67 -12.57 -6.88 -11.57
C PRO A 67 -13.29 -6.29 -12.77
N SER A 68 -12.61 -5.38 -13.47
CA SER A 68 -13.19 -4.73 -14.64
C SER A 68 -13.95 -5.74 -15.51
N SER A 69 -13.31 -6.88 -15.78
CA SER A 69 -13.92 -7.92 -16.60
C SER A 69 -13.87 -9.26 -15.89
N GLY A 70 -14.89 -10.09 -16.12
CA GLY A 70 -14.94 -11.39 -15.50
C GLY A 70 -13.78 -12.27 -15.89
N GLY A 1 1.25 16.18 5.70
CA GLY A 1 0.12 16.98 5.29
C GLY A 1 0.38 17.75 4.01
N SER A 2 0.79 17.02 2.97
CA SER A 2 1.08 17.63 1.68
C SER A 2 -0.16 17.64 0.79
N SER A 3 -0.37 18.75 0.09
CA SER A 3 -1.51 18.89 -0.79
C SER A 3 -1.67 17.66 -1.68
N GLY A 4 -0.64 17.35 -2.45
CA GLY A 4 -0.67 16.19 -3.33
C GLY A 4 -0.29 16.54 -4.75
N SER A 5 -0.47 15.59 -5.67
CA SER A 5 -0.15 15.80 -7.07
C SER A 5 -0.98 14.89 -7.97
N SER A 6 -1.83 15.50 -8.78
CA SER A 6 -2.69 14.74 -9.68
C SER A 6 -1.86 13.89 -10.64
N GLY A 7 -0.82 14.49 -11.20
CA GLY A 7 0.04 13.76 -12.12
C GLY A 7 1.48 13.69 -11.65
N ARG A 8 1.79 12.65 -10.87
CA ARG A 8 3.13 12.47 -10.35
C ARG A 8 3.88 11.39 -11.12
N ARG A 9 5.01 11.75 -11.70
CA ARG A 9 5.81 10.81 -12.48
C ARG A 9 6.72 10.00 -11.56
N HIS A 10 7.37 10.68 -10.62
CA HIS A 10 8.27 10.03 -9.67
C HIS A 10 7.49 9.46 -8.49
N ARG A 11 7.97 8.33 -7.96
CA ARG A 11 7.32 7.68 -6.84
C ARG A 11 8.35 7.15 -5.84
N THR A 12 7.91 6.87 -4.63
CA THR A 12 8.79 6.35 -3.59
C THR A 12 9.04 4.86 -3.77
N ILE A 13 10.31 4.49 -3.86
CA ILE A 13 10.69 3.09 -4.03
C ILE A 13 10.65 2.34 -2.70
N PHE A 14 10.36 1.05 -2.76
CA PHE A 14 10.30 0.23 -1.55
C PHE A 14 11.17 -1.01 -1.70
N THR A 15 11.47 -1.65 -0.58
CA THR A 15 12.30 -2.85 -0.58
C THR A 15 11.44 -4.11 -0.63
N ASP A 16 11.96 -5.15 -1.28
CA ASP A 16 11.25 -6.41 -1.39
C ASP A 16 10.48 -6.73 -0.11
N GLU A 17 11.17 -6.60 1.02
CA GLU A 17 10.54 -6.87 2.32
C GLU A 17 9.31 -6.00 2.53
N GLN A 18 9.47 -4.70 2.37
CA GLN A 18 8.37 -3.77 2.53
C GLN A 18 7.19 -4.15 1.66
N LEU A 19 7.43 -4.27 0.36
CA LEU A 19 6.37 -4.64 -0.58
C LEU A 19 5.73 -5.95 -0.18
N GLU A 20 6.55 -6.92 0.23
CA GLU A 20 6.05 -8.23 0.65
C GLU A 20 5.01 -8.09 1.75
N ALA A 21 5.40 -7.47 2.86
CA ALA A 21 4.50 -7.27 3.98
C ALA A 21 3.26 -6.49 3.56
N LEU A 22 3.47 -5.30 3.00
CA LEU A 22 2.37 -4.46 2.55
C LEU A 22 1.38 -5.25 1.71
N GLU A 23 1.88 -5.89 0.66
CA GLU A 23 1.04 -6.69 -0.22
C GLU A 23 0.39 -7.85 0.55
N ASN A 24 1.17 -8.47 1.43
CA ASN A 24 0.67 -9.59 2.21
C ASN A 24 -0.47 -9.16 3.12
N LEU A 25 -0.41 -7.92 3.60
CA LEU A 25 -1.44 -7.38 4.46
C LEU A 25 -2.65 -6.91 3.67
N PHE A 26 -2.40 -6.04 2.68
CA PHE A 26 -3.48 -5.52 1.84
C PHE A 26 -4.26 -6.65 1.20
N GLN A 27 -3.55 -7.66 0.73
CA GLN A 27 -4.18 -8.82 0.09
C GLN A 27 -5.24 -9.43 0.99
N GLU A 28 -4.81 -9.87 2.18
CA GLU A 28 -5.72 -10.47 3.14
C GLU A 28 -6.83 -9.50 3.54
N THR A 29 -6.44 -8.27 3.84
CA THR A 29 -7.40 -7.24 4.24
C THR A 29 -7.14 -5.93 3.50
N LYS A 30 -8.15 -5.42 2.82
CA LYS A 30 -8.04 -4.18 2.08
C LYS A 30 -7.70 -3.02 3.02
N TYR A 31 -8.35 -3.00 4.17
CA TYR A 31 -8.12 -1.94 5.15
C TYR A 31 -7.77 -2.53 6.52
N PRO A 32 -6.48 -2.50 6.86
CA PRO A 32 -5.98 -3.03 8.13
C PRO A 32 -6.40 -2.17 9.31
N ASP A 33 -6.06 -2.61 10.51
CA ASP A 33 -6.41 -1.88 11.73
C ASP A 33 -5.20 -1.10 12.26
N VAL A 34 -5.48 -0.01 12.96
CA VAL A 34 -4.42 0.83 13.52
C VAL A 34 -3.38 -0.01 14.24
N GLY A 35 -3.84 -0.99 15.01
CA GLY A 35 -2.93 -1.86 15.74
C GLY A 35 -2.01 -2.63 14.82
N THR A 36 -2.54 -3.08 13.69
CA THR A 36 -1.75 -3.84 12.73
C THR A 36 -0.78 -2.95 11.98
N ARG A 37 -1.25 -1.79 11.55
CA ARG A 37 -0.42 -0.84 10.82
C ARG A 37 0.77 -0.41 11.66
N GLU A 38 0.55 -0.24 12.96
CA GLU A 38 1.63 0.16 13.87
C GLU A 38 2.74 -0.88 13.91
N GLN A 39 2.35 -2.13 14.16
CA GLN A 39 3.31 -3.23 14.23
C GLN A 39 3.95 -3.47 12.87
N LEU A 40 3.13 -3.52 11.83
CA LEU A 40 3.63 -3.74 10.47
C LEU A 40 4.69 -2.72 10.10
N ALA A 41 4.38 -1.44 10.30
CA ALA A 41 5.31 -0.37 9.98
C ALA A 41 6.69 -0.65 10.59
N ARG A 42 6.74 -0.75 11.91
CA ARG A 42 8.00 -1.01 12.61
C ARG A 42 8.70 -2.23 12.01
N LYS A 43 7.93 -3.22 11.62
CA LYS A 43 8.47 -4.44 11.04
C LYS A 43 9.05 -4.16 9.66
N VAL A 44 8.36 -3.34 8.89
CA VAL A 44 8.81 -2.99 7.54
C VAL A 44 9.66 -1.72 7.56
N HIS A 45 9.94 -1.23 8.76
CA HIS A 45 10.75 -0.02 8.91
C HIS A 45 10.08 1.17 8.22
N LEU A 46 8.79 1.34 8.47
CA LEU A 46 8.03 2.44 7.88
C LEU A 46 7.14 3.11 8.92
N ARG A 47 6.48 4.19 8.51
CA ARG A 47 5.59 4.93 9.40
C ARG A 47 4.13 4.62 9.10
N GLU A 48 3.35 4.39 10.16
CA GLU A 48 1.94 4.08 10.00
C GLU A 48 1.30 4.96 8.92
N GLU A 49 1.63 6.24 8.94
CA GLU A 49 1.09 7.18 7.96
C GLU A 49 1.44 6.74 6.55
N LYS A 50 2.66 6.25 6.36
CA LYS A 50 3.11 5.79 5.06
C LYS A 50 2.39 4.52 4.64
N VAL A 51 2.32 3.55 5.55
CA VAL A 51 1.65 2.28 5.27
C VAL A 51 0.30 2.52 4.60
N GLU A 52 -0.45 3.49 5.11
CA GLU A 52 -1.76 3.80 4.57
C GLU A 52 -1.65 4.27 3.13
N VAL A 53 -0.69 5.15 2.87
CA VAL A 53 -0.48 5.68 1.52
C VAL A 53 -0.41 4.55 0.50
N TRP A 54 0.50 3.61 0.71
CA TRP A 54 0.67 2.48 -0.19
C TRP A 54 -0.68 1.81 -0.49
N PHE A 55 -1.40 1.46 0.56
CA PHE A 55 -2.70 0.82 0.41
C PHE A 55 -3.61 1.66 -0.47
N LYS A 56 -3.79 2.93 -0.11
CA LYS A 56 -4.64 3.82 -0.88
C LYS A 56 -4.27 3.81 -2.36
N ASN A 57 -3.00 4.09 -2.64
CA ASN A 57 -2.52 4.11 -4.02
C ASN A 57 -2.86 2.81 -4.74
N ARG A 58 -2.32 1.70 -4.24
CA ARG A 58 -2.56 0.39 -4.82
C ARG A 58 -4.05 0.24 -5.19
N ARG A 59 -4.92 0.64 -4.28
CA ARG A 59 -6.35 0.55 -4.50
C ARG A 59 -6.71 0.95 -5.94
N ALA A 60 -6.04 1.97 -6.44
CA ALA A 60 -6.28 2.45 -7.80
C ALA A 60 -6.15 1.32 -8.81
N LYS A 61 -5.06 0.58 -8.72
CA LYS A 61 -4.81 -0.54 -9.63
C LYS A 61 -5.85 -1.64 -9.44
N TRP A 62 -6.09 -2.00 -8.19
CA TRP A 62 -7.06 -3.03 -7.86
C TRP A 62 -8.42 -2.73 -8.50
N ARG A 63 -8.98 -1.57 -8.18
CA ARG A 63 -10.26 -1.16 -8.73
C ARG A 63 -10.19 -1.02 -10.24
N ARG A 64 -9.12 -0.41 -10.73
CA ARG A 64 -8.93 -0.22 -12.17
C ARG A 64 -9.11 -1.53 -12.92
N SER A 65 -8.47 -2.58 -12.43
CA SER A 65 -8.56 -3.89 -13.07
C SER A 65 -9.96 -4.47 -12.92
N GLY A 66 -10.23 -5.53 -13.68
CA GLY A 66 -11.54 -6.16 -13.62
C GLY A 66 -12.66 -5.22 -14.04
N PRO A 67 -13.03 -5.28 -15.33
CA PRO A 67 -14.09 -4.43 -15.88
C PRO A 67 -15.47 -4.82 -15.37
N SER A 68 -15.52 -5.83 -14.51
CA SER A 68 -16.77 -6.31 -13.94
C SER A 68 -17.54 -5.16 -13.31
N SER A 69 -18.87 -5.27 -13.32
CA SER A 69 -19.72 -4.25 -12.74
C SER A 69 -20.61 -4.82 -11.64
N GLY A 70 -20.68 -4.12 -10.51
CA GLY A 70 -21.50 -4.59 -9.41
C GLY A 70 -21.15 -6.00 -8.98
N GLY A 1 -19.06 8.85 4.85
CA GLY A 1 -17.72 9.34 4.65
C GLY A 1 -17.68 10.76 4.13
N SER A 2 -17.80 10.92 2.81
CA SER A 2 -17.77 12.24 2.20
C SER A 2 -16.42 12.91 2.42
N SER A 3 -15.35 12.15 2.27
CA SER A 3 -13.99 12.66 2.46
C SER A 3 -13.19 12.56 1.16
N GLY A 4 -12.27 13.50 0.98
CA GLY A 4 -11.44 13.50 -0.22
C GLY A 4 -10.00 13.86 0.07
N SER A 5 -9.12 12.86 0.01
CA SER A 5 -7.70 13.08 0.28
C SER A 5 -6.96 13.43 -1.02
N SER A 6 -5.90 14.21 -0.88
CA SER A 6 -5.10 14.62 -2.04
C SER A 6 -3.69 15.04 -1.61
N GLY A 7 -2.81 15.22 -2.58
CA GLY A 7 -1.45 15.61 -2.29
C GLY A 7 -0.58 15.65 -3.53
N ARG A 8 0.44 16.51 -3.51
CA ARG A 8 1.35 16.65 -4.64
C ARG A 8 1.94 15.30 -5.02
N ARG A 9 2.70 15.28 -6.12
CA ARG A 9 3.32 14.05 -6.59
C ARG A 9 4.76 13.94 -6.10
N HIS A 10 5.10 12.80 -5.52
CA HIS A 10 6.44 12.57 -5.00
C HIS A 10 6.92 11.15 -5.32
N ARG A 11 8.22 10.98 -5.48
CA ARG A 11 8.81 9.69 -5.79
C ARG A 11 8.71 8.75 -4.58
N THR A 12 8.52 7.46 -4.86
CA THR A 12 8.41 6.47 -3.80
C THR A 12 9.07 5.16 -4.21
N ILE A 13 9.71 4.49 -3.24
CA ILE A 13 10.38 3.23 -3.51
C ILE A 13 10.48 2.39 -2.24
N PHE A 14 10.26 1.08 -2.38
CA PHE A 14 10.32 0.17 -1.24
C PHE A 14 11.16 -1.06 -1.58
N THR A 15 11.58 -1.79 -0.55
CA THR A 15 12.38 -2.98 -0.74
C THR A 15 11.51 -4.23 -0.81
N ASP A 16 12.07 -5.31 -1.34
CA ASP A 16 11.34 -6.57 -1.46
C ASP A 16 10.62 -6.91 -0.16
N GLU A 17 11.34 -6.79 0.95
CA GLU A 17 10.77 -7.09 2.26
C GLU A 17 9.61 -6.15 2.58
N GLN A 18 9.80 -4.86 2.29
CA GLN A 18 8.77 -3.86 2.55
C GLN A 18 7.51 -4.17 1.75
N LEU A 19 7.67 -4.40 0.45
CA LEU A 19 6.54 -4.70 -0.42
C LEU A 19 5.91 -6.04 -0.05
N GLU A 20 6.76 -7.02 0.26
CA GLU A 20 6.29 -8.35 0.64
C GLU A 20 5.25 -8.26 1.75
N ALA A 21 5.59 -7.54 2.81
CA ALA A 21 4.69 -7.38 3.95
C ALA A 21 3.43 -6.62 3.55
N LEU A 22 3.62 -5.37 3.11
CA LEU A 22 2.50 -4.53 2.70
C LEU A 22 1.53 -5.30 1.82
N GLU A 23 2.08 -6.05 0.86
CA GLU A 23 1.26 -6.84 -0.05
C GLU A 23 0.59 -7.99 0.68
N ASN A 24 1.32 -8.60 1.60
CA ASN A 24 0.80 -9.72 2.38
C ASN A 24 -0.36 -9.29 3.26
N LEU A 25 -0.33 -8.03 3.70
CA LEU A 25 -1.37 -7.48 4.54
C LEU A 25 -2.54 -6.95 3.70
N PHE A 26 -2.22 -6.12 2.73
CA PHE A 26 -3.22 -5.54 1.85
C PHE A 26 -4.01 -6.63 1.13
N GLN A 27 -3.32 -7.71 0.77
CA GLN A 27 -3.96 -8.82 0.07
C GLN A 27 -5.02 -9.48 0.96
N GLU A 28 -4.63 -9.81 2.19
CA GLU A 28 -5.55 -10.44 3.13
C GLU A 28 -6.67 -9.49 3.52
N THR A 29 -6.33 -8.21 3.68
CA THR A 29 -7.32 -7.20 4.05
C THR A 29 -7.10 -5.91 3.27
N LYS A 30 -8.18 -5.36 2.74
CA LYS A 30 -8.11 -4.12 1.97
C LYS A 30 -7.73 -2.94 2.87
N TYR A 31 -8.36 -2.86 4.03
CA TYR A 31 -8.09 -1.78 4.98
C TYR A 31 -7.75 -2.35 6.35
N PRO A 32 -6.45 -2.37 6.68
CA PRO A 32 -5.98 -2.88 7.98
C PRO A 32 -6.35 -1.96 9.14
N ASP A 33 -6.28 -2.49 10.35
CA ASP A 33 -6.62 -1.72 11.54
C ASP A 33 -5.41 -0.95 12.06
N VAL A 34 -5.67 0.16 12.73
CA VAL A 34 -4.60 0.98 13.28
C VAL A 34 -3.57 0.13 14.02
N GLY A 35 -4.05 -0.81 14.82
CA GLY A 35 -3.16 -1.67 15.57
C GLY A 35 -2.22 -2.46 14.68
N THR A 36 -2.74 -2.93 13.54
CA THR A 36 -1.93 -3.69 12.61
C THR A 36 -0.97 -2.80 11.85
N ARG A 37 -1.44 -1.64 11.42
CA ARG A 37 -0.62 -0.69 10.69
C ARG A 37 0.65 -0.35 11.48
N GLU A 38 0.46 0.05 12.73
CA GLU A 38 1.58 0.40 13.59
C GLU A 38 2.64 -0.69 13.61
N GLN A 39 2.20 -1.91 13.91
CA GLN A 39 3.11 -3.05 13.95
C GLN A 39 3.79 -3.27 12.61
N LEU A 40 2.98 -3.41 11.55
CA LEU A 40 3.50 -3.62 10.22
C LEU A 40 4.57 -2.59 9.88
N ALA A 41 4.30 -1.33 10.22
CA ALA A 41 5.25 -0.25 9.97
C ALA A 41 6.64 -0.60 10.50
N ARG A 42 6.74 -0.69 11.82
CA ARG A 42 8.01 -1.01 12.47
C ARG A 42 8.60 -2.28 11.89
N LYS A 43 7.74 -3.22 11.52
CA LYS A 43 8.18 -4.49 10.95
C LYS A 43 8.88 -4.28 9.62
N VAL A 44 8.38 -3.33 8.83
CA VAL A 44 8.95 -3.02 7.54
C VAL A 44 9.85 -1.79 7.61
N HIS A 45 10.05 -1.29 8.81
CA HIS A 45 10.89 -0.11 9.02
C HIS A 45 10.31 1.11 8.29
N LEU A 46 9.01 1.32 8.45
CA LEU A 46 8.34 2.45 7.81
C LEU A 46 7.41 3.16 8.79
N ARG A 47 6.86 4.29 8.35
CA ARG A 47 5.96 5.07 9.19
C ARG A 47 4.51 4.66 8.96
N GLU A 48 3.78 4.41 10.05
CA GLU A 48 2.38 4.00 9.96
C GLU A 48 1.66 4.76 8.85
N GLU A 49 1.82 6.08 8.86
CA GLU A 49 1.18 6.93 7.85
C GLU A 49 1.43 6.38 6.44
N LYS A 50 2.71 6.18 6.12
CA LYS A 50 3.08 5.66 4.81
C LYS A 50 2.33 4.37 4.49
N VAL A 51 2.31 3.46 5.45
CA VAL A 51 1.62 2.19 5.28
C VAL A 51 0.21 2.40 4.72
N GLU A 52 -0.53 3.31 5.33
CA GLU A 52 -1.89 3.61 4.90
C GLU A 52 -1.91 4.13 3.47
N VAL A 53 -1.00 5.06 3.18
CA VAL A 53 -0.90 5.64 1.85
C VAL A 53 -0.83 4.57 0.77
N TRP A 54 0.23 3.75 0.83
CA TRP A 54 0.42 2.68 -0.14
C TRP A 54 -0.89 1.93 -0.39
N PHE A 55 -1.49 1.42 0.68
CA PHE A 55 -2.75 0.69 0.58
C PHE A 55 -3.74 1.43 -0.31
N LYS A 56 -3.88 2.73 -0.06
CA LYS A 56 -4.81 3.56 -0.82
C LYS A 56 -4.37 3.65 -2.28
N ASN A 57 -3.08 3.94 -2.50
CA ASN A 57 -2.54 4.05 -3.84
C ASN A 57 -2.81 2.79 -4.64
N ARG A 58 -2.47 1.64 -4.06
CA ARG A 58 -2.66 0.35 -4.72
C ARG A 58 -4.13 0.17 -5.12
N ARG A 59 -5.03 0.34 -4.15
CA ARG A 59 -6.45 0.19 -4.40
C ARG A 59 -6.85 0.82 -5.73
N ALA A 60 -6.36 2.04 -5.97
CA ALA A 60 -6.66 2.75 -7.20
C ALA A 60 -6.53 1.83 -8.41
N LYS A 61 -5.41 1.12 -8.50
CA LYS A 61 -5.17 0.20 -9.61
C LYS A 61 -6.17 -0.95 -9.59
N TRP A 62 -6.46 -1.47 -8.41
CA TRP A 62 -7.40 -2.57 -8.25
C TRP A 62 -8.78 -2.18 -8.78
N ARG A 63 -9.26 -1.02 -8.33
CA ARG A 63 -10.57 -0.53 -8.76
C ARG A 63 -10.57 -0.21 -10.25
N ARG A 64 -9.52 0.46 -10.70
CA ARG A 64 -9.41 0.83 -12.10
C ARG A 64 -9.41 -0.40 -13.00
N SER A 65 -8.57 -1.38 -12.66
CA SER A 65 -8.48 -2.61 -13.43
C SER A 65 -8.44 -3.83 -12.51
N GLY A 66 -9.52 -4.59 -12.50
CA GLY A 66 -9.58 -5.77 -11.66
C GLY A 66 -10.23 -6.95 -12.36
N PRO A 67 -9.92 -8.17 -11.89
CA PRO A 67 -10.47 -9.40 -12.47
C PRO A 67 -11.96 -9.56 -12.19
N SER A 68 -12.63 -10.36 -13.02
CA SER A 68 -14.06 -10.59 -12.87
C SER A 68 -14.43 -10.78 -11.40
N SER A 69 -13.69 -11.65 -10.72
CA SER A 69 -13.93 -11.93 -9.32
C SER A 69 -14.02 -10.64 -8.51
N GLY A 70 -13.06 -9.75 -8.72
CA GLY A 70 -13.05 -8.49 -8.01
C GLY A 70 -14.39 -7.79 -8.03
N GLY A 1 4.01 14.63 1.41
CA GLY A 1 5.09 15.03 2.29
C GLY A 1 4.82 16.36 2.97
N SER A 2 4.10 16.31 4.08
CA SER A 2 3.76 17.54 4.82
C SER A 2 5.00 18.09 5.52
N SER A 3 5.77 17.22 6.14
CA SER A 3 6.98 17.62 6.85
C SER A 3 8.03 16.52 6.83
N GLY A 4 9.28 16.90 6.64
CA GLY A 4 10.36 15.93 6.60
C GLY A 4 11.27 16.11 5.40
N SER A 5 12.49 15.62 5.50
CA SER A 5 13.46 15.74 4.41
C SER A 5 13.43 14.50 3.51
N SER A 6 13.43 14.73 2.20
CA SER A 6 13.40 13.65 1.23
C SER A 6 14.79 13.07 1.02
N GLY A 7 14.87 11.75 0.89
CA GLY A 7 16.14 11.10 0.68
C GLY A 7 16.39 9.97 1.67
N ARG A 8 17.14 10.28 2.73
CA ARG A 8 17.45 9.29 3.75
C ARG A 8 16.22 8.99 4.61
N ARG A 9 15.68 10.02 5.23
CA ARG A 9 14.50 9.86 6.07
C ARG A 9 13.46 8.96 5.41
N HIS A 10 13.09 9.32 4.18
CA HIS A 10 12.10 8.55 3.43
C HIS A 10 12.55 8.37 1.98
N ARG A 11 12.13 7.26 1.37
CA ARG A 11 12.49 6.98 -0.01
C ARG A 11 11.25 6.67 -0.84
N THR A 12 11.18 7.24 -2.04
CA THR A 12 10.05 7.02 -2.93
C THR A 12 9.77 5.54 -3.12
N ILE A 13 10.77 4.81 -3.60
CA ILE A 13 10.62 3.38 -3.83
C ILE A 13 10.88 2.60 -2.55
N PHE A 14 10.05 1.60 -2.30
CA PHE A 14 10.19 0.76 -1.10
C PHE A 14 11.07 -0.45 -1.39
N THR A 15 11.43 -1.18 -0.33
CA THR A 15 12.27 -2.35 -0.46
C THR A 15 11.43 -3.61 -0.61
N ASP A 16 11.93 -4.56 -1.41
CA ASP A 16 11.23 -5.81 -1.65
C ASP A 16 10.50 -6.27 -0.38
N GLU A 17 11.24 -6.33 0.73
CA GLU A 17 10.67 -6.76 2.00
C GLU A 17 9.44 -5.93 2.35
N GLN A 18 9.62 -4.62 2.39
CA GLN A 18 8.52 -3.71 2.72
C GLN A 18 7.30 -4.00 1.86
N LEU A 19 7.50 -4.00 0.54
CA LEU A 19 6.41 -4.26 -0.39
C LEU A 19 5.77 -5.62 -0.13
N GLU A 20 6.62 -6.62 0.13
CA GLU A 20 6.13 -7.97 0.41
C GLU A 20 5.09 -7.96 1.53
N ALA A 21 5.42 -7.28 2.63
CA ALA A 21 4.53 -7.18 3.77
C ALA A 21 3.24 -6.45 3.40
N LEU A 22 3.39 -5.28 2.78
CA LEU A 22 2.24 -4.47 2.38
C LEU A 22 1.27 -5.30 1.52
N GLU A 23 1.82 -6.03 0.56
CA GLU A 23 1.01 -6.86 -0.32
C GLU A 23 0.40 -8.03 0.45
N ASN A 24 1.21 -8.65 1.31
CA ASN A 24 0.74 -9.78 2.10
C ASN A 24 -0.42 -9.38 3.00
N LEU A 25 -0.33 -8.19 3.58
CA LEU A 25 -1.37 -7.69 4.47
C LEU A 25 -2.55 -7.16 3.67
N PHE A 26 -2.26 -6.39 2.62
CA PHE A 26 -3.30 -5.83 1.78
C PHE A 26 -4.11 -6.93 1.10
N GLN A 27 -3.44 -8.04 0.78
CA GLN A 27 -4.10 -9.17 0.13
C GLN A 27 -5.12 -9.80 1.05
N GLU A 28 -4.72 -10.08 2.28
CA GLU A 28 -5.60 -10.70 3.26
C GLU A 28 -6.74 -9.74 3.65
N THR A 29 -6.41 -8.47 3.73
CA THR A 29 -7.40 -7.45 4.09
C THR A 29 -7.27 -6.22 3.20
N LYS A 30 -8.41 -5.66 2.81
CA LYS A 30 -8.43 -4.48 1.96
C LYS A 30 -8.09 -3.22 2.77
N TYR A 31 -8.66 -3.13 3.96
CA TYR A 31 -8.44 -1.98 4.83
C TYR A 31 -8.10 -2.43 6.25
N PRO A 32 -6.80 -2.39 6.58
CA PRO A 32 -6.30 -2.78 7.91
C PRO A 32 -6.73 -1.81 9.01
N ASP A 33 -6.30 -2.08 10.23
CA ASP A 33 -6.63 -1.23 11.37
C ASP A 33 -5.40 -0.47 11.86
N VAL A 34 -5.63 0.69 12.47
CA VAL A 34 -4.55 1.50 12.99
C VAL A 34 -3.53 0.65 13.74
N GLY A 35 -4.03 -0.28 14.55
CA GLY A 35 -3.15 -1.14 15.32
C GLY A 35 -2.22 -1.94 14.44
N THR A 36 -2.78 -2.68 13.50
CA THR A 36 -2.00 -3.51 12.59
C THR A 36 -1.02 -2.66 11.78
N ARG A 37 -1.49 -1.50 11.35
CA ARG A 37 -0.65 -0.59 10.56
C ARG A 37 0.61 -0.20 11.34
N GLU A 38 0.42 0.16 12.61
CA GLU A 38 1.53 0.55 13.46
C GLU A 38 2.57 -0.57 13.56
N GLN A 39 2.11 -1.76 13.93
CA GLN A 39 2.99 -2.91 14.07
C GLN A 39 3.70 -3.22 12.75
N LEU A 40 2.92 -3.40 11.69
CA LEU A 40 3.47 -3.69 10.38
C LEU A 40 4.58 -2.72 10.02
N ALA A 41 4.31 -1.43 10.20
CA ALA A 41 5.29 -0.39 9.91
C ALA A 41 6.65 -0.72 10.54
N ARG A 42 6.68 -0.76 11.86
CA ARG A 42 7.91 -1.05 12.59
C ARG A 42 8.54 -2.35 12.08
N LYS A 43 7.69 -3.31 11.71
CA LYS A 43 8.16 -4.59 11.20
C LYS A 43 8.89 -4.42 9.86
N VAL A 44 8.36 -3.52 9.03
CA VAL A 44 8.96 -3.27 7.72
C VAL A 44 9.87 -2.04 7.77
N HIS A 45 10.12 -1.54 8.97
CA HIS A 45 10.98 -0.38 9.15
C HIS A 45 10.41 0.84 8.41
N LEU A 46 9.11 1.06 8.57
CA LEU A 46 8.43 2.18 7.92
C LEU A 46 7.52 2.91 8.90
N ARG A 47 7.01 4.06 8.47
CA ARG A 47 6.11 4.85 9.31
C ARG A 47 4.65 4.49 9.04
N GLU A 48 3.91 4.27 10.12
CA GLU A 48 2.50 3.91 10.00
C GLU A 48 1.83 4.69 8.88
N GLU A 49 2.04 6.00 8.87
CA GLU A 49 1.45 6.87 7.85
C GLU A 49 1.70 6.30 6.45
N LYS A 50 2.97 5.99 6.17
CA LYS A 50 3.34 5.44 4.88
C LYS A 50 2.58 4.16 4.58
N VAL A 51 2.51 3.27 5.57
CA VAL A 51 1.79 2.01 5.42
C VAL A 51 0.42 2.23 4.78
N GLU A 52 -0.31 3.20 5.28
CA GLU A 52 -1.64 3.51 4.75
C GLU A 52 -1.55 3.98 3.30
N VAL A 53 -0.59 4.85 3.02
CA VAL A 53 -0.41 5.38 1.67
C VAL A 53 -0.40 4.25 0.64
N TRP A 54 0.58 3.36 0.77
CA TRP A 54 0.70 2.23 -0.14
C TRP A 54 -0.64 1.56 -0.38
N PHE A 55 -1.32 1.20 0.70
CA PHE A 55 -2.62 0.55 0.61
C PHE A 55 -3.55 1.33 -0.31
N LYS A 56 -3.53 2.65 -0.18
CA LYS A 56 -4.37 3.52 -1.01
C LYS A 56 -3.93 3.47 -2.47
N ASN A 57 -2.62 3.55 -2.69
CA ASN A 57 -2.06 3.52 -4.04
C ASN A 57 -2.32 2.18 -4.71
N ARG A 58 -2.41 1.13 -3.89
CA ARG A 58 -2.66 -0.21 -4.40
C ARG A 58 -4.13 -0.40 -4.78
N ARG A 59 -5.01 -0.14 -3.82
CA ARG A 59 -6.44 -0.28 -4.04
C ARG A 59 -6.89 0.61 -5.21
N ALA A 60 -6.36 1.83 -5.26
CA ALA A 60 -6.71 2.77 -6.31
C ALA A 60 -6.72 2.08 -7.68
N LYS A 61 -5.66 1.35 -7.97
CA LYS A 61 -5.55 0.64 -9.24
C LYS A 61 -6.59 -0.47 -9.34
N TRP A 62 -6.78 -1.19 -8.25
CA TRP A 62 -7.75 -2.29 -8.21
C TRP A 62 -9.15 -1.78 -8.54
N ARG A 63 -9.64 -0.84 -7.73
CA ARG A 63 -10.97 -0.28 -7.94
C ARG A 63 -11.13 0.22 -9.37
N ARG A 64 -10.06 0.79 -9.92
CA ARG A 64 -10.09 1.31 -11.28
C ARG A 64 -10.24 0.17 -12.29
N SER A 65 -9.49 -0.90 -12.08
CA SER A 65 -9.54 -2.05 -12.97
C SER A 65 -8.88 -3.27 -12.32
N GLY A 66 -9.31 -4.46 -12.74
CA GLY A 66 -8.75 -5.68 -12.19
C GLY A 66 -9.31 -6.93 -12.86
N PRO A 67 -8.85 -8.09 -12.41
CA PRO A 67 -9.29 -9.38 -12.95
C PRO A 67 -10.73 -9.69 -12.59
N SER A 68 -11.23 -9.06 -11.53
CA SER A 68 -12.60 -9.27 -11.08
C SER A 68 -13.60 -8.94 -12.19
N SER A 69 -13.38 -7.82 -12.85
CA SER A 69 -14.26 -7.38 -13.93
C SER A 69 -14.46 -8.51 -14.96
N GLY A 70 -13.36 -9.14 -15.34
CA GLY A 70 -13.43 -10.22 -16.31
C GLY A 70 -12.10 -10.47 -16.99
N GLY A 1 -5.74 13.09 -6.99
CA GLY A 1 -5.36 14.34 -6.35
C GLY A 1 -6.53 15.30 -6.24
N SER A 2 -7.46 15.00 -5.33
CA SER A 2 -8.63 15.85 -5.13
C SER A 2 -8.25 17.18 -4.49
N SER A 3 -7.55 17.09 -3.36
CA SER A 3 -7.12 18.29 -2.64
C SER A 3 -5.66 18.62 -2.95
N GLY A 4 -5.46 19.63 -3.78
CA GLY A 4 -4.11 20.03 -4.14
C GLY A 4 -4.03 20.60 -5.53
N SER A 5 -2.88 21.18 -5.88
CA SER A 5 -2.68 21.77 -7.19
C SER A 5 -2.08 20.77 -8.16
N SER A 6 -0.97 20.16 -7.75
CA SER A 6 -0.29 19.17 -8.59
C SER A 6 0.29 18.04 -7.73
N GLY A 7 0.25 16.83 -8.26
CA GLY A 7 0.78 15.69 -7.54
C GLY A 7 2.29 15.62 -7.58
N ARG A 8 2.85 14.51 -7.13
CA ARG A 8 4.29 14.33 -7.11
C ARG A 8 4.66 12.86 -7.31
N ARG A 9 5.96 12.58 -7.41
CA ARG A 9 6.44 11.22 -7.60
C ARG A 9 7.29 10.77 -6.42
N HIS A 10 7.15 9.50 -6.05
CA HIS A 10 7.90 8.93 -4.94
C HIS A 10 9.41 9.05 -5.18
N ARG A 11 10.11 9.65 -4.23
CA ARG A 11 11.55 9.82 -4.35
C ARG A 11 12.25 8.47 -4.43
N THR A 12 12.01 7.63 -3.42
CA THR A 12 12.63 6.31 -3.37
C THR A 12 11.56 5.21 -3.28
N ILE A 13 11.78 4.13 -4.03
CA ILE A 13 10.84 3.01 -4.04
C ILE A 13 10.95 2.19 -2.76
N PHE A 14 10.01 1.26 -2.57
CA PHE A 14 10.00 0.41 -1.39
C PHE A 14 10.79 -0.86 -1.64
N THR A 15 11.46 -1.36 -0.60
CA THR A 15 12.25 -2.58 -0.71
C THR A 15 11.37 -3.80 -0.84
N ASP A 16 11.96 -4.91 -1.27
CA ASP A 16 11.22 -6.15 -1.44
C ASP A 16 10.48 -6.53 -0.16
N GLU A 17 11.19 -6.48 0.96
CA GLU A 17 10.60 -6.81 2.26
C GLU A 17 9.42 -5.90 2.56
N GLN A 18 9.63 -4.60 2.45
CA GLN A 18 8.57 -3.62 2.71
C GLN A 18 7.32 -3.94 1.90
N LEU A 19 7.51 -4.21 0.62
CA LEU A 19 6.40 -4.52 -0.27
C LEU A 19 5.76 -5.86 0.11
N GLU A 20 6.60 -6.86 0.36
CA GLU A 20 6.12 -8.18 0.74
C GLU A 20 5.11 -8.09 1.89
N ALA A 21 5.53 -7.45 2.98
CA ALA A 21 4.68 -7.30 4.14
C ALA A 21 3.37 -6.58 3.78
N LEU A 22 3.50 -5.45 3.09
CA LEU A 22 2.35 -4.66 2.68
C LEU A 22 1.37 -5.52 1.89
N GLU A 23 1.81 -6.02 0.73
CA GLU A 23 0.97 -6.85 -0.11
C GLU A 23 0.41 -8.03 0.67
N ASN A 24 1.16 -8.50 1.65
CA ASN A 24 0.74 -9.62 2.48
C ASN A 24 -0.43 -9.22 3.38
N LEU A 25 -0.48 -7.95 3.74
CA LEU A 25 -1.55 -7.44 4.60
C LEU A 25 -2.75 -7.00 3.77
N PHE A 26 -2.50 -6.21 2.74
CA PHE A 26 -3.56 -5.72 1.87
C PHE A 26 -4.29 -6.88 1.19
N GLN A 27 -3.54 -7.93 0.88
CA GLN A 27 -4.11 -9.11 0.24
C GLN A 27 -5.11 -9.81 1.15
N GLU A 28 -4.71 -10.03 2.40
CA GLU A 28 -5.57 -10.68 3.38
C GLU A 28 -6.76 -9.80 3.74
N THR A 29 -6.51 -8.49 3.81
CA THR A 29 -7.57 -7.54 4.16
C THR A 29 -7.45 -6.27 3.31
N LYS A 30 -8.58 -5.81 2.78
CA LYS A 30 -8.60 -4.61 1.96
C LYS A 30 -8.29 -3.38 2.79
N TYR A 31 -8.89 -3.30 3.97
CA TYR A 31 -8.69 -2.17 4.87
C TYR A 31 -8.20 -2.63 6.24
N PRO A 32 -6.89 -2.50 6.47
CA PRO A 32 -6.27 -2.90 7.75
C PRO A 32 -6.67 -1.99 8.90
N ASP A 33 -6.20 -2.32 10.10
CA ASP A 33 -6.50 -1.54 11.29
C ASP A 33 -5.26 -0.86 11.84
N VAL A 34 -5.44 -0.05 12.87
CA VAL A 34 -4.32 0.66 13.49
C VAL A 34 -3.36 -0.31 14.16
N GLY A 35 -3.91 -1.36 14.76
CA GLY A 35 -3.07 -2.34 15.43
C GLY A 35 -2.14 -3.06 14.47
N THR A 36 -2.63 -3.35 13.27
CA THR A 36 -1.84 -4.04 12.27
C THR A 36 -0.89 -3.07 11.55
N ARG A 37 -1.41 -1.89 11.23
CA ARG A 37 -0.61 -0.87 10.54
C ARG A 37 0.57 -0.44 11.41
N GLU A 38 0.29 -0.09 12.66
CA GLU A 38 1.33 0.35 13.58
C GLU A 38 2.46 -0.67 13.64
N GLN A 39 2.12 -1.92 13.91
CA GLN A 39 3.11 -2.99 14.00
C GLN A 39 3.81 -3.19 12.67
N LEU A 40 3.02 -3.42 11.62
CA LEU A 40 3.57 -3.63 10.28
C LEU A 40 4.59 -2.55 9.93
N ALA A 41 4.26 -1.30 10.24
CA ALA A 41 5.15 -0.19 9.96
C ALA A 41 6.54 -0.43 10.55
N ARG A 42 6.61 -0.46 11.88
CA ARG A 42 7.88 -0.70 12.55
C ARG A 42 8.54 -1.98 12.08
N LYS A 43 7.71 -2.95 11.69
CA LYS A 43 8.20 -4.23 11.20
C LYS A 43 8.95 -4.07 9.89
N VAL A 44 8.46 -3.18 9.04
CA VAL A 44 9.09 -2.92 7.75
C VAL A 44 9.96 -1.66 7.79
N HIS A 45 10.19 -1.16 9.00
CA HIS A 45 11.01 0.03 9.18
C HIS A 45 10.39 1.22 8.45
N LEU A 46 9.09 1.41 8.65
CA LEU A 46 8.38 2.52 8.02
C LEU A 46 7.46 3.22 9.01
N ARG A 47 6.82 4.29 8.57
CA ARG A 47 5.90 5.05 9.43
C ARG A 47 4.45 4.71 9.11
N GLU A 48 3.69 4.35 10.14
CA GLU A 48 2.29 4.01 9.98
C GLU A 48 1.64 4.84 8.88
N GLU A 49 1.92 6.15 8.91
CA GLU A 49 1.35 7.06 7.92
C GLU A 49 1.72 6.62 6.50
N LYS A 50 2.97 6.24 6.31
CA LYS A 50 3.45 5.79 5.00
C LYS A 50 2.80 4.47 4.62
N VAL A 51 2.74 3.54 5.57
CA VAL A 51 2.14 2.24 5.32
C VAL A 51 0.78 2.37 4.64
N GLU A 52 -0.03 3.32 5.12
CA GLU A 52 -1.34 3.55 4.56
C GLU A 52 -1.24 4.05 3.12
N VAL A 53 -0.30 4.96 2.88
CA VAL A 53 -0.10 5.52 1.55
C VAL A 53 -0.10 4.44 0.49
N TRP A 54 0.75 3.43 0.68
CA TRP A 54 0.85 2.32 -0.26
C TRP A 54 -0.53 1.74 -0.56
N PHE A 55 -1.31 1.51 0.49
CA PHE A 55 -2.64 0.95 0.33
C PHE A 55 -3.49 1.81 -0.59
N LYS A 56 -3.37 3.13 -0.45
CA LYS A 56 -4.13 4.06 -1.27
C LYS A 56 -3.80 3.87 -2.75
N ASN A 57 -2.52 3.92 -3.07
CA ASN A 57 -2.07 3.76 -4.46
C ASN A 57 -2.63 2.47 -5.05
N ARG A 58 -2.59 1.39 -4.28
CA ARG A 58 -3.09 0.10 -4.73
C ARG A 58 -4.60 0.15 -4.92
N ARG A 59 -5.31 0.62 -3.91
CA ARG A 59 -6.76 0.71 -3.97
C ARG A 59 -7.22 1.19 -5.35
N ALA A 60 -6.67 2.32 -5.78
CA ALA A 60 -7.02 2.89 -7.08
C ALA A 60 -6.82 1.86 -8.19
N LYS A 61 -5.72 1.12 -8.13
CA LYS A 61 -5.42 0.11 -9.13
C LYS A 61 -6.53 -0.92 -9.21
N TRP A 62 -7.07 -1.30 -8.06
CA TRP A 62 -8.14 -2.28 -7.99
C TRP A 62 -9.44 -1.70 -8.52
N ARG A 63 -9.82 -0.53 -8.02
CA ARG A 63 -11.04 0.13 -8.45
C ARG A 63 -10.87 0.77 -9.83
N ARG A 64 -9.72 0.52 -10.45
CA ARG A 64 -9.43 1.07 -11.77
C ARG A 64 -10.57 0.80 -12.73
N SER A 65 -11.27 -0.31 -12.52
CA SER A 65 -12.39 -0.68 -13.38
C SER A 65 -13.54 0.32 -13.25
N GLY A 66 -14.04 0.47 -12.03
CA GLY A 66 -15.13 1.40 -11.79
C GLY A 66 -14.81 2.42 -10.73
N PRO A 67 -15.34 3.64 -10.88
CA PRO A 67 -15.11 4.74 -9.95
C PRO A 67 -15.81 4.50 -8.60
N SER A 68 -15.67 5.45 -7.69
CA SER A 68 -16.29 5.35 -6.37
C SER A 68 -17.72 4.86 -6.48
N SER A 69 -18.48 5.46 -7.39
CA SER A 69 -19.87 5.08 -7.60
C SER A 69 -20.00 3.60 -7.95
N GLY A 70 -19.18 3.15 -8.88
CA GLY A 70 -19.21 1.75 -9.29
C GLY A 70 -17.82 1.13 -9.35
N GLY A 1 -0.92 -9.66 -33.55
CA GLY A 1 -0.04 -9.24 -32.48
C GLY A 1 -0.36 -7.85 -31.98
N SER A 2 0.42 -6.87 -32.41
CA SER A 2 0.22 -5.49 -31.99
C SER A 2 0.23 -5.37 -30.47
N SER A 3 1.17 -6.08 -29.84
CA SER A 3 1.28 -6.06 -28.38
C SER A 3 2.74 -5.90 -27.96
N GLY A 4 3.02 -4.82 -27.25
CA GLY A 4 4.38 -4.57 -26.78
C GLY A 4 5.14 -3.61 -27.69
N SER A 5 4.47 -2.54 -28.10
CA SER A 5 5.07 -1.54 -28.97
C SER A 5 6.32 -0.94 -28.33
N SER A 6 6.15 -0.37 -27.15
CA SER A 6 7.26 0.24 -26.42
C SER A 6 7.22 -0.14 -24.94
N GLY A 7 8.36 0.03 -24.27
CA GLY A 7 8.44 -0.31 -22.86
C GLY A 7 9.18 0.75 -22.05
N ARG A 8 8.55 1.24 -20.99
CA ARG A 8 9.16 2.24 -20.14
C ARG A 8 9.89 1.61 -18.96
N ARG A 9 11.01 2.20 -18.57
CA ARG A 9 11.79 1.68 -17.46
C ARG A 9 11.33 2.29 -16.14
N HIS A 10 10.75 1.46 -15.29
CA HIS A 10 10.26 1.91 -13.99
C HIS A 10 11.03 1.24 -12.85
N ARG A 11 11.21 1.97 -11.76
CA ARG A 11 11.93 1.45 -10.61
C ARG A 11 11.00 1.27 -9.41
N THR A 12 11.52 0.69 -8.34
CA THR A 12 10.74 0.46 -7.13
C THR A 12 11.24 1.32 -5.98
N ILE A 13 10.35 2.14 -5.44
CA ILE A 13 10.70 3.01 -4.32
C ILE A 13 10.78 2.23 -3.02
N PHE A 14 9.81 1.35 -2.80
CA PHE A 14 9.77 0.55 -1.59
C PHE A 14 10.75 -0.62 -1.69
N THR A 15 10.98 -1.29 -0.56
CA THR A 15 11.90 -2.43 -0.52
C THR A 15 11.14 -3.74 -0.62
N ASP A 16 11.81 -4.77 -1.15
CA ASP A 16 11.21 -6.08 -1.30
C ASP A 16 10.38 -6.44 -0.07
N GLU A 17 11.01 -6.38 1.10
CA GLU A 17 10.32 -6.69 2.35
C GLU A 17 9.08 -5.81 2.54
N GLN A 18 9.27 -4.52 2.34
CA GLN A 18 8.17 -3.56 2.48
C GLN A 18 6.99 -3.94 1.59
N LEU A 19 7.26 -4.08 0.30
CA LEU A 19 6.22 -4.45 -0.66
C LEU A 19 5.59 -5.78 -0.30
N GLU A 20 6.44 -6.76 0.04
CA GLU A 20 5.96 -8.08 0.40
C GLU A 20 4.96 -8.01 1.57
N ALA A 21 5.36 -7.31 2.62
CA ALA A 21 4.51 -7.15 3.79
C ALA A 21 3.22 -6.40 3.45
N LEU A 22 3.38 -5.22 2.86
CA LEU A 22 2.23 -4.40 2.48
C LEU A 22 1.27 -5.18 1.59
N GLU A 23 1.83 -5.94 0.65
CA GLU A 23 1.01 -6.75 -0.25
C GLU A 23 0.39 -7.93 0.48
N ASN A 24 1.18 -8.56 1.36
CA ASN A 24 0.70 -9.71 2.12
C ASN A 24 -0.46 -9.32 3.03
N LEU A 25 -0.43 -8.07 3.51
CA LEU A 25 -1.49 -7.57 4.39
C LEU A 25 -2.67 -7.05 3.58
N PHE A 26 -2.37 -6.17 2.62
CA PHE A 26 -3.42 -5.60 1.78
C PHE A 26 -4.19 -6.69 1.05
N GLN A 27 -3.54 -7.82 0.79
CA GLN A 27 -4.17 -8.93 0.10
C GLN A 27 -5.21 -9.60 1.00
N GLU A 28 -4.83 -9.87 2.24
CA GLU A 28 -5.75 -10.51 3.18
C GLU A 28 -6.84 -9.54 3.63
N THR A 29 -6.48 -8.27 3.78
CA THR A 29 -7.42 -7.24 4.19
C THR A 29 -7.23 -5.96 3.40
N LYS A 30 -8.33 -5.42 2.89
CA LYS A 30 -8.29 -4.19 2.10
C LYS A 30 -7.96 -3.00 2.99
N TYR A 31 -8.58 -2.94 4.16
CA TYR A 31 -8.36 -1.85 5.10
C TYR A 31 -7.97 -2.39 6.48
N PRO A 32 -6.67 -2.33 6.79
CA PRO A 32 -6.14 -2.80 8.06
C PRO A 32 -6.55 -1.91 9.23
N ASP A 33 -6.11 -2.27 10.43
CA ASP A 33 -6.44 -1.50 11.63
C ASP A 33 -5.21 -0.78 12.17
N VAL A 34 -5.43 0.12 13.12
CA VAL A 34 -4.33 0.87 13.72
C VAL A 34 -3.35 -0.06 14.44
N GLY A 35 -3.88 -1.15 14.98
CA GLY A 35 -3.05 -2.11 15.69
C GLY A 35 -2.09 -2.84 14.77
N THR A 36 -2.55 -3.15 13.56
CA THR A 36 -1.74 -3.85 12.59
C THR A 36 -0.74 -2.91 11.91
N ARG A 37 -1.20 -1.69 11.62
CA ARG A 37 -0.35 -0.71 10.97
C ARG A 37 0.87 -0.38 11.83
N GLU A 38 0.63 -0.18 13.13
CA GLU A 38 1.71 0.14 14.06
C GLU A 38 2.79 -0.93 14.03
N GLN A 39 2.38 -2.18 14.25
CA GLN A 39 3.32 -3.30 14.24
C GLN A 39 3.97 -3.45 12.87
N LEU A 40 3.15 -3.55 11.83
CA LEU A 40 3.65 -3.70 10.47
C LEU A 40 4.69 -2.63 10.15
N ALA A 41 4.39 -1.39 10.51
CA ALA A 41 5.29 -0.27 10.27
C ALA A 41 6.70 -0.59 10.76
N ARG A 42 6.83 -0.79 12.07
CA ARG A 42 8.11 -1.10 12.68
C ARG A 42 8.74 -2.33 12.03
N LYS A 43 7.90 -3.24 11.57
CA LYS A 43 8.38 -4.46 10.92
C LYS A 43 8.98 -4.14 9.56
N VAL A 44 8.35 -3.24 8.82
CA VAL A 44 8.83 -2.85 7.50
C VAL A 44 9.69 -1.60 7.58
N HIS A 45 9.94 -1.14 8.80
CA HIS A 45 10.75 0.07 9.01
C HIS A 45 10.11 1.28 8.34
N LEU A 46 8.81 1.42 8.52
CA LEU A 46 8.07 2.54 7.94
C LEU A 46 7.16 3.20 8.97
N ARG A 47 6.52 4.29 8.58
CA ARG A 47 5.63 5.02 9.47
C ARG A 47 4.18 4.60 9.25
N GLU A 48 3.42 4.49 10.35
CA GLU A 48 2.02 4.09 10.28
C GLU A 48 1.31 4.79 9.12
N GLU A 49 1.55 6.10 8.99
CA GLU A 49 0.93 6.88 7.92
C GLU A 49 1.39 6.39 6.55
N LYS A 50 2.70 6.27 6.38
CA LYS A 50 3.27 5.81 5.11
C LYS A 50 2.68 4.47 4.70
N VAL A 51 2.62 3.54 5.65
CA VAL A 51 2.07 2.21 5.40
C VAL A 51 0.68 2.31 4.78
N GLU A 52 -0.12 3.24 5.26
CA GLU A 52 -1.48 3.43 4.76
C GLU A 52 -1.45 3.99 3.33
N VAL A 53 -0.59 4.97 3.10
CA VAL A 53 -0.47 5.58 1.78
C VAL A 53 -0.34 4.52 0.69
N TRP A 54 0.57 3.58 0.90
CA TRP A 54 0.79 2.50 -0.08
C TRP A 54 -0.53 1.85 -0.46
N PHE A 55 -1.34 1.52 0.54
CA PHE A 55 -2.63 0.88 0.32
C PHE A 55 -3.47 1.69 -0.68
N LYS A 56 -3.78 2.93 -0.31
CA LYS A 56 -4.57 3.81 -1.16
C LYS A 56 -4.11 3.72 -2.61
N ASN A 57 -2.84 4.02 -2.83
CA ASN A 57 -2.26 3.98 -4.17
C ASN A 57 -2.53 2.64 -4.83
N ARG A 58 -2.22 1.56 -4.13
CA ARG A 58 -2.43 0.21 -4.65
C ARG A 58 -3.88 0.02 -5.09
N ARG A 59 -4.81 0.33 -4.19
CA ARG A 59 -6.23 0.19 -4.48
C ARG A 59 -6.54 0.65 -5.90
N ALA A 60 -6.03 1.82 -6.28
CA ALA A 60 -6.26 2.36 -7.61
C ALA A 60 -5.91 1.33 -8.68
N LYS A 61 -4.78 0.65 -8.49
CA LYS A 61 -4.33 -0.36 -9.44
C LYS A 61 -5.30 -1.54 -9.49
N TRP A 62 -5.70 -2.01 -8.31
CA TRP A 62 -6.63 -3.14 -8.22
C TRP A 62 -8.00 -2.75 -8.75
N ARG A 63 -8.35 -1.47 -8.63
CA ARG A 63 -9.63 -0.97 -9.10
C ARG A 63 -9.61 -0.70 -10.60
N ARG A 64 -8.48 -0.18 -11.08
CA ARG A 64 -8.33 0.12 -12.49
C ARG A 64 -8.54 -1.13 -13.35
N SER A 65 -7.81 -2.18 -13.04
CA SER A 65 -7.92 -3.44 -13.78
C SER A 65 -8.97 -4.34 -13.16
N GLY A 66 -9.53 -5.22 -13.97
CA GLY A 66 -10.55 -6.15 -13.48
C GLY A 66 -11.87 -5.98 -14.21
N PRO A 67 -12.09 -6.80 -15.24
CA PRO A 67 -13.32 -6.77 -16.04
C PRO A 67 -14.53 -7.27 -15.26
N SER A 68 -15.71 -6.81 -15.65
CA SER A 68 -16.94 -7.21 -14.99
C SER A 68 -17.46 -8.53 -15.56
N SER A 69 -17.56 -8.61 -16.87
CA SER A 69 -18.04 -9.81 -17.54
C SER A 69 -19.44 -10.18 -17.04
N GLY A 70 -20.28 -9.18 -16.86
CA GLY A 70 -21.64 -9.42 -16.40
C GLY A 70 -21.70 -9.61 -14.90
N GLY A 1 1.26 15.02 -9.06
CA GLY A 1 1.62 16.30 -8.46
C GLY A 1 2.58 16.14 -7.30
N SER A 2 2.27 15.22 -6.39
CA SER A 2 3.11 14.99 -5.22
C SER A 2 4.51 14.54 -5.65
N SER A 3 4.57 13.42 -6.37
CA SER A 3 5.84 12.88 -6.83
C SER A 3 6.22 13.46 -8.19
N GLY A 4 7.51 13.44 -8.51
CA GLY A 4 7.98 13.97 -9.77
C GLY A 4 9.07 13.12 -10.39
N SER A 5 10.19 12.98 -9.68
CA SER A 5 11.31 12.19 -10.18
C SER A 5 11.23 10.75 -9.67
N SER A 6 11.61 9.81 -10.52
CA SER A 6 11.58 8.40 -10.16
C SER A 6 12.86 8.00 -9.43
N GLY A 7 12.87 6.77 -8.90
CA GLY A 7 14.03 6.29 -8.18
C GLY A 7 15.29 6.34 -9.02
N ARG A 8 16.31 7.02 -8.50
CA ARG A 8 17.58 7.15 -9.21
C ARG A 8 18.47 5.93 -8.96
N ARG A 9 18.83 5.73 -7.69
CA ARG A 9 19.68 4.61 -7.32
C ARG A 9 18.87 3.31 -7.24
N HIS A 10 17.70 3.39 -6.60
CA HIS A 10 16.84 2.23 -6.45
C HIS A 10 15.61 2.34 -7.36
N ARG A 11 15.40 1.32 -8.18
CA ARG A 11 14.27 1.31 -9.10
C ARG A 11 12.96 1.44 -8.35
N THR A 12 12.82 0.70 -7.25
CA THR A 12 11.61 0.74 -6.45
C THR A 12 11.82 1.57 -5.18
N ILE A 13 10.81 2.36 -4.83
CA ILE A 13 10.89 3.20 -3.64
C ILE A 13 11.07 2.36 -2.38
N PHE A 14 10.31 1.27 -2.30
CA PHE A 14 10.39 0.37 -1.14
C PHE A 14 11.17 -0.90 -1.49
N THR A 15 11.71 -1.55 -0.47
CA THR A 15 12.48 -2.77 -0.66
C THR A 15 11.56 -3.99 -0.77
N ASP A 16 12.07 -5.05 -1.36
CA ASP A 16 11.30 -6.28 -1.53
C ASP A 16 10.53 -6.61 -0.25
N GLU A 17 11.26 -6.74 0.85
CA GLU A 17 10.65 -7.06 2.14
C GLU A 17 9.46 -6.14 2.42
N GLN A 18 9.71 -4.84 2.41
CA GLN A 18 8.66 -3.85 2.67
C GLN A 18 7.44 -4.14 1.81
N LEU A 19 7.66 -4.34 0.51
CA LEU A 19 6.57 -4.61 -0.41
C LEU A 19 5.84 -5.90 -0.03
N GLU A 20 6.62 -6.93 0.33
CA GLU A 20 6.05 -8.21 0.71
C GLU A 20 5.03 -8.05 1.83
N ALA A 21 5.44 -7.38 2.91
CA ALA A 21 4.56 -7.15 4.04
C ALA A 21 3.32 -6.36 3.63
N LEU A 22 3.54 -5.19 3.02
CA LEU A 22 2.45 -4.34 2.57
C LEU A 22 1.46 -5.13 1.73
N GLU A 23 1.98 -5.97 0.84
CA GLU A 23 1.14 -6.78 -0.03
C GLU A 23 0.42 -7.87 0.77
N ASN A 24 1.16 -8.50 1.68
CA ASN A 24 0.59 -9.57 2.50
C ASN A 24 -0.58 -9.05 3.33
N LEU A 25 -0.48 -7.80 3.77
CA LEU A 25 -1.53 -7.18 4.57
C LEU A 25 -2.66 -6.66 3.68
N PHE A 26 -2.28 -6.04 2.57
CA PHE A 26 -3.26 -5.50 1.63
C PHE A 26 -4.03 -6.62 0.94
N GLN A 27 -3.40 -7.78 0.81
CA GLN A 27 -4.03 -8.92 0.17
C GLN A 27 -5.10 -9.53 1.07
N GLU A 28 -4.70 -9.90 2.28
CA GLU A 28 -5.63 -10.50 3.24
C GLU A 28 -6.77 -9.54 3.56
N THR A 29 -6.44 -8.26 3.71
CA THR A 29 -7.43 -7.25 4.02
C THR A 29 -7.12 -5.92 3.33
N LYS A 30 -8.07 -5.42 2.56
CA LYS A 30 -7.89 -4.17 1.84
C LYS A 30 -7.55 -3.03 2.80
N TYR A 31 -8.38 -2.87 3.82
CA TYR A 31 -8.15 -1.82 4.82
C TYR A 31 -7.71 -2.41 6.15
N PRO A 32 -6.40 -2.33 6.42
CA PRO A 32 -5.81 -2.85 7.67
C PRO A 32 -6.23 -2.03 8.89
N ASP A 33 -6.22 -2.67 10.05
CA ASP A 33 -6.58 -2.01 11.29
C ASP A 33 -5.39 -1.26 11.88
N VAL A 34 -5.68 -0.28 12.73
CA VAL A 34 -4.64 0.52 13.36
C VAL A 34 -3.61 -0.37 14.06
N GLY A 35 -4.10 -1.44 14.69
CA GLY A 35 -3.22 -2.35 15.39
C GLY A 35 -2.24 -3.03 14.46
N THR A 36 -2.71 -3.41 13.27
CA THR A 36 -1.88 -4.07 12.29
C THR A 36 -0.91 -3.10 11.62
N ARG A 37 -1.41 -1.91 11.29
CA ARG A 37 -0.59 -0.88 10.66
C ARG A 37 0.55 -0.46 11.57
N GLU A 38 0.22 -0.10 12.80
CA GLU A 38 1.23 0.33 13.77
C GLU A 38 2.38 -0.68 13.83
N GLN A 39 2.04 -1.94 14.06
CA GLN A 39 3.05 -2.99 14.16
C GLN A 39 3.80 -3.14 12.84
N LEU A 40 3.06 -3.37 11.76
CA LEU A 40 3.66 -3.53 10.44
C LEU A 40 4.73 -2.46 10.20
N ALA A 41 4.39 -1.21 10.51
CA ALA A 41 5.33 -0.11 10.34
C ALA A 41 6.71 -0.45 10.88
N ARG A 42 6.80 -0.62 12.20
CA ARG A 42 8.06 -0.95 12.84
C ARG A 42 8.67 -2.21 12.23
N LYS A 43 7.80 -3.13 11.82
CA LYS A 43 8.25 -4.38 11.21
C LYS A 43 8.96 -4.13 9.89
N VAL A 44 8.41 -3.21 9.09
CA VAL A 44 8.99 -2.87 7.81
C VAL A 44 9.84 -1.61 7.89
N HIS A 45 10.07 -1.15 9.12
CA HIS A 45 10.87 0.05 9.35
C HIS A 45 10.29 1.25 8.60
N LEU A 46 8.98 1.44 8.72
CA LEU A 46 8.30 2.54 8.06
C LEU A 46 7.34 3.25 9.01
N ARG A 47 6.73 4.33 8.53
CA ARG A 47 5.78 5.09 9.33
C ARG A 47 4.35 4.67 9.03
N GLU A 48 3.49 4.71 10.04
CA GLU A 48 2.10 4.34 9.88
C GLU A 48 1.48 5.04 8.67
N GLU A 49 1.64 6.36 8.62
CA GLU A 49 1.09 7.16 7.53
C GLU A 49 1.51 6.59 6.18
N LYS A 50 2.80 6.28 6.04
CA LYS A 50 3.33 5.72 4.81
C LYS A 50 2.65 4.40 4.47
N VAL A 51 2.49 3.54 5.48
CA VAL A 51 1.84 2.25 5.29
C VAL A 51 0.51 2.40 4.56
N GLU A 52 -0.30 3.36 5.01
CA GLU A 52 -1.59 3.60 4.39
C GLU A 52 -1.44 4.08 2.95
N VAL A 53 -0.51 5.01 2.74
CA VAL A 53 -0.26 5.56 1.42
C VAL A 53 -0.18 4.45 0.38
N TRP A 54 0.79 3.55 0.55
CA TRP A 54 0.98 2.45 -0.38
C TRP A 54 -0.35 1.76 -0.68
N PHE A 55 -1.09 1.40 0.37
CA PHE A 55 -2.37 0.74 0.21
C PHE A 55 -3.29 1.54 -0.72
N LYS A 56 -3.45 2.82 -0.41
CA LYS A 56 -4.30 3.70 -1.20
C LYS A 56 -3.96 3.59 -2.69
N ASN A 57 -2.66 3.62 -3.00
CA ASN A 57 -2.20 3.52 -4.38
C ASN A 57 -2.70 2.23 -5.02
N ARG A 58 -2.63 1.14 -4.28
CA ARG A 58 -3.08 -0.16 -4.78
C ARG A 58 -4.59 -0.19 -4.94
N ARG A 59 -5.30 0.02 -3.83
CA ARG A 59 -6.76 0.01 -3.85
C ARG A 59 -7.29 0.93 -4.95
N ALA A 60 -6.58 2.03 -5.19
CA ALA A 60 -6.98 2.99 -6.22
C ALA A 60 -7.29 2.29 -7.54
N LYS A 61 -6.33 1.49 -8.01
CA LYS A 61 -6.49 0.76 -9.26
C LYS A 61 -7.51 -0.36 -9.11
N TRP A 62 -7.44 -1.07 -7.99
CA TRP A 62 -8.35 -2.17 -7.72
C TRP A 62 -9.80 -1.76 -7.97
N ARG A 63 -10.12 -0.52 -7.60
CA ARG A 63 -11.47 0.00 -7.79
C ARG A 63 -11.59 0.75 -9.10
N ARG A 64 -10.59 1.58 -9.40
CA ARG A 64 -10.58 2.36 -10.62
C ARG A 64 -10.83 1.48 -11.84
N SER A 65 -10.16 0.32 -11.86
CA SER A 65 -10.30 -0.62 -12.98
C SER A 65 -10.93 -1.92 -12.50
N GLY A 66 -11.54 -2.65 -13.43
CA GLY A 66 -12.17 -3.91 -13.09
C GLY A 66 -12.05 -4.94 -14.20
N PRO A 67 -13.07 -5.81 -14.31
CA PRO A 67 -13.10 -6.86 -15.33
C PRO A 67 -13.29 -6.30 -16.73
N SER A 68 -13.35 -4.97 -16.84
CA SER A 68 -13.53 -4.30 -18.12
C SER A 68 -12.19 -4.07 -18.81
N SER A 69 -12.23 -3.90 -20.12
CA SER A 69 -11.02 -3.67 -20.91
C SER A 69 -11.19 -2.47 -21.83
N GLY A 70 -10.49 -1.39 -21.51
CA GLY A 70 -10.57 -0.18 -22.32
C GLY A 70 -9.89 -0.35 -23.66
N GLY A 1 -13.83 9.46 -20.94
CA GLY A 1 -12.82 9.92 -21.87
C GLY A 1 -11.63 10.53 -21.17
N SER A 2 -10.57 9.73 -21.01
CA SER A 2 -9.37 10.18 -20.34
C SER A 2 -8.14 10.02 -21.25
N SER A 3 -7.51 11.14 -21.60
CA SER A 3 -6.34 11.10 -22.47
C SER A 3 -5.20 10.34 -21.81
N GLY A 4 -4.89 10.69 -20.56
CA GLY A 4 -3.82 10.03 -19.84
C GLY A 4 -2.54 10.83 -19.85
N SER A 5 -2.65 12.12 -19.56
CA SER A 5 -1.49 13.00 -19.54
C SER A 5 -1.35 13.70 -18.19
N SER A 6 -0.17 14.25 -17.92
CA SER A 6 0.08 14.94 -16.67
C SER A 6 -0.09 13.99 -15.49
N GLY A 7 0.44 12.78 -15.63
CA GLY A 7 0.33 11.80 -14.57
C GLY A 7 1.38 12.00 -13.48
N ARG A 8 1.15 11.40 -12.32
CA ARG A 8 2.06 11.52 -11.19
C ARG A 8 2.85 10.23 -10.99
N ARG A 9 4.13 10.37 -10.68
CA ARG A 9 4.99 9.21 -10.46
C ARG A 9 5.71 9.31 -9.12
N HIS A 10 5.71 8.22 -8.37
CA HIS A 10 6.37 8.20 -7.06
C HIS A 10 7.88 8.06 -7.22
N ARG A 11 8.62 8.86 -6.48
CA ARG A 11 10.08 8.83 -6.53
C ARG A 11 10.64 7.81 -5.55
N THR A 12 10.27 7.94 -4.28
CA THR A 12 10.74 7.02 -3.25
C THR A 12 10.21 5.61 -3.50
N ILE A 13 11.13 4.66 -3.67
CA ILE A 13 10.77 3.27 -3.91
C ILE A 13 10.99 2.42 -2.66
N PHE A 14 10.03 1.57 -2.36
CA PHE A 14 10.13 0.69 -1.19
C PHE A 14 10.95 -0.55 -1.50
N THR A 15 11.44 -1.21 -0.47
CA THR A 15 12.26 -2.41 -0.62
C THR A 15 11.39 -3.65 -0.82
N ASP A 16 11.99 -4.71 -1.31
CA ASP A 16 11.26 -5.96 -1.55
C ASP A 16 10.48 -6.37 -0.31
N GLU A 17 11.18 -6.49 0.82
CA GLU A 17 10.55 -6.88 2.07
C GLU A 17 9.29 -6.04 2.33
N GLN A 18 9.47 -4.73 2.39
CA GLN A 18 8.34 -3.82 2.63
C GLN A 18 7.16 -4.17 1.73
N LEU A 19 7.41 -4.26 0.43
CA LEU A 19 6.36 -4.58 -0.53
C LEU A 19 5.70 -5.91 -0.18
N GLU A 20 6.52 -6.89 0.18
CA GLU A 20 6.01 -8.21 0.54
C GLU A 20 4.98 -8.12 1.66
N ALA A 21 5.39 -7.55 2.80
CA ALA A 21 4.52 -7.40 3.94
C ALA A 21 3.27 -6.61 3.57
N LEU A 22 3.47 -5.41 3.03
CA LEU A 22 2.36 -4.55 2.64
C LEU A 22 1.37 -5.31 1.75
N GLU A 23 1.91 -6.00 0.74
CA GLU A 23 1.08 -6.77 -0.18
C GLU A 23 0.42 -7.94 0.53
N ASN A 24 1.14 -8.53 1.48
CA ASN A 24 0.64 -9.67 2.24
C ASN A 24 -0.55 -9.27 3.11
N LEU A 25 -0.46 -8.07 3.69
CA LEU A 25 -1.53 -7.56 4.54
C LEU A 25 -2.68 -7.00 3.70
N PHE A 26 -2.34 -6.15 2.74
CA PHE A 26 -3.34 -5.54 1.87
C PHE A 26 -4.14 -6.62 1.13
N GLN A 27 -3.47 -7.70 0.78
CA GLN A 27 -4.13 -8.80 0.08
C GLN A 27 -5.19 -9.46 0.95
N GLU A 28 -4.83 -9.79 2.18
CA GLU A 28 -5.75 -10.42 3.11
C GLU A 28 -6.86 -9.45 3.52
N THR A 29 -6.50 -8.18 3.67
CA THR A 29 -7.45 -7.15 4.06
C THR A 29 -7.21 -5.86 3.30
N LYS A 30 -8.29 -5.22 2.88
CA LYS A 30 -8.19 -3.96 2.13
C LYS A 30 -7.79 -2.82 3.06
N TYR A 31 -8.33 -2.82 4.27
CA TYR A 31 -8.02 -1.77 5.25
C TYR A 31 -7.77 -2.37 6.62
N PRO A 32 -6.49 -2.48 6.99
CA PRO A 32 -6.08 -3.04 8.29
C PRO A 32 -6.45 -2.12 9.46
N ASP A 33 -6.26 -2.62 10.67
CA ASP A 33 -6.57 -1.84 11.87
C ASP A 33 -5.34 -1.08 12.36
N VAL A 34 -5.58 -0.02 13.12
CA VAL A 34 -4.49 0.80 13.66
C VAL A 34 -3.41 -0.07 14.30
N GLY A 35 -3.84 -1.09 15.03
CA GLY A 35 -2.91 -1.98 15.69
C GLY A 35 -1.98 -2.69 14.70
N THR A 36 -2.55 -3.13 13.58
CA THR A 36 -1.77 -3.83 12.56
C THR A 36 -0.83 -2.87 11.85
N ARG A 37 -1.33 -1.67 11.53
CA ARG A 37 -0.52 -0.67 10.83
C ARG A 37 0.70 -0.29 11.67
N GLU A 38 0.48 -0.02 12.95
CA GLU A 38 1.56 0.35 13.85
C GLU A 38 2.63 -0.74 13.90
N GLN A 39 2.20 -1.97 14.20
CA GLN A 39 3.12 -3.09 14.29
C GLN A 39 3.82 -3.32 12.94
N LEU A 40 3.04 -3.56 11.90
CA LEU A 40 3.58 -3.80 10.57
C LEU A 40 4.62 -2.73 10.21
N ALA A 41 4.26 -1.48 10.43
CA ALA A 41 5.16 -0.37 10.14
C ALA A 41 6.56 -0.65 10.67
N ARG A 42 6.69 -0.75 11.99
CA ARG A 42 7.97 -1.01 12.64
C ARG A 42 8.61 -2.26 12.05
N LYS A 43 7.80 -3.25 11.71
CA LYS A 43 8.29 -4.50 11.14
C LYS A 43 8.95 -4.25 9.79
N VAL A 44 8.32 -3.40 8.98
CA VAL A 44 8.84 -3.08 7.66
C VAL A 44 9.71 -1.83 7.69
N HIS A 45 10.00 -1.36 8.90
CA HIS A 45 10.83 -0.16 9.08
C HIS A 45 10.22 1.03 8.34
N LEU A 46 8.92 1.24 8.53
CA LEU A 46 8.22 2.34 7.89
C LEU A 46 7.32 3.06 8.88
N ARG A 47 6.67 4.13 8.42
CA ARG A 47 5.78 4.91 9.26
C ARG A 47 4.32 4.59 8.96
N GLU A 48 3.52 4.42 10.01
CA GLU A 48 2.10 4.11 9.85
C GLU A 48 1.49 4.92 8.72
N GLU A 49 1.81 6.21 8.67
CA GLU A 49 1.29 7.09 7.64
C GLU A 49 1.63 6.56 6.24
N LYS A 50 2.86 6.09 6.07
CA LYS A 50 3.30 5.55 4.79
C LYS A 50 2.49 4.32 4.42
N VAL A 51 2.34 3.40 5.38
CA VAL A 51 1.58 2.18 5.15
C VAL A 51 0.24 2.47 4.48
N GLU A 52 -0.47 3.47 5.00
CA GLU A 52 -1.77 3.85 4.45
C GLU A 52 -1.63 4.29 3.00
N VAL A 53 -0.65 5.15 2.74
CA VAL A 53 -0.42 5.66 1.39
C VAL A 53 -0.39 4.53 0.38
N TRP A 54 0.57 3.63 0.53
CA TRP A 54 0.70 2.49 -0.38
C TRP A 54 -0.64 1.79 -0.58
N PHE A 55 -1.23 1.32 0.51
CA PHE A 55 -2.52 0.64 0.45
C PHE A 55 -3.50 1.40 -0.44
N LYS A 56 -3.58 2.70 -0.23
CA LYS A 56 -4.48 3.55 -1.03
C LYS A 56 -4.06 3.57 -2.49
N ASN A 57 -2.76 3.71 -2.73
CA ASN A 57 -2.22 3.73 -4.09
C ASN A 57 -2.59 2.45 -4.84
N ARG A 58 -2.24 1.32 -4.26
CA ARG A 58 -2.54 0.02 -4.88
C ARG A 58 -4.01 -0.07 -5.26
N ARG A 59 -4.88 0.11 -4.27
CA ARG A 59 -6.32 0.03 -4.50
C ARG A 59 -6.70 0.73 -5.81
N ALA A 60 -6.15 1.92 -6.01
CA ALA A 60 -6.43 2.70 -7.22
C ALA A 60 -6.43 1.80 -8.45
N LYS A 61 -5.49 0.87 -8.50
CA LYS A 61 -5.39 -0.06 -9.63
C LYS A 61 -6.41 -1.18 -9.51
N TRP A 62 -6.49 -1.79 -8.33
CA TRP A 62 -7.43 -2.87 -8.09
C TRP A 62 -8.84 -2.48 -8.52
N ARG A 63 -9.26 -1.28 -8.13
CA ARG A 63 -10.59 -0.79 -8.48
C ARG A 63 -10.69 -0.50 -9.98
N ARG A 64 -9.63 0.09 -10.53
CA ARG A 64 -9.59 0.42 -11.95
C ARG A 64 -9.89 -0.80 -12.80
N SER A 65 -9.25 -1.93 -12.45
CA SER A 65 -9.43 -3.17 -13.19
C SER A 65 -10.90 -3.59 -13.18
N GLY A 66 -11.39 -4.02 -14.34
CA GLY A 66 -12.77 -4.44 -14.46
C GLY A 66 -12.92 -5.72 -15.26
N PRO A 67 -14.05 -5.84 -15.98
CA PRO A 67 -14.34 -7.02 -16.81
C PRO A 67 -13.44 -7.09 -18.03
N SER A 68 -12.51 -6.14 -18.15
CA SER A 68 -11.60 -6.09 -19.28
C SER A 68 -10.53 -7.18 -19.15
N SER A 69 -10.62 -8.21 -19.98
CA SER A 69 -9.67 -9.31 -19.94
C SER A 69 -8.27 -8.84 -20.34
N GLY A 70 -7.27 -9.33 -19.62
CA GLY A 70 -5.90 -8.93 -19.90
C GLY A 70 -5.12 -8.59 -18.64
N GLY A 1 -5.88 2.35 -23.95
CA GLY A 1 -4.65 1.96 -24.61
C GLY A 1 -3.93 0.85 -23.88
N SER A 2 -3.37 -0.09 -24.64
CA SER A 2 -2.65 -1.22 -24.06
C SER A 2 -1.79 -0.76 -22.88
N SER A 3 -1.09 0.36 -23.06
CA SER A 3 -0.23 0.89 -22.02
C SER A 3 -0.23 2.42 -22.06
N GLY A 4 0.22 3.03 -20.97
CA GLY A 4 0.27 4.48 -20.90
C GLY A 4 1.69 5.02 -21.01
N SER A 5 2.38 5.11 -19.89
CA SER A 5 3.75 5.62 -19.87
C SER A 5 4.69 4.60 -19.22
N SER A 6 5.93 4.57 -19.72
CA SER A 6 6.93 3.64 -19.19
C SER A 6 8.02 4.39 -18.44
N GLY A 7 8.06 4.20 -17.12
CA GLY A 7 9.06 4.85 -16.30
C GLY A 7 10.03 3.87 -15.67
N ARG A 8 9.73 3.45 -14.44
CA ARG A 8 10.58 2.51 -13.72
C ARG A 8 9.92 1.14 -13.64
N ARG A 9 10.68 0.10 -13.97
CA ARG A 9 10.16 -1.26 -13.92
C ARG A 9 9.91 -1.70 -12.48
N HIS A 10 10.97 -1.75 -11.69
CA HIS A 10 10.87 -2.17 -10.29
C HIS A 10 10.61 -0.96 -9.39
N ARG A 11 10.29 -1.22 -8.13
CA ARG A 11 10.01 -0.15 -7.17
C ARG A 11 11.21 0.07 -6.24
N THR A 12 11.73 1.28 -6.23
CA THR A 12 12.87 1.62 -5.38
C THR A 12 12.42 2.22 -4.06
N ILE A 13 11.46 3.12 -4.12
CA ILE A 13 10.93 3.77 -2.93
C ILE A 13 10.77 2.76 -1.79
N PHE A 14 10.48 1.52 -2.14
CA PHE A 14 10.30 0.47 -1.15
C PHE A 14 11.10 -0.78 -1.53
N THR A 15 11.54 -1.52 -0.53
CA THR A 15 12.31 -2.74 -0.75
C THR A 15 11.40 -3.96 -0.82
N ASP A 16 11.95 -5.06 -1.33
CA ASP A 16 11.19 -6.30 -1.46
C ASP A 16 10.42 -6.60 -0.17
N GLU A 17 11.14 -6.65 0.95
CA GLU A 17 10.51 -6.92 2.24
C GLU A 17 9.33 -6.00 2.49
N GLN A 18 9.57 -4.70 2.34
CA GLN A 18 8.52 -3.70 2.55
C GLN A 18 7.28 -4.03 1.72
N LEU A 19 7.50 -4.38 0.45
CA LEU A 19 6.40 -4.72 -0.44
C LEU A 19 5.75 -6.04 -0.03
N GLU A 20 6.57 -6.97 0.42
CA GLU A 20 6.09 -8.29 0.85
C GLU A 20 5.01 -8.14 1.92
N ALA A 21 5.35 -7.43 3.00
CA ALA A 21 4.42 -7.22 4.10
C ALA A 21 3.19 -6.44 3.64
N LEU A 22 3.43 -5.26 3.08
CA LEU A 22 2.35 -4.41 2.59
C LEU A 22 1.36 -5.22 1.75
N GLU A 23 1.88 -5.92 0.75
CA GLU A 23 1.05 -6.73 -0.13
C GLU A 23 0.39 -7.87 0.64
N ASN A 24 1.20 -8.56 1.46
CA ASN A 24 0.69 -9.68 2.25
C ASN A 24 -0.47 -9.24 3.13
N LEU A 25 -0.42 -8.00 3.59
CA LEU A 25 -1.47 -7.46 4.44
C LEU A 25 -2.67 -7.00 3.61
N PHE A 26 -2.42 -6.11 2.66
CA PHE A 26 -3.47 -5.60 1.80
C PHE A 26 -4.25 -6.74 1.14
N GLN A 27 -3.53 -7.80 0.78
CA GLN A 27 -4.14 -8.96 0.14
C GLN A 27 -5.21 -9.58 1.04
N GLU A 28 -4.79 -10.02 2.23
CA GLU A 28 -5.71 -10.63 3.18
C GLU A 28 -6.85 -9.67 3.53
N THR A 29 -6.49 -8.42 3.82
CA THR A 29 -7.47 -7.40 4.17
C THR A 29 -7.24 -6.12 3.39
N LYS A 30 -8.30 -5.57 2.82
CA LYS A 30 -8.21 -4.34 2.05
C LYS A 30 -7.94 -3.15 2.97
N TYR A 31 -8.56 -3.15 4.13
CA TYR A 31 -8.39 -2.07 5.10
C TYR A 31 -7.99 -2.62 6.47
N PRO A 32 -6.70 -2.52 6.79
CA PRO A 32 -6.15 -2.99 8.07
C PRO A 32 -6.62 -2.15 9.25
N ASP A 33 -6.07 -2.42 10.42
CA ASP A 33 -6.43 -1.68 11.63
C ASP A 33 -5.22 -0.91 12.17
N VAL A 34 -5.49 0.08 13.02
CA VAL A 34 -4.44 0.89 13.61
C VAL A 34 -3.43 0.03 14.34
N GLY A 35 -3.89 -1.11 14.85
CA GLY A 35 -3.01 -2.02 15.57
C GLY A 35 -2.07 -2.77 14.66
N THR A 36 -2.60 -3.26 13.54
CA THR A 36 -1.79 -4.01 12.58
C THR A 36 -0.82 -3.09 11.85
N ARG A 37 -1.26 -1.86 11.60
CA ARG A 37 -0.43 -0.89 10.89
C ARG A 37 0.79 -0.51 11.74
N GLU A 38 0.55 -0.24 13.02
CA GLU A 38 1.63 0.14 13.93
C GLU A 38 2.74 -0.92 13.93
N GLN A 39 2.35 -2.17 14.11
CA GLN A 39 3.32 -3.27 14.13
C GLN A 39 3.96 -3.45 12.76
N LEU A 40 3.13 -3.48 11.72
CA LEU A 40 3.63 -3.65 10.36
C LEU A 40 4.68 -2.60 10.03
N ALA A 41 4.36 -1.35 10.30
CA ALA A 41 5.29 -0.25 10.04
C ALA A 41 6.68 -0.55 10.60
N ARG A 42 6.76 -0.68 11.91
CA ARG A 42 8.04 -0.97 12.57
C ARG A 42 8.70 -2.20 11.96
N LYS A 43 7.88 -3.18 11.59
CA LYS A 43 8.38 -4.42 11.00
C LYS A 43 9.02 -4.14 9.64
N VAL A 44 8.42 -3.25 8.88
CA VAL A 44 8.93 -2.89 7.56
C VAL A 44 9.80 -1.64 7.62
N HIS A 45 10.00 -1.14 8.84
CA HIS A 45 10.81 0.06 9.04
C HIS A 45 10.19 1.26 8.34
N LEU A 46 8.89 1.45 8.54
CA LEU A 46 8.18 2.56 7.92
C LEU A 46 7.26 3.25 8.94
N ARG A 47 6.64 4.34 8.51
CA ARG A 47 5.73 5.09 9.39
C ARG A 47 4.28 4.69 9.12
N GLU A 48 3.51 4.53 10.19
CA GLU A 48 2.10 4.16 10.07
C GLU A 48 1.44 4.90 8.91
N GLU A 49 1.75 6.19 8.79
CA GLU A 49 1.19 7.01 7.73
C GLU A 49 1.59 6.49 6.36
N LYS A 50 2.88 6.21 6.19
CA LYS A 50 3.40 5.71 4.93
C LYS A 50 2.69 4.42 4.52
N VAL A 51 2.52 3.52 5.48
CA VAL A 51 1.85 2.24 5.23
C VAL A 51 0.51 2.46 4.52
N GLU A 52 -0.28 3.39 5.05
CA GLU A 52 -1.58 3.69 4.47
C GLU A 52 -1.44 4.15 3.01
N VAL A 53 -0.55 5.11 2.79
CA VAL A 53 -0.31 5.64 1.46
C VAL A 53 -0.30 4.52 0.42
N TRP A 54 0.59 3.57 0.59
CA TRP A 54 0.71 2.44 -0.34
C TRP A 54 -0.66 1.85 -0.63
N PHE A 55 -1.42 1.53 0.42
CA PHE A 55 -2.74 0.96 0.26
C PHE A 55 -3.62 1.83 -0.63
N LYS A 56 -3.67 3.12 -0.33
CA LYS A 56 -4.46 4.06 -1.10
C LYS A 56 -4.12 3.97 -2.58
N ASN A 57 -2.83 4.11 -2.90
CA ASN A 57 -2.37 4.04 -4.28
C ASN A 57 -2.78 2.72 -4.93
N ARG A 58 -2.47 1.62 -4.24
CA ARG A 58 -2.81 0.29 -4.75
C ARG A 58 -4.28 0.22 -5.14
N ARG A 59 -5.15 0.57 -4.20
CA ARG A 59 -6.59 0.53 -4.44
C ARG A 59 -6.92 1.02 -5.85
N ALA A 60 -6.23 2.08 -6.28
CA ALA A 60 -6.46 2.64 -7.60
C ALA A 60 -6.60 1.54 -8.65
N LYS A 61 -5.63 0.62 -8.67
CA LYS A 61 -5.65 -0.49 -9.61
C LYS A 61 -6.84 -1.42 -9.36
N TRP A 62 -7.15 -1.63 -8.08
CA TRP A 62 -8.27 -2.49 -7.71
C TRP A 62 -9.56 -1.99 -8.32
N ARG A 63 -9.90 -0.73 -8.06
CA ARG A 63 -11.12 -0.12 -8.59
C ARG A 63 -11.05 0.00 -10.10
N ARG A 64 -9.86 0.29 -10.62
CA ARG A 64 -9.66 0.44 -12.06
C ARG A 64 -9.96 -0.87 -12.78
N SER A 65 -9.41 -1.97 -12.27
CA SER A 65 -9.62 -3.28 -12.87
C SER A 65 -9.66 -4.37 -11.79
N GLY A 66 -10.62 -5.28 -11.93
CA GLY A 66 -10.75 -6.36 -10.97
C GLY A 66 -11.13 -7.68 -11.62
N PRO A 67 -11.60 -8.63 -10.81
CA PRO A 67 -12.00 -9.96 -11.30
C PRO A 67 -13.28 -9.90 -12.13
N SER A 68 -13.17 -10.27 -13.40
CA SER A 68 -14.32 -10.26 -14.30
C SER A 68 -15.02 -8.90 -14.27
N SER A 69 -14.23 -7.83 -14.19
CA SER A 69 -14.78 -6.48 -14.14
C SER A 69 -15.56 -6.25 -12.85
N GLY A 70 -15.01 -6.75 -11.74
CA GLY A 70 -15.66 -6.59 -10.45
C GLY A 70 -15.02 -5.51 -9.61
N GLY A 1 -16.99 14.55 -2.46
CA GLY A 1 -16.21 14.32 -3.66
C GLY A 1 -15.01 15.22 -3.77
N SER A 2 -13.83 14.68 -3.44
CA SER A 2 -12.60 15.45 -3.50
C SER A 2 -11.93 15.32 -4.86
N SER A 3 -11.69 16.46 -5.50
CA SER A 3 -11.07 16.48 -6.82
C SER A 3 -9.99 15.40 -6.93
N GLY A 4 -9.14 15.33 -5.92
CA GLY A 4 -8.07 14.33 -5.91
C GLY A 4 -6.73 14.93 -6.30
N SER A 5 -6.05 14.28 -7.24
CA SER A 5 -4.74 14.74 -7.69
C SER A 5 -3.74 14.72 -6.55
N SER A 6 -3.77 13.66 -5.76
CA SER A 6 -2.87 13.52 -4.63
C SER A 6 -1.97 12.29 -4.79
N GLY A 7 -0.75 12.38 -4.29
CA GLY A 7 0.19 11.28 -4.40
C GLY A 7 1.59 11.72 -4.74
N ARG A 8 2.41 10.79 -5.20
CA ARG A 8 3.79 11.09 -5.58
C ARG A 8 4.53 11.75 -4.41
N ARG A 9 4.29 11.25 -3.21
CA ARG A 9 4.94 11.78 -2.01
C ARG A 9 6.33 11.19 -1.83
N HIS A 10 6.39 9.87 -1.77
CA HIS A 10 7.66 9.17 -1.59
C HIS A 10 8.36 8.96 -2.93
N ARG A 11 9.58 9.48 -3.05
CA ARG A 11 10.34 9.35 -4.29
C ARG A 11 11.04 7.99 -4.35
N THR A 12 11.79 7.66 -3.31
CA THR A 12 12.50 6.40 -3.24
C THR A 12 11.54 5.21 -3.26
N ILE A 13 11.95 4.13 -3.92
CA ILE A 13 11.12 2.94 -4.01
C ILE A 13 11.30 2.05 -2.78
N PHE A 14 10.26 1.30 -2.44
CA PHE A 14 10.30 0.41 -1.29
C PHE A 14 11.08 -0.86 -1.62
N THR A 15 11.59 -1.51 -0.57
CA THR A 15 12.36 -2.74 -0.74
C THR A 15 11.45 -3.95 -0.81
N ASP A 16 11.98 -5.05 -1.35
CA ASP A 16 11.21 -6.29 -1.47
C ASP A 16 10.51 -6.63 -0.15
N GLU A 17 11.27 -6.60 0.94
CA GLU A 17 10.72 -6.90 2.26
C GLU A 17 9.49 -6.05 2.55
N GLN A 18 9.60 -4.75 2.29
CA GLN A 18 8.49 -3.83 2.52
C GLN A 18 7.29 -4.17 1.65
N LEU A 19 7.56 -4.36 0.36
CA LEU A 19 6.49 -4.70 -0.59
C LEU A 19 5.80 -5.99 -0.19
N GLU A 20 6.59 -6.96 0.28
CA GLU A 20 6.05 -8.25 0.70
C GLU A 20 5.07 -8.08 1.86
N ALA A 21 5.49 -7.35 2.89
CA ALA A 21 4.65 -7.11 4.05
C ALA A 21 3.38 -6.37 3.67
N LEU A 22 3.54 -5.26 2.94
CA LEU A 22 2.40 -4.47 2.51
C LEU A 22 1.42 -5.30 1.70
N GLU A 23 1.92 -5.94 0.64
CA GLU A 23 1.09 -6.77 -0.21
C GLU A 23 0.47 -7.92 0.58
N ASN A 24 1.26 -8.51 1.47
CA ASN A 24 0.80 -9.62 2.30
C ASN A 24 -0.39 -9.19 3.16
N LEU A 25 -0.35 -7.96 3.64
CA LEU A 25 -1.42 -7.44 4.48
C LEU A 25 -2.61 -7.01 3.63
N PHE A 26 -2.35 -6.18 2.62
CA PHE A 26 -3.40 -5.71 1.74
C PHE A 26 -4.11 -6.86 1.05
N GLN A 27 -3.37 -7.94 0.82
CA GLN A 27 -3.91 -9.13 0.16
C GLN A 27 -4.91 -9.85 1.06
N GLU A 28 -4.51 -10.07 2.31
CA GLU A 28 -5.36 -10.75 3.27
C GLU A 28 -6.54 -9.86 3.67
N THR A 29 -6.29 -8.57 3.79
CA THR A 29 -7.33 -7.62 4.17
C THR A 29 -7.29 -6.39 3.27
N LYS A 30 -8.47 -5.83 3.00
CA LYS A 30 -8.59 -4.65 2.15
C LYS A 30 -8.30 -3.38 2.94
N TYR A 31 -8.74 -3.36 4.20
CA TYR A 31 -8.52 -2.20 5.07
C TYR A 31 -8.05 -2.63 6.44
N PRO A 32 -6.73 -2.49 6.68
CA PRO A 32 -6.11 -2.85 7.96
C PRO A 32 -6.52 -1.92 9.10
N ASP A 33 -6.23 -2.32 10.33
CA ASP A 33 -6.56 -1.51 11.49
C ASP A 33 -5.33 -0.78 12.03
N VAL A 34 -5.56 0.24 12.83
CA VAL A 34 -4.47 1.03 13.41
C VAL A 34 -3.50 0.13 14.17
N GLY A 35 -4.03 -0.86 14.87
CA GLY A 35 -3.20 -1.78 15.63
C GLY A 35 -2.26 -2.58 14.74
N THR A 36 -2.77 -3.01 13.59
CA THR A 36 -1.96 -3.78 12.65
C THR A 36 -0.98 -2.90 11.90
N ARG A 37 -1.48 -1.78 11.38
CA ARG A 37 -0.65 -0.85 10.62
C ARG A 37 0.55 -0.40 11.46
N GLU A 38 0.31 -0.15 12.74
CA GLU A 38 1.36 0.28 13.65
C GLU A 38 2.50 -0.74 13.71
N GLN A 39 2.14 -2.00 13.94
CA GLN A 39 3.12 -3.07 14.02
C GLN A 39 3.82 -3.26 12.68
N LEU A 40 3.03 -3.43 11.62
CA LEU A 40 3.57 -3.63 10.28
C LEU A 40 4.63 -2.58 9.97
N ALA A 41 4.31 -1.32 10.21
CA ALA A 41 5.25 -0.23 9.96
C ALA A 41 6.61 -0.53 10.54
N ARG A 42 6.69 -0.59 11.87
CA ARG A 42 7.95 -0.87 12.56
C ARG A 42 8.59 -2.14 12.02
N LYS A 43 7.74 -3.10 11.63
CA LYS A 43 8.23 -4.37 11.10
C LYS A 43 8.91 -4.17 9.75
N VAL A 44 8.34 -3.31 8.92
CA VAL A 44 8.89 -3.02 7.60
C VAL A 44 9.76 -1.77 7.63
N HIS A 45 10.06 -1.29 8.84
CA HIS A 45 10.88 -0.10 9.01
C HIS A 45 10.27 1.10 8.29
N LEU A 46 8.97 1.30 8.49
CA LEU A 46 8.26 2.41 7.86
C LEU A 46 7.37 3.13 8.88
N ARG A 47 6.75 4.22 8.44
CA ARG A 47 5.88 4.99 9.31
C ARG A 47 4.41 4.67 9.05
N GLU A 48 3.64 4.56 10.12
CA GLU A 48 2.22 4.24 10.01
C GLU A 48 1.59 4.99 8.83
N GLU A 49 1.79 6.30 8.79
CA GLU A 49 1.23 7.12 7.72
C GLU A 49 1.61 6.55 6.35
N LYS A 50 2.86 6.12 6.22
CA LYS A 50 3.35 5.55 4.96
C LYS A 50 2.58 4.28 4.61
N VAL A 51 2.41 3.39 5.59
CA VAL A 51 1.70 2.15 5.37
C VAL A 51 0.34 2.39 4.73
N GLU A 52 -0.39 3.37 5.26
CA GLU A 52 -1.71 3.71 4.73
C GLU A 52 -1.62 4.16 3.28
N VAL A 53 -0.68 5.05 3.00
CA VAL A 53 -0.48 5.56 1.65
C VAL A 53 -0.43 4.43 0.64
N TRP A 54 0.52 3.52 0.81
CA TRP A 54 0.67 2.38 -0.09
C TRP A 54 -0.68 1.76 -0.42
N PHE A 55 -1.42 1.38 0.62
CA PHE A 55 -2.74 0.78 0.45
C PHE A 55 -3.61 1.63 -0.45
N LYS A 56 -3.65 2.94 -0.16
CA LYS A 56 -4.45 3.87 -0.94
C LYS A 56 -4.06 3.83 -2.41
N ASN A 57 -2.78 4.05 -2.67
CA ASN A 57 -2.26 4.04 -4.04
C ASN A 57 -2.69 2.77 -4.78
N ARG A 58 -2.49 1.62 -4.13
CA ARG A 58 -2.85 0.34 -4.71
C ARG A 58 -4.35 0.28 -5.02
N ARG A 59 -5.16 0.64 -4.03
CA ARG A 59 -6.60 0.62 -4.20
C ARG A 59 -7.00 1.19 -5.55
N ALA A 60 -6.38 2.29 -5.94
CA ALA A 60 -6.66 2.94 -7.22
C ALA A 60 -6.60 1.93 -8.36
N LYS A 61 -5.57 1.09 -8.35
CA LYS A 61 -5.39 0.08 -9.39
C LYS A 61 -6.30 -1.12 -9.14
N TRP A 62 -6.34 -1.56 -7.89
CA TRP A 62 -7.17 -2.70 -7.51
C TRP A 62 -8.59 -2.54 -8.02
N ARG A 63 -9.17 -1.35 -7.79
CA ARG A 63 -10.53 -1.06 -8.22
C ARG A 63 -10.65 -1.16 -9.74
N ARG A 64 -9.60 -0.72 -10.44
CA ARG A 64 -9.59 -0.75 -11.89
C ARG A 64 -9.56 -2.20 -12.40
N SER A 65 -8.70 -3.01 -11.81
CA SER A 65 -8.57 -4.41 -12.20
C SER A 65 -9.72 -5.24 -11.64
N GLY A 66 -10.25 -6.13 -12.47
CA GLY A 66 -11.36 -6.98 -12.03
C GLY A 66 -11.00 -8.44 -12.09
N PRO A 67 -10.99 -9.02 -13.30
CA PRO A 67 -10.67 -10.44 -13.50
C PRO A 67 -9.20 -10.75 -13.24
N SER A 68 -8.89 -11.11 -12.00
CA SER A 68 -7.53 -11.42 -11.62
C SER A 68 -7.39 -12.91 -11.27
N SER A 69 -6.15 -13.37 -11.16
CA SER A 69 -5.88 -14.76 -10.83
C SER A 69 -5.91 -14.98 -9.32
N GLY A 70 -6.27 -16.19 -8.91
CA GLY A 70 -6.34 -16.51 -7.50
C GLY A 70 -7.40 -15.70 -6.77
N GLY A 1 3.55 11.48 -22.78
CA GLY A 1 4.81 10.77 -22.64
C GLY A 1 4.96 10.12 -21.28
N SER A 2 4.10 9.16 -21.00
CA SER A 2 4.14 8.45 -19.72
C SER A 2 5.48 7.73 -19.53
N SER A 3 5.92 7.05 -20.59
CA SER A 3 7.18 6.32 -20.55
C SER A 3 8.36 7.24 -20.81
N GLY A 4 8.21 8.13 -21.79
CA GLY A 4 9.26 9.07 -22.12
C GLY A 4 9.18 10.34 -21.32
N SER A 5 9.68 10.29 -20.09
CA SER A 5 9.66 11.46 -19.21
C SER A 5 11.07 11.92 -18.88
N SER A 6 11.19 13.08 -18.25
CA SER A 6 12.48 13.65 -17.89
C SER A 6 12.48 14.09 -16.44
N GLY A 7 13.48 13.63 -15.68
CA GLY A 7 13.57 14.00 -14.28
C GLY A 7 14.50 13.08 -13.50
N ARG A 8 14.00 11.90 -13.15
CA ARG A 8 14.80 10.93 -12.39
C ARG A 8 14.34 9.51 -12.69
N ARG A 9 15.29 8.59 -12.76
CA ARG A 9 14.98 7.19 -13.03
C ARG A 9 14.69 6.43 -11.75
N HIS A 10 13.41 6.15 -11.50
CA HIS A 10 13.00 5.44 -10.31
C HIS A 10 12.64 3.98 -10.64
N ARG A 11 13.49 3.06 -10.21
CA ARG A 11 13.27 1.64 -10.46
C ARG A 11 12.52 0.99 -9.30
N THR A 12 13.16 0.98 -8.13
CA THR A 12 12.57 0.40 -6.93
C THR A 12 12.18 1.47 -5.93
N ILE A 13 10.89 1.53 -5.60
CA ILE A 13 10.39 2.52 -4.65
C ILE A 13 10.60 2.04 -3.22
N PHE A 14 10.02 0.89 -2.88
CA PHE A 14 10.14 0.33 -1.54
C PHE A 14 10.99 -0.94 -1.57
N THR A 15 11.47 -1.33 -0.38
CA THR A 15 12.30 -2.53 -0.27
C THR A 15 11.46 -3.80 -0.49
N ASP A 16 12.14 -4.94 -0.50
CA ASP A 16 11.45 -6.22 -0.70
C ASP A 16 10.51 -6.51 0.45
N GLU A 17 11.01 -6.34 1.68
CA GLU A 17 10.20 -6.59 2.87
C GLU A 17 8.97 -5.68 2.90
N GLN A 18 9.20 -4.39 2.71
CA GLN A 18 8.11 -3.42 2.70
C GLN A 18 7.01 -3.83 1.73
N LEU A 19 7.40 -4.12 0.50
CA LEU A 19 6.46 -4.53 -0.52
C LEU A 19 5.79 -5.85 -0.16
N GLU A 20 6.59 -6.85 0.19
CA GLU A 20 6.09 -8.16 0.56
C GLU A 20 5.01 -8.04 1.64
N ALA A 21 5.36 -7.38 2.75
CA ALA A 21 4.43 -7.20 3.85
C ALA A 21 3.21 -6.40 3.41
N LEU A 22 3.43 -5.17 2.95
CA LEU A 22 2.35 -4.31 2.49
C LEU A 22 1.36 -5.09 1.62
N GLU A 23 1.90 -5.82 0.64
CA GLU A 23 1.08 -6.61 -0.26
C GLU A 23 0.44 -7.79 0.47
N ASN A 24 1.20 -8.39 1.38
CA ASN A 24 0.70 -9.52 2.15
C ASN A 24 -0.46 -9.11 3.05
N LEU A 25 -0.43 -7.86 3.51
CA LEU A 25 -1.49 -7.35 4.37
C LEU A 25 -2.66 -6.82 3.55
N PHE A 26 -2.35 -6.05 2.52
CA PHE A 26 -3.37 -5.47 1.65
C PHE A 26 -4.19 -6.58 0.97
N GLN A 27 -3.50 -7.65 0.58
CA GLN A 27 -4.16 -8.77 -0.08
C GLN A 27 -5.20 -9.41 0.82
N GLU A 28 -4.77 -9.83 2.01
CA GLU A 28 -5.68 -10.46 2.97
C GLU A 28 -6.79 -9.49 3.38
N THR A 29 -6.40 -8.26 3.69
CA THR A 29 -7.36 -7.24 4.11
C THR A 29 -7.14 -5.94 3.34
N LYS A 30 -8.24 -5.38 2.83
CA LYS A 30 -8.17 -4.14 2.07
C LYS A 30 -7.79 -2.97 2.97
N TYR A 31 -8.36 -2.94 4.17
CA TYR A 31 -8.07 -1.88 5.14
C TYR A 31 -7.78 -2.46 6.51
N PRO A 32 -6.48 -2.51 6.87
CA PRO A 32 -6.03 -3.03 8.16
C PRO A 32 -6.41 -2.12 9.32
N ASP A 33 -6.16 -2.59 10.54
CA ASP A 33 -6.47 -1.81 11.73
C ASP A 33 -5.23 -1.12 12.27
N VAL A 34 -5.43 0.01 12.96
CA VAL A 34 -4.32 0.76 13.53
C VAL A 34 -3.32 -0.16 14.22
N GLY A 35 -3.84 -1.12 14.98
CA GLY A 35 -2.97 -2.05 15.68
C GLY A 35 -2.06 -2.81 14.74
N THR A 36 -2.61 -3.30 13.64
CA THR A 36 -1.83 -4.05 12.66
C THR A 36 -0.90 -3.14 11.89
N ARG A 37 -1.41 -2.00 11.46
CA ARG A 37 -0.62 -1.03 10.70
C ARG A 37 0.58 -0.56 11.52
N GLU A 38 0.33 -0.22 12.78
CA GLU A 38 1.40 0.25 13.67
C GLU A 38 2.55 -0.75 13.71
N GLN A 39 2.21 -2.02 13.91
CA GLN A 39 3.23 -3.07 13.98
C GLN A 39 3.91 -3.24 12.62
N LEU A 40 3.11 -3.39 11.57
CA LEU A 40 3.63 -3.56 10.23
C LEU A 40 4.70 -2.52 9.92
N ALA A 41 4.40 -1.27 10.25
CA ALA A 41 5.34 -0.18 10.01
C ALA A 41 6.73 -0.51 10.54
N ARG A 42 6.84 -0.60 11.86
CA ARG A 42 8.11 -0.92 12.49
C ARG A 42 8.70 -2.21 11.93
N LYS A 43 7.83 -3.12 11.52
CA LYS A 43 8.26 -4.39 10.96
C LYS A 43 8.96 -4.18 9.61
N VAL A 44 8.44 -3.25 8.82
CA VAL A 44 9.01 -2.96 7.51
C VAL A 44 9.88 -1.71 7.56
N HIS A 45 10.14 -1.22 8.78
CA HIS A 45 10.95 -0.03 8.97
C HIS A 45 10.34 1.17 8.26
N LEU A 46 9.04 1.36 8.46
CA LEU A 46 8.32 2.47 7.84
C LEU A 46 7.37 3.13 8.84
N ARG A 47 6.79 4.26 8.44
CA ARG A 47 5.87 4.99 9.30
C ARG A 47 4.42 4.58 9.02
N GLU A 48 3.66 4.35 10.09
CA GLU A 48 2.27 3.96 9.96
C GLU A 48 1.56 4.76 8.87
N GLU A 49 1.75 6.07 8.91
CA GLU A 49 1.14 6.96 7.93
C GLU A 49 1.41 6.48 6.51
N LYS A 50 2.68 6.19 6.23
CA LYS A 50 3.08 5.71 4.91
C LYS A 50 2.35 4.41 4.55
N VAL A 51 2.28 3.50 5.52
CA VAL A 51 1.61 2.22 5.30
C VAL A 51 0.22 2.41 4.71
N GLU A 52 -0.55 3.33 5.30
CA GLU A 52 -1.89 3.62 4.83
C GLU A 52 -1.87 4.10 3.38
N VAL A 53 -0.93 4.98 3.06
CA VAL A 53 -0.79 5.51 1.72
C VAL A 53 -0.65 4.40 0.69
N TRP A 54 0.38 3.59 0.84
CA TRP A 54 0.63 2.48 -0.07
C TRP A 54 -0.67 1.76 -0.43
N PHE A 55 -1.48 1.49 0.59
CA PHE A 55 -2.76 0.81 0.39
C PHE A 55 -3.67 1.62 -0.52
N LYS A 56 -3.80 2.91 -0.22
CA LYS A 56 -4.65 3.80 -1.01
C LYS A 56 -4.21 3.81 -2.48
N ASN A 57 -2.92 4.08 -2.70
CA ASN A 57 -2.37 4.11 -4.05
C ASN A 57 -2.54 2.76 -4.74
N ARG A 58 -2.23 1.69 -4.02
CA ARG A 58 -2.34 0.34 -4.57
C ARG A 58 -3.78 0.05 -4.99
N ARG A 59 -4.71 0.14 -4.04
CA ARG A 59 -6.11 -0.11 -4.32
C ARG A 59 -6.56 0.58 -5.60
N ALA A 60 -6.10 1.82 -5.79
CA ALA A 60 -6.43 2.60 -6.97
C ALA A 60 -6.25 1.77 -8.24
N LYS A 61 -5.22 0.94 -8.25
CA LYS A 61 -4.93 0.09 -9.40
C LYS A 61 -5.85 -1.13 -9.43
N TRP A 62 -6.14 -1.67 -8.25
CA TRP A 62 -7.01 -2.84 -8.14
C TRP A 62 -8.37 -2.56 -8.76
N ARG A 63 -8.95 -1.41 -8.42
CA ARG A 63 -10.25 -1.03 -8.94
C ARG A 63 -10.16 -0.67 -10.42
N ARG A 64 -9.08 -0.01 -10.79
CA ARG A 64 -8.86 0.40 -12.17
C ARG A 64 -8.94 -0.80 -13.11
N SER A 65 -8.15 -1.82 -12.84
CA SER A 65 -8.13 -3.03 -13.66
C SER A 65 -7.59 -2.73 -15.05
N GLY A 66 -6.56 -1.89 -15.11
CA GLY A 66 -5.97 -1.53 -16.40
C GLY A 66 -4.45 -1.53 -16.35
N PRO A 67 -3.83 -1.49 -17.54
CA PRO A 67 -2.37 -1.48 -17.67
C PRO A 67 -1.75 -0.18 -17.18
N SER A 68 -0.69 -0.30 -16.37
CA SER A 68 0.00 0.87 -15.84
C SER A 68 1.42 0.52 -15.43
N SER A 69 2.28 1.55 -15.39
CA SER A 69 3.68 1.35 -15.03
C SER A 69 4.13 2.41 -14.01
N GLY A 70 4.57 1.94 -12.85
CA GLY A 70 5.01 2.86 -11.82
C GLY A 70 3.90 3.76 -11.31
N GLY A 1 -12.15 13.15 3.13
CA GLY A 1 -11.98 14.38 3.87
C GLY A 1 -10.69 15.11 3.50
N SER A 2 -9.86 15.37 4.49
CA SER A 2 -8.59 16.07 4.26
C SER A 2 -7.57 15.13 3.61
N SER A 3 -6.97 15.60 2.53
CA SER A 3 -5.97 14.81 1.81
C SER A 3 -4.63 14.82 2.55
N GLY A 4 -3.98 13.66 2.58
CA GLY A 4 -2.69 13.55 3.25
C GLY A 4 -1.68 14.53 2.72
N SER A 5 -0.80 14.06 1.83
CA SER A 5 0.23 14.91 1.25
C SER A 5 -0.20 15.43 -0.12
N SER A 6 0.22 16.65 -0.44
CA SER A 6 -0.13 17.25 -1.71
C SER A 6 0.66 16.63 -2.86
N GLY A 7 1.90 16.25 -2.56
CA GLY A 7 2.74 15.64 -3.58
C GLY A 7 2.31 14.22 -3.91
N ARG A 8 1.49 14.09 -4.95
CA ARG A 8 1.00 12.77 -5.37
C ARG A 8 2.04 12.06 -6.23
N ARG A 9 2.64 12.80 -7.16
CA ARG A 9 3.65 12.24 -8.05
C ARG A 9 4.94 11.94 -7.29
N HIS A 10 5.38 12.90 -6.49
CA HIS A 10 6.60 12.74 -5.70
C HIS A 10 6.52 11.51 -4.81
N ARG A 11 7.43 10.56 -5.04
CA ARG A 11 7.46 9.33 -4.26
C ARG A 11 8.78 8.59 -4.47
N THR A 12 9.05 7.61 -3.61
CA THR A 12 10.27 6.84 -3.69
C THR A 12 9.98 5.36 -3.87
N ILE A 13 11.01 4.58 -4.17
CA ILE A 13 10.85 3.15 -4.37
C ILE A 13 10.95 2.39 -3.05
N PHE A 14 10.03 1.45 -2.85
CA PHE A 14 10.01 0.66 -1.62
C PHE A 14 10.88 -0.59 -1.77
N THR A 15 11.29 -1.15 -0.64
CA THR A 15 12.13 -2.35 -0.64
C THR A 15 11.28 -3.61 -0.75
N ASP A 16 11.86 -4.66 -1.33
CA ASP A 16 11.16 -5.92 -1.49
C ASP A 16 10.36 -6.27 -0.24
N GLU A 17 11.05 -6.37 0.89
CA GLU A 17 10.40 -6.70 2.16
C GLU A 17 9.19 -5.82 2.39
N GLN A 18 9.36 -4.51 2.22
CA GLN A 18 8.27 -3.55 2.41
C GLN A 18 7.07 -3.92 1.55
N LEU A 19 7.32 -4.20 0.27
CA LEU A 19 6.27 -4.57 -0.66
C LEU A 19 5.63 -5.90 -0.27
N GLU A 20 6.46 -6.81 0.24
CA GLU A 20 5.98 -8.13 0.65
C GLU A 20 4.95 -8.00 1.77
N ALA A 21 5.35 -7.37 2.87
CA ALA A 21 4.46 -7.19 4.01
C ALA A 21 3.20 -6.42 3.61
N LEU A 22 3.38 -5.33 2.88
CA LEU A 22 2.26 -4.51 2.43
C LEU A 22 1.29 -5.34 1.60
N GLU A 23 1.82 -6.11 0.67
CA GLU A 23 1.00 -6.96 -0.20
C GLU A 23 0.41 -8.12 0.59
N ASN A 24 1.10 -8.53 1.64
CA ASN A 24 0.64 -9.64 2.47
C ASN A 24 -0.56 -9.22 3.33
N LEU A 25 -0.61 -7.93 3.67
CA LEU A 25 -1.70 -7.39 4.49
C LEU A 25 -2.87 -6.97 3.60
N PHE A 26 -2.58 -6.25 2.54
CA PHE A 26 -3.60 -5.78 1.61
C PHE A 26 -4.31 -6.96 0.94
N GLN A 27 -3.60 -8.07 0.81
CA GLN A 27 -4.15 -9.27 0.19
C GLN A 27 -5.16 -9.95 1.11
N GLU A 28 -4.79 -10.10 2.38
CA GLU A 28 -5.66 -10.73 3.36
C GLU A 28 -6.81 -9.81 3.74
N THR A 29 -6.50 -8.52 3.89
CA THR A 29 -7.51 -7.53 4.25
C THR A 29 -7.42 -6.30 3.36
N LYS A 30 -8.58 -5.71 3.06
CA LYS A 30 -8.63 -4.53 2.21
C LYS A 30 -8.31 -3.27 3.00
N TYR A 31 -8.78 -3.22 4.24
CA TYR A 31 -8.53 -2.06 5.10
C TYR A 31 -8.11 -2.51 6.50
N PRO A 32 -6.81 -2.43 6.77
CA PRO A 32 -6.24 -2.81 8.07
C PRO A 32 -6.64 -1.86 9.18
N ASP A 33 -6.15 -2.12 10.40
CA ASP A 33 -6.45 -1.28 11.54
C ASP A 33 -5.18 -0.59 12.05
N VAL A 34 -5.37 0.45 12.86
CA VAL A 34 -4.25 1.20 13.42
C VAL A 34 -3.28 0.27 14.16
N GLY A 35 -3.84 -0.68 14.88
CA GLY A 35 -3.01 -1.62 15.63
C GLY A 35 -2.11 -2.45 14.72
N THR A 36 -2.67 -2.91 13.60
CA THR A 36 -1.91 -3.71 12.66
C THR A 36 -0.87 -2.86 11.93
N ARG A 37 -1.26 -1.66 11.54
CA ARG A 37 -0.37 -0.75 10.84
C ARG A 37 0.86 -0.42 11.69
N GLU A 38 0.62 -0.14 12.97
CA GLU A 38 1.69 0.19 13.90
C GLU A 38 2.75 -0.92 13.93
N GLN A 39 2.29 -2.16 14.09
CA GLN A 39 3.18 -3.31 14.14
C GLN A 39 3.93 -3.47 12.82
N LEU A 40 3.17 -3.63 11.74
CA LEU A 40 3.75 -3.80 10.42
C LEU A 40 4.80 -2.73 10.14
N ALA A 41 4.45 -1.48 10.39
CA ALA A 41 5.36 -0.36 10.18
C ALA A 41 6.75 -0.68 10.72
N ARG A 42 6.83 -0.91 12.03
CA ARG A 42 8.09 -1.22 12.68
C ARG A 42 8.76 -2.42 12.01
N LYS A 43 7.96 -3.38 11.57
CA LYS A 43 8.46 -4.58 10.92
C LYS A 43 9.10 -4.23 9.57
N VAL A 44 8.46 -3.33 8.84
CA VAL A 44 8.97 -2.91 7.54
C VAL A 44 9.83 -1.66 7.66
N HIS A 45 10.07 -1.23 8.89
CA HIS A 45 10.88 -0.04 9.13
C HIS A 45 10.30 1.18 8.44
N LEU A 46 9.00 1.38 8.61
CA LEU A 46 8.31 2.51 7.99
C LEU A 46 7.39 3.20 9.00
N ARG A 47 6.75 4.28 8.56
CA ARG A 47 5.83 5.03 9.42
C ARG A 47 4.38 4.60 9.18
N GLU A 48 3.63 4.44 10.26
CA GLU A 48 2.23 4.04 10.16
C GLU A 48 1.54 4.78 9.02
N GLU A 49 1.79 6.07 8.90
CA GLU A 49 1.19 6.88 7.85
C GLU A 49 1.49 6.30 6.48
N LYS A 50 2.77 6.01 6.22
CA LYS A 50 3.19 5.44 4.95
C LYS A 50 2.42 4.16 4.64
N VAL A 51 2.28 3.30 5.65
CA VAL A 51 1.58 2.04 5.49
C VAL A 51 0.22 2.26 4.80
N GLU A 52 -0.51 3.27 5.25
CA GLU A 52 -1.81 3.58 4.68
C GLU A 52 -1.67 4.16 3.28
N VAL A 53 -0.62 4.95 3.07
CA VAL A 53 -0.37 5.55 1.76
C VAL A 53 -0.38 4.51 0.66
N TRP A 54 0.35 3.42 0.86
CA TRP A 54 0.41 2.34 -0.11
C TRP A 54 -0.97 1.74 -0.37
N PHE A 55 -1.62 1.33 0.71
CA PHE A 55 -2.96 0.74 0.62
C PHE A 55 -3.89 1.62 -0.20
N LYS A 56 -3.49 2.88 -0.39
CA LYS A 56 -4.30 3.83 -1.14
C LYS A 56 -3.87 3.86 -2.61
N ASN A 57 -2.56 3.99 -2.83
CA ASN A 57 -2.02 4.03 -4.19
C ASN A 57 -2.20 2.68 -4.89
N ARG A 58 -2.26 1.62 -4.09
CA ARG A 58 -2.44 0.28 -4.63
C ARG A 58 -3.87 0.05 -5.08
N ARG A 59 -4.82 0.45 -4.24
CA ARG A 59 -6.24 0.29 -4.55
C ARG A 59 -6.54 0.80 -5.95
N ALA A 60 -6.04 1.99 -6.27
CA ALA A 60 -6.27 2.59 -7.58
C ALA A 60 -5.96 1.60 -8.69
N LYS A 61 -4.79 0.95 -8.60
CA LYS A 61 -4.38 -0.02 -9.60
C LYS A 61 -5.31 -1.22 -9.61
N TRP A 62 -5.84 -1.57 -8.44
CA TRP A 62 -6.75 -2.70 -8.32
C TRP A 62 -8.06 -2.43 -9.07
N ARG A 63 -8.72 -1.33 -8.73
CA ARG A 63 -9.98 -0.96 -9.37
C ARG A 63 -9.77 -0.71 -10.86
N ARG A 64 -8.73 0.04 -11.20
CA ARG A 64 -8.43 0.35 -12.58
C ARG A 64 -8.19 -0.92 -13.39
N SER A 65 -7.24 -1.74 -12.93
CA SER A 65 -6.90 -2.98 -13.62
C SER A 65 -8.16 -3.81 -13.88
N GLY A 66 -9.02 -3.91 -12.86
CA GLY A 66 -10.25 -4.67 -13.00
C GLY A 66 -10.86 -4.54 -14.38
N PRO A 67 -11.47 -5.63 -14.86
CA PRO A 67 -12.11 -5.65 -16.18
C PRO A 67 -13.37 -4.80 -16.23
N SER A 68 -13.76 -4.28 -15.07
CA SER A 68 -14.97 -3.44 -14.99
C SER A 68 -14.75 -2.11 -15.70
N SER A 69 -15.75 -1.71 -16.48
CA SER A 69 -15.67 -0.46 -17.23
C SER A 69 -15.72 0.74 -16.28
N GLY A 70 -16.78 0.81 -15.47
CA GLY A 70 -16.92 1.90 -14.52
C GLY A 70 -18.33 2.48 -14.52
N GLY A 1 -14.53 10.24 3.29
CA GLY A 1 -14.69 11.40 2.44
C GLY A 1 -14.99 11.04 1.00
N SER A 2 -16.15 11.47 0.51
CA SER A 2 -16.55 11.17 -0.86
C SER A 2 -15.39 11.37 -1.83
N SER A 3 -14.89 12.60 -1.90
CA SER A 3 -13.77 12.92 -2.78
C SER A 3 -12.54 13.34 -1.98
N GLY A 4 -11.36 13.03 -2.51
CA GLY A 4 -10.13 13.38 -1.84
C GLY A 4 -9.18 14.18 -2.72
N SER A 5 -9.73 15.14 -3.44
CA SER A 5 -8.94 15.97 -4.33
C SER A 5 -7.78 16.63 -3.58
N SER A 6 -8.08 17.14 -2.39
CA SER A 6 -7.07 17.79 -1.57
C SER A 6 -5.89 16.85 -1.28
N GLY A 7 -6.22 15.64 -0.85
CA GLY A 7 -5.17 14.66 -0.55
C GLY A 7 -4.20 14.50 -1.70
N ARG A 8 -3.04 15.14 -1.60
CA ARG A 8 -2.03 15.06 -2.63
C ARG A 8 -1.48 13.63 -2.74
N ARG A 9 -0.71 13.39 -3.80
CA ARG A 9 -0.12 12.07 -4.02
C ARG A 9 1.35 12.18 -4.41
N HIS A 10 2.20 11.49 -3.66
CA HIS A 10 3.63 11.51 -3.93
C HIS A 10 4.15 10.11 -4.25
N ARG A 11 5.15 10.05 -5.12
CA ARG A 11 5.74 8.77 -5.51
C ARG A 11 6.93 8.42 -4.63
N THR A 12 6.95 7.20 -4.12
CA THR A 12 8.03 6.75 -3.26
C THR A 12 8.36 5.28 -3.50
N ILE A 13 9.64 4.97 -3.63
CA ILE A 13 10.07 3.59 -3.87
C ILE A 13 10.23 2.83 -2.55
N PHE A 14 9.88 1.55 -2.57
CA PHE A 14 9.97 0.71 -1.39
C PHE A 14 10.86 -0.50 -1.66
N THR A 15 11.27 -1.18 -0.58
CA THR A 15 12.12 -2.35 -0.70
C THR A 15 11.29 -3.62 -0.84
N ASP A 16 11.82 -4.61 -1.54
CA ASP A 16 11.13 -5.88 -1.75
C ASP A 16 10.41 -6.31 -0.47
N GLU A 17 11.16 -6.42 0.62
CA GLU A 17 10.59 -6.83 1.90
C GLU A 17 9.40 -5.94 2.28
N GLN A 18 9.63 -4.63 2.29
CA GLN A 18 8.59 -3.67 2.63
C GLN A 18 7.32 -3.96 1.83
N LEU A 19 7.46 -4.15 0.53
CA LEU A 19 6.33 -4.42 -0.34
C LEU A 19 5.69 -5.77 0.00
N GLU A 20 6.53 -6.78 0.19
CA GLU A 20 6.04 -8.11 0.52
C GLU A 20 4.98 -8.06 1.61
N ALA A 21 5.32 -7.41 2.73
CA ALA A 21 4.39 -7.28 3.85
C ALA A 21 3.13 -6.53 3.42
N LEU A 22 3.30 -5.30 2.96
CA LEU A 22 2.17 -4.48 2.52
C LEU A 22 1.24 -5.28 1.63
N GLU A 23 1.81 -6.09 0.75
CA GLU A 23 1.02 -6.91 -0.17
C GLU A 23 0.38 -8.07 0.57
N ASN A 24 1.13 -8.67 1.49
CA ASN A 24 0.63 -9.80 2.26
C ASN A 24 -0.54 -9.38 3.15
N LEU A 25 -0.51 -8.14 3.61
CA LEU A 25 -1.57 -7.61 4.46
C LEU A 25 -2.70 -7.02 3.63
N PHE A 26 -2.34 -6.21 2.64
CA PHE A 26 -3.33 -5.57 1.78
C PHE A 26 -4.14 -6.63 1.03
N GLN A 27 -3.52 -7.78 0.77
CA GLN A 27 -4.18 -8.87 0.06
C GLN A 27 -5.29 -9.48 0.91
N GLU A 28 -4.96 -9.79 2.16
CA GLU A 28 -5.92 -10.38 3.09
C GLU A 28 -6.99 -9.36 3.48
N THR A 29 -6.57 -8.13 3.73
CA THR A 29 -7.48 -7.07 4.13
C THR A 29 -7.19 -5.78 3.36
N LYS A 30 -8.25 -5.13 2.87
CA LYS A 30 -8.10 -3.90 2.11
C LYS A 30 -7.68 -2.75 3.03
N TYR A 31 -8.28 -2.70 4.22
CA TYR A 31 -7.97 -1.65 5.18
C TYR A 31 -7.77 -2.24 6.57
N PRO A 32 -6.50 -2.38 6.99
CA PRO A 32 -6.13 -2.93 8.29
C PRO A 32 -6.50 -1.99 9.43
N ASP A 33 -6.35 -2.47 10.66
CA ASP A 33 -6.67 -1.67 11.84
C ASP A 33 -5.42 -0.93 12.35
N VAL A 34 -5.64 0.23 12.95
CA VAL A 34 -4.53 1.03 13.48
C VAL A 34 -3.50 0.13 14.18
N GLY A 35 -3.99 -0.87 14.89
CA GLY A 35 -3.10 -1.78 15.59
C GLY A 35 -2.14 -2.49 14.66
N THR A 36 -2.68 -3.09 13.60
CA THR A 36 -1.87 -3.81 12.63
C THR A 36 -0.92 -2.86 11.90
N ARG A 37 -1.43 -1.70 11.52
CA ARG A 37 -0.63 -0.71 10.80
C ARG A 37 0.60 -0.33 11.62
N GLU A 38 0.41 -0.08 12.90
CA GLU A 38 1.51 0.30 13.79
C GLU A 38 2.59 -0.79 13.80
N GLN A 39 2.18 -2.02 14.11
CA GLN A 39 3.11 -3.14 14.15
C GLN A 39 3.81 -3.32 12.81
N LEU A 40 3.02 -3.48 11.75
CA LEU A 40 3.57 -3.66 10.42
C LEU A 40 4.66 -2.63 10.12
N ALA A 41 4.34 -1.36 10.37
CA ALA A 41 5.29 -0.28 10.14
C ALA A 41 6.67 -0.63 10.68
N ARG A 42 6.75 -0.76 12.01
CA ARG A 42 8.01 -1.10 12.66
C ARG A 42 8.62 -2.35 12.07
N LYS A 43 7.77 -3.30 11.70
CA LYS A 43 8.22 -4.56 11.11
C LYS A 43 8.90 -4.31 9.76
N VAL A 44 8.32 -3.41 8.97
CA VAL A 44 8.87 -3.09 7.66
C VAL A 44 9.76 -1.85 7.73
N HIS A 45 9.93 -1.32 8.93
CA HIS A 45 10.76 -0.13 9.13
C HIS A 45 10.18 1.06 8.38
N LEU A 46 8.89 1.29 8.53
CA LEU A 46 8.22 2.40 7.86
C LEU A 46 7.30 3.15 8.83
N ARG A 47 6.82 4.30 8.41
CA ARG A 47 5.93 5.11 9.22
C ARG A 47 4.47 4.68 9.05
N GLU A 48 3.73 4.65 10.15
CA GLU A 48 2.33 4.25 10.11
C GLU A 48 1.63 4.86 8.89
N GLU A 49 1.87 6.15 8.67
CA GLU A 49 1.26 6.85 7.54
C GLU A 49 1.62 6.18 6.22
N LYS A 50 2.91 5.96 6.00
CA LYS A 50 3.39 5.32 4.79
C LYS A 50 2.61 4.05 4.50
N VAL A 51 2.41 3.24 5.53
CA VAL A 51 1.67 1.99 5.39
C VAL A 51 0.33 2.21 4.70
N GLU A 52 -0.42 3.19 5.19
CA GLU A 52 -1.73 3.51 4.63
C GLU A 52 -1.60 4.02 3.20
N VAL A 53 -0.62 4.89 2.97
CA VAL A 53 -0.38 5.45 1.65
C VAL A 53 -0.29 4.35 0.59
N TRP A 54 0.65 3.44 0.79
CA TRP A 54 0.85 2.33 -0.15
C TRP A 54 -0.47 1.62 -0.43
N PHE A 55 -1.11 1.14 0.63
CA PHE A 55 -2.38 0.43 0.49
C PHE A 55 -3.31 1.15 -0.48
N LYS A 56 -3.38 2.47 -0.35
CA LYS A 56 -4.22 3.28 -1.23
C LYS A 56 -3.67 3.29 -2.66
N ASN A 57 -2.39 3.60 -2.79
CA ASN A 57 -1.74 3.64 -4.10
C ASN A 57 -2.02 2.35 -4.88
N ARG A 58 -2.12 1.24 -4.17
CA ARG A 58 -2.38 -0.04 -4.79
C ARG A 58 -3.86 -0.21 -5.10
N ARG A 59 -4.71 0.12 -4.12
CA ARG A 59 -6.16 0.00 -4.29
C ARG A 59 -6.60 0.68 -5.57
N ALA A 60 -6.03 1.84 -5.86
CA ALA A 60 -6.38 2.60 -7.07
C ALA A 60 -6.35 1.70 -8.29
N LYS A 61 -5.32 0.87 -8.39
CA LYS A 61 -5.17 -0.04 -9.52
C LYS A 61 -6.25 -1.11 -9.51
N TRP A 62 -6.52 -1.66 -8.32
CA TRP A 62 -7.54 -2.70 -8.18
C TRP A 62 -8.93 -2.14 -8.50
N ARG A 63 -9.12 -0.86 -8.23
CA ARG A 63 -10.39 -0.20 -8.48
C ARG A 63 -10.50 0.24 -9.95
N ARG A 64 -9.41 0.78 -10.47
CA ARG A 64 -9.37 1.24 -11.85
C ARG A 64 -9.52 0.07 -12.82
N SER A 65 -8.80 -1.01 -12.53
CA SER A 65 -8.84 -2.19 -13.38
C SER A 65 -9.42 -3.39 -12.63
N GLY A 66 -10.53 -3.91 -13.11
CA GLY A 66 -11.17 -5.05 -12.47
C GLY A 66 -12.54 -5.35 -13.04
N PRO A 67 -13.33 -6.14 -12.31
CA PRO A 67 -14.69 -6.52 -12.72
C PRO A 67 -15.66 -5.34 -12.68
N SER A 68 -16.34 -5.11 -13.78
CA SER A 68 -17.31 -4.01 -13.87
C SER A 68 -18.73 -4.51 -13.61
N SER A 69 -19.38 -3.91 -12.61
CA SER A 69 -20.73 -4.29 -12.25
C SER A 69 -21.76 -3.57 -13.14
N GLY A 70 -22.94 -4.15 -13.25
CA GLY A 70 -23.99 -3.55 -14.05
C GLY A 70 -25.21 -3.17 -13.25
N GLY A 1 -8.35 11.52 2.99
CA GLY A 1 -8.03 12.64 3.85
C GLY A 1 -6.56 12.71 4.20
N SER A 2 -6.21 13.58 5.14
CA SER A 2 -4.82 13.75 5.55
C SER A 2 -3.92 14.02 4.35
N SER A 3 -4.42 14.82 3.41
CA SER A 3 -3.68 15.16 2.21
C SER A 3 -3.00 16.52 2.35
N GLY A 4 -1.76 16.61 1.87
CA GLY A 4 -1.02 17.86 1.96
C GLY A 4 -0.22 18.15 0.71
N SER A 5 0.99 17.60 0.64
CA SER A 5 1.86 17.80 -0.51
C SER A 5 2.63 16.53 -0.84
N SER A 6 3.31 16.53 -1.98
CA SER A 6 4.09 15.37 -2.42
C SER A 6 5.26 15.80 -3.29
N GLY A 7 6.29 14.95 -3.35
CA GLY A 7 7.46 15.26 -4.15
C GLY A 7 7.09 15.79 -5.52
N ARG A 8 8.01 16.55 -6.13
CA ARG A 8 7.79 17.11 -7.45
C ARG A 8 8.56 16.33 -8.51
N ARG A 9 7.85 15.66 -9.40
CA ARG A 9 8.46 14.89 -10.46
C ARG A 9 9.46 13.89 -9.89
N HIS A 10 9.10 13.25 -8.78
CA HIS A 10 9.97 12.27 -8.13
C HIS A 10 9.19 11.00 -7.79
N ARG A 11 9.66 9.87 -8.29
CA ARG A 11 9.01 8.59 -8.03
C ARG A 11 9.57 7.93 -6.77
N THR A 12 8.68 7.43 -5.93
CA THR A 12 9.10 6.78 -4.69
C THR A 12 9.21 5.27 -4.88
N ILE A 13 10.23 4.68 -4.25
CA ILE A 13 10.45 3.24 -4.34
C ILE A 13 10.52 2.61 -2.96
N PHE A 14 10.15 1.33 -2.88
CA PHE A 14 10.18 0.61 -1.61
C PHE A 14 10.98 -0.69 -1.74
N THR A 15 11.47 -1.19 -0.61
CA THR A 15 12.25 -2.41 -0.60
C THR A 15 11.36 -3.64 -0.71
N ASP A 16 11.91 -4.71 -1.28
CA ASP A 16 11.17 -5.95 -1.46
C ASP A 16 10.44 -6.34 -0.18
N GLU A 17 11.17 -6.39 0.92
CA GLU A 17 10.60 -6.74 2.21
C GLU A 17 9.37 -5.90 2.51
N GLN A 18 9.51 -4.58 2.33
CA GLN A 18 8.41 -3.66 2.59
C GLN A 18 7.18 -4.03 1.75
N LEU A 19 7.42 -4.35 0.49
CA LEU A 19 6.33 -4.72 -0.42
C LEU A 19 5.70 -6.04 0.00
N GLU A 20 6.53 -7.04 0.27
CA GLU A 20 6.05 -8.35 0.69
C GLU A 20 5.07 -8.23 1.85
N ALA A 21 5.47 -7.51 2.89
CA ALA A 21 4.64 -7.31 4.06
C ALA A 21 3.35 -6.56 3.69
N LEU A 22 3.51 -5.37 3.13
CA LEU A 22 2.37 -4.56 2.74
C LEU A 22 1.36 -5.38 1.95
N GLU A 23 1.82 -5.95 0.84
CA GLU A 23 0.96 -6.77 -0.01
C GLU A 23 0.32 -7.90 0.79
N ASN A 24 1.09 -8.47 1.70
CA ASN A 24 0.60 -9.56 2.54
C ASN A 24 -0.57 -9.11 3.41
N LEU A 25 -0.58 -7.82 3.75
CA LEU A 25 -1.65 -7.26 4.57
C LEU A 25 -2.83 -6.83 3.71
N PHE A 26 -2.55 -6.08 2.66
CA PHE A 26 -3.58 -5.60 1.75
C PHE A 26 -4.29 -6.77 1.06
N GLN A 27 -3.55 -7.86 0.87
CA GLN A 27 -4.11 -9.05 0.23
C GLN A 27 -5.11 -9.75 1.15
N GLU A 28 -4.68 -10.06 2.37
CA GLU A 28 -5.53 -10.73 3.33
C GLU A 28 -6.74 -9.87 3.68
N THR A 29 -6.50 -8.61 4.00
CA THR A 29 -7.56 -7.69 4.35
C THR A 29 -7.50 -6.42 3.51
N LYS A 30 -8.64 -6.02 2.96
CA LYS A 30 -8.70 -4.81 2.14
C LYS A 30 -8.37 -3.57 2.94
N TYR A 31 -8.96 -3.47 4.13
CA TYR A 31 -8.72 -2.33 5.01
C TYR A 31 -8.25 -2.79 6.39
N PRO A 32 -6.93 -2.68 6.63
CA PRO A 32 -6.32 -3.08 7.90
C PRO A 32 -6.71 -2.14 9.04
N ASP A 33 -6.41 -2.56 10.27
CA ASP A 33 -6.72 -1.76 11.45
C ASP A 33 -5.49 -1.02 11.95
N VAL A 34 -5.70 0.11 12.61
CA VAL A 34 -4.61 0.91 13.15
C VAL A 34 -3.59 0.03 13.88
N GLY A 35 -4.09 -0.91 14.67
CA GLY A 35 -3.22 -1.80 15.41
C GLY A 35 -2.25 -2.55 14.50
N THR A 36 -2.77 -3.07 13.39
CA THR A 36 -1.95 -3.81 12.45
C THR A 36 -0.92 -2.90 11.78
N ARG A 37 -1.38 -1.74 11.33
CA ARG A 37 -0.50 -0.78 10.67
C ARG A 37 0.70 -0.44 11.55
N GLU A 38 0.43 -0.10 12.80
CA GLU A 38 1.50 0.25 13.75
C GLU A 38 2.59 -0.82 13.74
N GLN A 39 2.18 -2.06 13.94
CA GLN A 39 3.13 -3.18 13.97
C GLN A 39 3.82 -3.33 12.62
N LEU A 40 3.03 -3.41 11.56
CA LEU A 40 3.57 -3.55 10.21
C LEU A 40 4.66 -2.53 9.95
N ALA A 41 4.40 -1.28 10.31
CA ALA A 41 5.36 -0.20 10.11
C ALA A 41 6.73 -0.58 10.64
N ARG A 42 6.84 -0.73 11.96
CA ARG A 42 8.09 -1.09 12.59
C ARG A 42 8.65 -2.38 11.99
N LYS A 43 7.76 -3.26 11.55
CA LYS A 43 8.16 -4.53 10.95
C LYS A 43 8.88 -4.30 9.63
N VAL A 44 8.35 -3.37 8.82
CA VAL A 44 8.95 -3.06 7.53
C VAL A 44 9.85 -1.83 7.63
N HIS A 45 10.10 -1.38 8.85
CA HIS A 45 10.94 -0.21 9.08
C HIS A 45 10.37 1.02 8.39
N LEU A 46 9.07 1.25 8.57
CA LEU A 46 8.40 2.38 7.95
C LEU A 46 7.48 3.08 8.96
N ARG A 47 6.90 4.20 8.54
CA ARG A 47 6.01 4.97 9.41
C ARG A 47 4.55 4.59 9.14
N GLU A 48 3.74 4.62 10.19
CA GLU A 48 2.33 4.29 10.08
C GLU A 48 1.67 5.06 8.94
N GLU A 49 1.99 6.36 8.84
CA GLU A 49 1.44 7.21 7.80
C GLU A 49 1.80 6.68 6.42
N LYS A 50 3.07 6.34 6.23
CA LYS A 50 3.56 5.82 4.96
C LYS A 50 2.84 4.53 4.59
N VAL A 51 2.76 3.61 5.56
CA VAL A 51 2.09 2.33 5.33
C VAL A 51 0.70 2.53 4.75
N GLU A 52 -0.06 3.44 5.34
CA GLU A 52 -1.42 3.72 4.87
C GLU A 52 -1.41 4.18 3.42
N VAL A 53 -0.47 5.06 3.09
CA VAL A 53 -0.35 5.58 1.72
C VAL A 53 -0.31 4.45 0.71
N TRP A 54 0.65 3.54 0.88
CA TRP A 54 0.81 2.41 -0.02
C TRP A 54 -0.55 1.80 -0.36
N PHE A 55 -1.38 1.59 0.66
CA PHE A 55 -2.70 1.01 0.47
C PHE A 55 -3.51 1.85 -0.53
N LYS A 56 -3.46 3.16 -0.37
CA LYS A 56 -4.19 4.07 -1.25
C LYS A 56 -3.79 3.86 -2.71
N ASN A 57 -2.49 3.89 -2.96
CA ASN A 57 -1.97 3.70 -4.32
C ASN A 57 -2.51 2.42 -4.93
N ARG A 58 -2.17 1.28 -4.34
CA ARG A 58 -2.62 -0.01 -4.83
C ARG A 58 -4.12 0.00 -5.06
N ARG A 59 -4.88 0.33 -4.02
CA ARG A 59 -6.33 0.37 -4.12
C ARG A 59 -6.78 1.01 -5.42
N ALA A 60 -6.06 2.05 -5.85
CA ALA A 60 -6.38 2.74 -7.08
C ALA A 60 -6.36 1.79 -8.27
N LYS A 61 -5.29 1.01 -8.38
CA LYS A 61 -5.16 0.05 -9.47
C LYS A 61 -6.25 -1.02 -9.41
N TRP A 62 -6.69 -1.32 -8.19
CA TRP A 62 -7.73 -2.32 -7.99
C TRP A 62 -9.07 -1.83 -8.52
N ARG A 63 -9.58 -0.75 -7.95
CA ARG A 63 -10.85 -0.17 -8.38
C ARG A 63 -10.83 0.15 -9.87
N ARG A 64 -9.68 0.62 -10.36
CA ARG A 64 -9.54 0.96 -11.77
C ARG A 64 -9.70 -0.27 -12.65
N SER A 65 -8.89 -1.29 -12.40
CA SER A 65 -8.94 -2.53 -13.17
C SER A 65 -10.38 -3.07 -13.23
N GLY A 66 -10.94 -3.34 -12.07
CA GLY A 66 -12.30 -3.86 -12.01
C GLY A 66 -13.33 -2.87 -12.52
N PRO A 67 -14.06 -3.27 -13.57
CA PRO A 67 -15.09 -2.42 -14.19
C PRO A 67 -16.30 -2.22 -13.28
N SER A 68 -16.44 -1.01 -12.75
CA SER A 68 -17.55 -0.69 -11.85
C SER A 68 -18.88 -0.74 -12.60
N SER A 69 -19.97 -0.85 -11.85
CA SER A 69 -21.30 -0.91 -12.44
C SER A 69 -22.30 -0.10 -11.62
N GLY A 70 -23.24 0.53 -12.29
CA GLY A 70 -24.25 1.33 -11.61
C GLY A 70 -25.65 0.88 -11.92
N GLY A 1 -2.21 -18.82 -23.61
CA GLY A 1 -1.17 -17.87 -23.24
C GLY A 1 -0.33 -17.43 -24.42
N SER A 2 -0.62 -16.25 -24.95
CA SER A 2 0.11 -15.73 -26.10
C SER A 2 1.52 -15.30 -25.69
N SER A 3 1.61 -14.51 -24.63
CA SER A 3 2.89 -14.03 -24.15
C SER A 3 2.79 -13.60 -22.68
N GLY A 4 3.94 -13.29 -22.08
CA GLY A 4 3.96 -12.87 -20.69
C GLY A 4 5.16 -12.01 -20.37
N SER A 5 4.94 -10.92 -19.63
CA SER A 5 6.01 -10.00 -19.27
C SER A 5 6.25 -10.05 -17.76
N SER A 6 7.52 -9.88 -17.38
CA SER A 6 7.89 -9.90 -15.97
C SER A 6 7.75 -8.52 -15.33
N GLY A 7 8.25 -7.50 -16.03
CA GLY A 7 8.16 -6.14 -15.53
C GLY A 7 9.24 -5.83 -14.51
N ARG A 8 10.35 -5.27 -14.98
CA ARG A 8 11.46 -4.92 -14.10
C ARG A 8 11.73 -3.42 -14.12
N ARG A 9 11.71 -2.80 -12.95
CA ARG A 9 11.95 -1.37 -12.85
C ARG A 9 13.38 -1.08 -12.38
N HIS A 10 13.85 0.13 -12.64
CA HIS A 10 15.20 0.52 -12.25
C HIS A 10 15.32 0.61 -10.73
N ARG A 11 14.57 1.53 -10.14
CA ARG A 11 14.60 1.71 -8.68
C ARG A 11 13.18 1.89 -8.14
N THR A 12 13.02 1.65 -6.84
CA THR A 12 11.73 1.78 -6.20
C THR A 12 11.87 2.38 -4.80
N ILE A 13 10.88 3.19 -4.41
CA ILE A 13 10.89 3.82 -3.10
C ILE A 13 11.03 2.78 -1.99
N PHE A 14 10.07 1.87 -1.93
CA PHE A 14 10.08 0.82 -0.91
C PHE A 14 10.99 -0.33 -1.33
N THR A 15 11.25 -1.24 -0.39
CA THR A 15 12.11 -2.39 -0.66
C THR A 15 11.29 -3.66 -0.81
N ASP A 16 11.90 -4.69 -1.40
CA ASP A 16 11.23 -5.96 -1.60
C ASP A 16 10.45 -6.38 -0.35
N GLU A 17 11.15 -6.45 0.77
CA GLU A 17 10.54 -6.83 2.03
C GLU A 17 9.33 -5.97 2.34
N GLN A 18 9.52 -4.65 2.28
CA GLN A 18 8.43 -3.72 2.55
C GLN A 18 7.21 -4.04 1.71
N LEU A 19 7.42 -4.27 0.41
CA LEU A 19 6.33 -4.61 -0.49
C LEU A 19 5.67 -5.92 -0.11
N GLU A 20 6.49 -6.94 0.13
CA GLU A 20 5.99 -8.26 0.51
C GLU A 20 4.97 -8.14 1.63
N ALA A 21 5.33 -7.45 2.70
CA ALA A 21 4.45 -7.27 3.85
C ALA A 21 3.21 -6.48 3.45
N LEU A 22 3.42 -5.24 3.01
CA LEU A 22 2.32 -4.38 2.60
C LEU A 22 1.30 -5.16 1.77
N GLU A 23 1.78 -5.85 0.75
CA GLU A 23 0.92 -6.64 -0.13
C GLU A 23 0.30 -7.80 0.64
N ASN A 24 1.11 -8.49 1.42
CA ASN A 24 0.64 -9.63 2.21
C ASN A 24 -0.54 -9.23 3.09
N LEU A 25 -0.51 -7.99 3.58
CA LEU A 25 -1.58 -7.49 4.44
C LEU A 25 -2.74 -6.97 3.61
N PHE A 26 -2.43 -6.13 2.63
CA PHE A 26 -3.46 -5.55 1.76
C PHE A 26 -4.26 -6.64 1.07
N GLN A 27 -3.59 -7.75 0.76
CA GLN A 27 -4.24 -8.87 0.08
C GLN A 27 -5.27 -9.53 1.00
N GLU A 28 -4.83 -9.92 2.19
CA GLU A 28 -5.71 -10.56 3.16
C GLU A 28 -6.80 -9.60 3.62
N THR A 29 -6.47 -8.32 3.71
CA THR A 29 -7.41 -7.31 4.13
C THR A 29 -7.26 -6.02 3.31
N LYS A 30 -8.38 -5.39 3.01
CA LYS A 30 -8.38 -4.15 2.23
C LYS A 30 -7.97 -2.96 3.09
N TYR A 31 -8.53 -2.90 4.30
CA TYR A 31 -8.24 -1.81 5.22
C TYR A 31 -7.87 -2.35 6.59
N PRO A 32 -6.56 -2.37 6.89
CA PRO A 32 -6.05 -2.86 8.18
C PRO A 32 -6.40 -1.93 9.33
N ASP A 33 -6.21 -2.41 10.56
CA ASP A 33 -6.51 -1.62 11.74
C ASP A 33 -5.25 -0.95 12.28
N VAL A 34 -5.43 0.19 12.94
CA VAL A 34 -4.31 0.94 13.50
C VAL A 34 -3.33 0.02 14.21
N GLY A 35 -3.87 -0.91 14.99
CA GLY A 35 -3.03 -1.86 15.72
C GLY A 35 -2.15 -2.68 14.80
N THR A 36 -2.72 -3.13 13.68
CA THR A 36 -1.98 -3.94 12.73
C THR A 36 -0.97 -3.10 11.95
N ARG A 37 -1.40 -1.91 11.52
CA ARG A 37 -0.54 -1.01 10.77
C ARG A 37 0.68 -0.62 11.60
N GLU A 38 0.44 -0.19 12.83
CA GLU A 38 1.51 0.21 13.73
C GLU A 38 2.60 -0.86 13.80
N GLN A 39 2.18 -2.10 13.97
CA GLN A 39 3.12 -3.22 14.05
C GLN A 39 3.85 -3.41 12.73
N LEU A 40 3.09 -3.58 11.66
CA LEU A 40 3.67 -3.78 10.33
C LEU A 40 4.73 -2.73 10.04
N ALA A 41 4.39 -1.47 10.29
CA ALA A 41 5.31 -0.36 10.06
C ALA A 41 6.69 -0.67 10.64
N ARG A 42 6.75 -0.79 11.96
CA ARG A 42 8.01 -1.08 12.64
C ARG A 42 8.66 -2.34 12.08
N LYS A 43 7.84 -3.30 11.70
CA LYS A 43 8.33 -4.56 11.13
C LYS A 43 9.02 -4.31 9.79
N VAL A 44 8.46 -3.41 9.00
CA VAL A 44 9.03 -3.09 7.69
C VAL A 44 9.91 -1.84 7.77
N HIS A 45 10.11 -1.35 8.98
CA HIS A 45 10.93 -0.15 9.19
C HIS A 45 10.35 1.05 8.46
N LEU A 46 9.05 1.24 8.59
CA LEU A 46 8.37 2.35 7.93
C LEU A 46 7.43 3.07 8.90
N ARG A 47 6.79 4.13 8.42
CA ARG A 47 5.86 4.90 9.23
C ARG A 47 4.42 4.49 8.95
N GLU A 48 3.59 4.52 9.99
CA GLU A 48 2.19 4.16 9.86
C GLU A 48 1.54 4.91 8.70
N GLU A 49 1.74 6.22 8.67
CA GLU A 49 1.17 7.06 7.62
C GLU A 49 1.56 6.54 6.24
N LYS A 50 2.84 6.24 6.07
CA LYS A 50 3.35 5.74 4.80
C LYS A 50 2.61 4.46 4.39
N VAL A 51 2.46 3.54 5.33
CA VAL A 51 1.77 2.28 5.08
C VAL A 51 0.40 2.52 4.44
N GLU A 52 -0.36 3.43 5.04
CA GLU A 52 -1.69 3.76 4.54
C GLU A 52 -1.62 4.27 3.10
N VAL A 53 -0.65 5.15 2.85
CA VAL A 53 -0.47 5.73 1.52
C VAL A 53 -0.44 4.64 0.45
N TRP A 54 0.44 3.67 0.63
CA TRP A 54 0.57 2.57 -0.32
C TRP A 54 -0.77 1.90 -0.56
N PHE A 55 -1.38 1.40 0.51
CA PHE A 55 -2.67 0.73 0.41
C PHE A 55 -3.61 1.48 -0.53
N LYS A 56 -3.62 2.81 -0.41
CA LYS A 56 -4.46 3.64 -1.26
C LYS A 56 -3.98 3.61 -2.71
N ASN A 57 -2.68 3.80 -2.90
CA ASN A 57 -2.10 3.80 -4.24
C ASN A 57 -2.37 2.47 -4.94
N ARG A 58 -2.37 1.39 -4.18
CA ARG A 58 -2.62 0.06 -4.73
C ARG A 58 -4.11 -0.15 -4.98
N ARG A 59 -4.93 0.28 -4.03
CA ARG A 59 -6.38 0.13 -4.15
C ARG A 59 -6.87 0.62 -5.51
N ALA A 60 -6.31 1.74 -5.96
CA ALA A 60 -6.69 2.30 -7.25
C ALA A 60 -6.38 1.35 -8.38
N LYS A 61 -5.21 0.73 -8.34
CA LYS A 61 -4.79 -0.22 -9.36
C LYS A 61 -5.66 -1.48 -9.32
N TRP A 62 -5.89 -1.99 -8.12
CA TRP A 62 -6.71 -3.18 -7.95
C TRP A 62 -8.03 -3.07 -8.70
N ARG A 63 -8.69 -1.92 -8.52
CA ARG A 63 -9.98 -1.68 -9.18
C ARG A 63 -9.78 -1.39 -10.67
N ARG A 64 -8.72 -0.65 -10.99
CA ARG A 64 -8.41 -0.31 -12.37
C ARG A 64 -8.35 -1.56 -13.24
N SER A 65 -7.64 -2.58 -12.75
CA SER A 65 -7.50 -3.83 -13.49
C SER A 65 -8.83 -4.58 -13.55
N GLY A 66 -9.38 -4.89 -12.38
CA GLY A 66 -10.64 -5.61 -12.33
C GLY A 66 -11.80 -4.78 -12.86
N PRO A 67 -12.91 -5.46 -13.17
CA PRO A 67 -14.11 -4.80 -13.69
C PRO A 67 -14.81 -3.95 -12.64
N SER A 68 -15.72 -3.09 -13.10
CA SER A 68 -16.46 -2.21 -12.19
C SER A 68 -17.70 -1.65 -12.89
N SER A 69 -18.48 -0.88 -12.13
CA SER A 69 -19.70 -0.28 -12.67
C SER A 69 -19.43 0.42 -13.99
N GLY A 70 -18.34 1.19 -14.04
CA GLY A 70 -17.99 1.91 -15.25
C GLY A 70 -18.26 3.40 -15.15
N GLY A 1 -9.72 18.92 -6.65
CA GLY A 1 -9.87 18.35 -7.98
C GLY A 1 -8.70 17.47 -8.37
N SER A 2 -7.61 18.10 -8.80
CA SER A 2 -6.42 17.37 -9.21
C SER A 2 -5.15 18.10 -8.78
N SER A 3 -4.16 17.34 -8.33
CA SER A 3 -2.89 17.91 -7.88
C SER A 3 -1.74 16.95 -8.14
N GLY A 4 -0.52 17.48 -8.08
CA GLY A 4 0.65 16.65 -8.31
C GLY A 4 0.99 15.78 -7.13
N SER A 5 -0.01 15.08 -6.61
CA SER A 5 0.18 14.20 -5.46
C SER A 5 1.09 13.04 -5.82
N SER A 6 0.68 12.25 -6.81
CA SER A 6 1.46 11.10 -7.25
C SER A 6 2.92 11.47 -7.45
N GLY A 7 3.15 12.55 -8.19
CA GLY A 7 4.51 13.00 -8.44
C GLY A 7 5.17 13.57 -7.21
N ARG A 8 5.72 12.69 -6.38
CA ARG A 8 6.39 13.12 -5.15
C ARG A 8 7.89 13.25 -5.36
N ARG A 9 8.42 14.46 -5.11
CA ARG A 9 9.84 14.71 -5.28
C ARG A 9 10.67 13.69 -4.51
N HIS A 10 10.22 13.34 -3.31
CA HIS A 10 10.92 12.38 -2.47
C HIS A 10 11.38 11.18 -3.29
N ARG A 11 10.46 10.60 -4.03
CA ARG A 11 10.77 9.43 -4.87
C ARG A 11 11.37 8.31 -4.03
N THR A 12 10.74 8.04 -2.88
CA THR A 12 11.22 6.99 -1.99
C THR A 12 10.84 5.61 -2.51
N ILE A 13 11.78 4.68 -2.46
CA ILE A 13 11.54 3.31 -2.93
C ILE A 13 11.44 2.34 -1.75
N PHE A 14 10.78 1.22 -1.98
CA PHE A 14 10.62 0.19 -0.94
C PHE A 14 11.35 -1.09 -1.33
N THR A 15 11.75 -1.85 -0.32
CA THR A 15 12.45 -3.11 -0.54
C THR A 15 11.47 -4.28 -0.63
N ASP A 16 11.96 -5.41 -1.13
CA ASP A 16 11.13 -6.60 -1.27
C ASP A 16 10.39 -6.90 0.03
N GLU A 17 11.11 -6.84 1.15
CA GLU A 17 10.53 -7.12 2.46
C GLU A 17 9.42 -6.12 2.77
N GLN A 18 9.70 -4.84 2.58
CA GLN A 18 8.73 -3.78 2.84
C GLN A 18 7.48 -3.98 2.00
N LEU A 19 7.66 -4.20 0.70
CA LEU A 19 6.54 -4.41 -0.20
C LEU A 19 5.80 -5.70 0.14
N GLU A 20 6.55 -6.74 0.46
CA GLU A 20 5.96 -8.03 0.81
C GLU A 20 4.90 -7.87 1.89
N ALA A 21 5.27 -7.22 2.99
CA ALA A 21 4.34 -6.99 4.10
C ALA A 21 3.11 -6.24 3.63
N LEU A 22 3.33 -5.10 2.98
CA LEU A 22 2.23 -4.27 2.48
C LEU A 22 1.28 -5.10 1.62
N GLU A 23 1.85 -5.90 0.73
CA GLU A 23 1.06 -6.75 -0.16
C GLU A 23 0.42 -7.90 0.62
N ASN A 24 1.08 -8.31 1.70
CA ASN A 24 0.57 -9.41 2.53
C ASN A 24 -0.58 -8.95 3.40
N LEU A 25 -0.61 -7.65 3.70
CA LEU A 25 -1.67 -7.08 4.52
C LEU A 25 -2.84 -6.61 3.67
N PHE A 26 -2.53 -5.97 2.55
CA PHE A 26 -3.56 -5.47 1.64
C PHE A 26 -4.27 -6.62 0.94
N GLN A 27 -3.60 -7.75 0.85
CA GLN A 27 -4.17 -8.93 0.20
C GLN A 27 -5.17 -9.62 1.11
N GLU A 28 -4.74 -9.90 2.35
CA GLU A 28 -5.60 -10.56 3.32
C GLU A 28 -6.80 -9.69 3.66
N THR A 29 -6.56 -8.40 3.87
CA THR A 29 -7.63 -7.46 4.22
C THR A 29 -7.55 -6.21 3.35
N LYS A 30 -8.71 -5.73 2.92
CA LYS A 30 -8.77 -4.53 2.09
C LYS A 30 -8.42 -3.28 2.90
N TYR A 31 -8.84 -3.28 4.16
CA TYR A 31 -8.57 -2.15 5.05
C TYR A 31 -8.04 -2.62 6.40
N PRO A 32 -6.72 -2.50 6.58
CA PRO A 32 -6.05 -2.90 7.82
C PRO A 32 -6.40 -1.99 8.99
N ASP A 33 -6.14 -2.46 10.21
CA ASP A 33 -6.43 -1.70 11.41
C ASP A 33 -5.13 -1.16 12.02
N VAL A 34 -5.27 -0.08 12.79
CA VAL A 34 -4.10 0.53 13.44
C VAL A 34 -3.21 -0.51 14.07
N GLY A 35 -3.82 -1.50 14.72
CA GLY A 35 -3.06 -2.55 15.37
C GLY A 35 -2.07 -3.21 14.43
N THR A 36 -2.54 -3.57 13.24
CA THR A 36 -1.70 -4.22 12.25
C THR A 36 -0.74 -3.22 11.60
N ARG A 37 -1.26 -2.03 11.29
CA ARG A 37 -0.46 -0.99 10.67
C ARG A 37 0.75 -0.65 11.53
N GLU A 38 0.50 -0.18 12.75
CA GLU A 38 1.57 0.18 13.67
C GLU A 38 2.72 -0.81 13.59
N GLN A 39 2.40 -2.09 13.79
CA GLN A 39 3.41 -3.14 13.74
C GLN A 39 4.03 -3.24 12.36
N LEU A 40 3.19 -3.42 11.34
CA LEU A 40 3.66 -3.52 9.97
C LEU A 40 4.72 -2.47 9.68
N ALA A 41 4.52 -1.27 10.20
CA ALA A 41 5.46 -0.17 9.99
C ALA A 41 6.82 -0.50 10.61
N ARG A 42 6.83 -0.68 11.92
CA ARG A 42 8.06 -1.00 12.63
C ARG A 42 8.74 -2.24 12.04
N LYS A 43 7.91 -3.17 11.57
CA LYS A 43 8.43 -4.41 10.98
C LYS A 43 9.13 -4.12 9.65
N VAL A 44 8.50 -3.28 8.83
CA VAL A 44 9.07 -2.92 7.53
C VAL A 44 10.00 -1.73 7.65
N HIS A 45 10.08 -1.16 8.85
CA HIS A 45 10.95 -0.01 9.09
C HIS A 45 10.44 1.22 8.33
N LEU A 46 9.14 1.45 8.41
CA LEU A 46 8.52 2.59 7.73
C LEU A 46 7.62 3.37 8.67
N ARG A 47 7.04 4.46 8.19
CA ARG A 47 6.15 5.29 8.98
C ARG A 47 4.70 4.87 8.80
N GLU A 48 4.01 4.63 9.90
CA GLU A 48 2.61 4.22 9.85
C GLU A 48 1.85 4.99 8.77
N GLU A 49 2.03 6.31 8.76
CA GLU A 49 1.37 7.16 7.78
C GLU A 49 1.56 6.62 6.37
N LYS A 50 2.80 6.26 6.04
CA LYS A 50 3.12 5.72 4.72
C LYS A 50 2.33 4.44 4.45
N VAL A 51 2.30 3.55 5.44
CA VAL A 51 1.59 2.30 5.30
C VAL A 51 0.20 2.51 4.69
N GLU A 52 -0.51 3.52 5.18
CA GLU A 52 -1.84 3.82 4.68
C GLU A 52 -1.78 4.31 3.24
N VAL A 53 -0.81 5.16 2.94
CA VAL A 53 -0.64 5.71 1.60
C VAL A 53 -0.60 4.59 0.56
N TRP A 54 0.41 3.73 0.66
CA TRP A 54 0.55 2.63 -0.27
C TRP A 54 -0.79 1.97 -0.57
N PHE A 55 -1.53 1.65 0.48
CA PHE A 55 -2.84 1.02 0.33
C PHE A 55 -3.75 1.88 -0.54
N LYS A 56 -4.02 3.10 -0.07
CA LYS A 56 -4.88 4.02 -0.80
C LYS A 56 -4.63 3.93 -2.30
N ASN A 57 -3.37 4.10 -2.69
CA ASN A 57 -2.99 4.04 -4.11
C ASN A 57 -3.38 2.69 -4.71
N ARG A 58 -2.81 1.62 -4.17
CA ARG A 58 -3.09 0.28 -4.66
C ARG A 58 -4.55 0.15 -5.08
N ARG A 59 -5.46 0.43 -4.14
CA ARG A 59 -6.88 0.34 -4.42
C ARG A 59 -7.20 0.75 -5.86
N ALA A 60 -6.56 1.83 -6.31
CA ALA A 60 -6.77 2.32 -7.66
C ALA A 60 -6.40 1.26 -8.69
N LYS A 61 -5.21 0.68 -8.55
CA LYS A 61 -4.74 -0.35 -9.47
C LYS A 61 -5.55 -1.63 -9.30
N TRP A 62 -6.03 -1.86 -8.09
CA TRP A 62 -6.83 -3.06 -7.80
C TRP A 62 -8.04 -3.15 -8.73
N ARG A 63 -8.67 -2.01 -8.97
CA ARG A 63 -9.84 -1.96 -9.84
C ARG A 63 -9.44 -1.59 -11.27
N ARG A 64 -8.52 -0.65 -11.40
CA ARG A 64 -8.05 -0.20 -12.70
C ARG A 64 -7.58 -1.38 -13.54
N SER A 65 -6.75 -2.23 -12.95
CA SER A 65 -6.22 -3.39 -13.64
C SER A 65 -7.32 -4.43 -13.88
N GLY A 66 -7.99 -4.82 -12.82
CA GLY A 66 -9.06 -5.79 -12.94
C GLY A 66 -8.83 -7.01 -12.07
N PRO A 67 -9.89 -7.83 -11.89
CA PRO A 67 -9.83 -9.04 -11.06
C PRO A 67 -8.96 -10.13 -11.70
N SER A 68 -8.87 -11.27 -11.03
CA SER A 68 -8.08 -12.39 -11.53
C SER A 68 -8.35 -12.63 -13.01
N SER A 69 -9.63 -12.65 -13.37
CA SER A 69 -10.03 -12.88 -14.76
C SER A 69 -10.14 -11.56 -15.51
N GLY A 70 -9.19 -11.30 -16.40
CA GLY A 70 -9.20 -10.07 -17.17
C GLY A 70 -10.43 -9.96 -18.05
N GLY A 1 -11.02 12.56 4.46
CA GLY A 1 -9.79 11.81 4.64
C GLY A 1 -9.47 11.56 6.10
N SER A 2 -9.06 10.33 6.41
CA SER A 2 -8.73 9.96 7.78
C SER A 2 -7.39 10.56 8.21
N SER A 3 -6.41 10.49 7.31
CA SER A 3 -5.09 11.02 7.60
C SER A 3 -4.98 12.49 7.18
N GLY A 4 -4.03 13.21 7.76
CA GLY A 4 -3.85 14.61 7.44
C GLY A 4 -3.28 14.81 6.05
N SER A 5 -1.98 14.68 5.91
CA SER A 5 -1.32 14.85 4.62
C SER A 5 -1.01 13.50 3.98
N SER A 6 -1.05 13.46 2.65
CA SER A 6 -0.78 12.24 1.92
C SER A 6 0.69 12.16 1.51
N GLY A 7 1.15 10.95 1.22
CA GLY A 7 2.53 10.76 0.83
C GLY A 7 3.00 11.80 -0.17
N ARG A 8 2.38 11.80 -1.35
CA ARG A 8 2.74 12.75 -2.40
C ARG A 8 4.25 12.74 -2.65
N ARG A 9 4.87 11.58 -2.46
CA ARG A 9 6.30 11.44 -2.67
C ARG A 9 6.59 10.87 -4.05
N HIS A 10 7.68 11.34 -4.66
CA HIS A 10 8.08 10.88 -5.99
C HIS A 10 9.44 10.21 -5.95
N ARG A 11 9.83 9.58 -7.05
CA ARG A 11 11.12 8.90 -7.14
C ARG A 11 11.38 8.07 -5.89
N THR A 12 10.30 7.54 -5.31
CA THR A 12 10.41 6.73 -4.11
C THR A 12 10.14 5.25 -4.41
N ILE A 13 10.89 4.37 -3.78
CA ILE A 13 10.73 2.94 -3.98
C ILE A 13 10.95 2.17 -2.68
N PHE A 14 10.12 1.16 -2.44
CA PHE A 14 10.23 0.34 -1.24
C PHE A 14 11.02 -0.93 -1.51
N THR A 15 11.56 -1.53 -0.46
CA THR A 15 12.35 -2.74 -0.59
C THR A 15 11.44 -3.97 -0.75
N ASP A 16 12.04 -5.08 -1.14
CA ASP A 16 11.29 -6.32 -1.33
C ASP A 16 10.51 -6.68 -0.07
N GLU A 17 11.20 -6.65 1.08
CA GLU A 17 10.57 -6.98 2.34
C GLU A 17 9.35 -6.10 2.60
N GLN A 18 9.56 -4.78 2.54
CA GLN A 18 8.48 -3.83 2.76
C GLN A 18 7.28 -4.16 1.88
N LEU A 19 7.52 -4.29 0.58
CA LEU A 19 6.47 -4.61 -0.38
C LEU A 19 5.80 -5.94 -0.04
N GLU A 20 6.61 -6.92 0.32
CA GLU A 20 6.11 -8.25 0.67
C GLU A 20 5.13 -8.17 1.83
N ALA A 21 5.52 -7.43 2.88
CA ALA A 21 4.68 -7.27 4.06
C ALA A 21 3.41 -6.49 3.72
N LEU A 22 3.59 -5.35 3.06
CA LEU A 22 2.47 -4.50 2.70
C LEU A 22 1.47 -5.27 1.83
N GLU A 23 1.96 -5.88 0.76
CA GLU A 23 1.12 -6.64 -0.15
C GLU A 23 0.46 -7.81 0.59
N ASN A 24 1.24 -8.49 1.42
CA ASN A 24 0.72 -9.63 2.18
C ASN A 24 -0.47 -9.21 3.04
N LEU A 25 -0.39 -8.02 3.61
CA LEU A 25 -1.46 -7.50 4.46
C LEU A 25 -2.62 -7.00 3.62
N PHE A 26 -2.33 -6.08 2.69
CA PHE A 26 -3.36 -5.52 1.82
C PHE A 26 -4.12 -6.62 1.11
N GLN A 27 -3.41 -7.64 0.65
CA GLN A 27 -4.02 -8.76 -0.05
C GLN A 27 -5.08 -9.43 0.83
N GLU A 28 -4.68 -9.86 2.02
CA GLU A 28 -5.59 -10.52 2.95
C GLU A 28 -6.73 -9.58 3.35
N THR A 29 -6.38 -8.32 3.60
CA THR A 29 -7.37 -7.32 4.00
C THR A 29 -7.17 -6.01 3.24
N LYS A 30 -8.25 -5.49 2.67
CA LYS A 30 -8.21 -4.24 1.92
C LYS A 30 -7.90 -3.06 2.84
N TYR A 31 -8.59 -3.02 3.98
CA TYR A 31 -8.40 -1.94 4.94
C TYR A 31 -7.98 -2.49 6.29
N PRO A 32 -6.68 -2.39 6.60
CA PRO A 32 -6.11 -2.87 7.87
C PRO A 32 -6.56 -2.03 9.06
N ASP A 33 -6.08 -2.38 10.25
CA ASP A 33 -6.43 -1.65 11.45
C ASP A 33 -5.20 -0.94 12.02
N VAL A 34 -5.44 -0.07 13.01
CA VAL A 34 -4.36 0.67 13.64
C VAL A 34 -3.37 -0.26 14.33
N GLY A 35 -3.89 -1.29 14.99
CA GLY A 35 -3.03 -2.24 15.67
C GLY A 35 -2.08 -2.95 14.73
N THR A 36 -2.59 -3.32 13.56
CA THR A 36 -1.78 -4.01 12.56
C THR A 36 -0.87 -3.05 11.82
N ARG A 37 -1.43 -1.92 11.40
CA ARG A 37 -0.65 -0.91 10.68
C ARG A 37 0.53 -0.44 11.51
N GLU A 38 0.27 -0.07 12.75
CA GLU A 38 1.33 0.40 13.64
C GLU A 38 2.47 -0.61 13.72
N GLN A 39 2.14 -1.85 14.04
CA GLN A 39 3.13 -2.91 14.15
C GLN A 39 3.84 -3.12 12.82
N LEU A 40 3.07 -3.37 11.77
CA LEU A 40 3.63 -3.59 10.43
C LEU A 40 4.67 -2.53 10.11
N ALA A 41 4.31 -1.27 10.29
CA ALA A 41 5.22 -0.17 10.01
C ALA A 41 6.60 -0.42 10.60
N ARG A 42 6.66 -0.43 11.93
CA ARG A 42 7.92 -0.68 12.63
C ARG A 42 8.58 -1.97 12.15
N LYS A 43 7.74 -2.97 11.84
CA LYS A 43 8.24 -4.25 11.37
C LYS A 43 8.96 -4.11 10.04
N VAL A 44 8.42 -3.26 9.16
CA VAL A 44 9.02 -3.04 7.85
C VAL A 44 9.90 -1.79 7.86
N HIS A 45 10.20 -1.30 9.06
CA HIS A 45 11.04 -0.11 9.20
C HIS A 45 10.45 1.07 8.45
N LEU A 46 9.14 1.29 8.62
CA LEU A 46 8.46 2.37 7.95
C LEU A 46 7.49 3.08 8.91
N ARG A 47 6.93 4.20 8.46
CA ARG A 47 5.99 4.95 9.27
C ARG A 47 4.55 4.55 8.96
N GLU A 48 3.75 4.39 10.01
CA GLU A 48 2.35 4.01 9.85
C GLU A 48 1.69 4.81 8.73
N GLU A 49 1.85 6.13 8.78
CA GLU A 49 1.28 7.00 7.78
C GLU A 49 1.62 6.53 6.37
N LYS A 50 2.88 6.16 6.17
CA LYS A 50 3.35 5.69 4.88
C LYS A 50 2.63 4.39 4.48
N VAL A 51 2.53 3.47 5.43
CA VAL A 51 1.86 2.20 5.18
C VAL A 51 0.52 2.40 4.47
N GLU A 52 -0.31 3.27 5.04
CA GLU A 52 -1.62 3.54 4.46
C GLU A 52 -1.48 4.07 3.04
N VAL A 53 -0.60 5.03 2.84
CA VAL A 53 -0.36 5.62 1.53
C VAL A 53 -0.31 4.54 0.45
N TRP A 54 0.58 3.57 0.64
CA TRP A 54 0.74 2.48 -0.32
C TRP A 54 -0.58 1.77 -0.55
N PHE A 55 -1.34 1.57 0.52
CA PHE A 55 -2.63 0.91 0.43
C PHE A 55 -3.61 1.71 -0.42
N LYS A 56 -3.71 3.01 -0.13
CA LYS A 56 -4.60 3.90 -0.85
C LYS A 56 -4.34 3.81 -2.36
N ASN A 57 -3.09 4.04 -2.75
CA ASN A 57 -2.71 3.98 -4.16
C ASN A 57 -3.09 2.64 -4.77
N ARG A 58 -2.64 1.56 -4.14
CA ARG A 58 -2.93 0.22 -4.62
C ARG A 58 -4.39 0.08 -5.01
N ARG A 59 -5.29 0.37 -4.06
CA ARG A 59 -6.72 0.28 -4.31
C ARG A 59 -7.08 0.89 -5.66
N ALA A 60 -6.45 2.02 -5.99
CA ALA A 60 -6.71 2.70 -7.25
C ALA A 60 -6.82 1.70 -8.39
N LYS A 61 -5.81 0.86 -8.55
CA LYS A 61 -5.80 -0.14 -9.61
C LYS A 61 -6.95 -1.14 -9.43
N TRP A 62 -7.24 -1.47 -8.18
CA TRP A 62 -8.32 -2.41 -7.86
C TRP A 62 -9.66 -1.87 -8.34
N ARG A 63 -10.12 -0.79 -7.72
CA ARG A 63 -11.38 -0.18 -8.09
C ARG A 63 -11.46 0.09 -9.58
N ARG A 64 -10.35 0.54 -10.15
CA ARG A 64 -10.28 0.84 -11.58
C ARG A 64 -10.68 -0.39 -12.40
N SER A 65 -10.07 -1.53 -12.09
CA SER A 65 -10.35 -2.77 -12.80
C SER A 65 -11.39 -3.60 -12.05
N GLY A 66 -12.60 -3.67 -12.60
CA GLY A 66 -13.65 -4.44 -11.97
C GLY A 66 -14.31 -5.42 -12.93
N PRO A 67 -14.69 -6.59 -12.41
CA PRO A 67 -15.34 -7.64 -13.20
C PRO A 67 -16.75 -7.25 -13.64
N SER A 68 -17.18 -6.05 -13.24
CA SER A 68 -18.51 -5.57 -13.59
C SER A 68 -18.92 -6.04 -14.97
N SER A 69 -18.12 -5.67 -15.98
CA SER A 69 -18.39 -6.05 -17.36
C SER A 69 -18.03 -7.51 -17.60
N GLY A 70 -18.83 -8.19 -18.41
CA GLY A 70 -18.58 -9.58 -18.72
C GLY A 70 -19.65 -10.20 -19.59
N GLY A 1 -10.49 9.78 -9.41
CA GLY A 1 -11.69 9.40 -10.14
C GLY A 1 -12.14 10.48 -11.11
N SER A 2 -12.85 11.48 -10.59
CA SER A 2 -13.34 12.58 -11.41
C SER A 2 -12.36 13.75 -11.40
N SER A 3 -12.07 14.27 -12.59
CA SER A 3 -11.15 15.40 -12.72
C SER A 3 -9.78 15.05 -12.14
N GLY A 4 -9.32 13.83 -12.41
CA GLY A 4 -8.03 13.40 -11.92
C GLY A 4 -6.88 13.90 -12.75
N SER A 5 -5.66 13.73 -12.25
CA SER A 5 -4.47 14.18 -12.96
C SER A 5 -3.61 12.99 -13.39
N SER A 6 -2.57 13.27 -14.16
CA SER A 6 -1.67 12.23 -14.64
C SER A 6 -0.46 12.09 -13.74
N GLY A 7 -0.09 10.85 -13.44
CA GLY A 7 1.05 10.59 -12.58
C GLY A 7 1.80 9.33 -12.96
N ARG A 8 1.22 8.18 -12.61
CA ARG A 8 1.84 6.90 -12.91
C ARG A 8 3.29 6.87 -12.44
N ARG A 9 3.57 7.57 -11.35
CA ARG A 9 4.92 7.63 -10.79
C ARG A 9 4.88 7.87 -9.29
N HIS A 10 5.62 7.06 -8.54
CA HIS A 10 5.67 7.19 -7.09
C HIS A 10 6.79 8.14 -6.67
N ARG A 11 6.87 8.42 -5.38
CA ARG A 11 7.88 9.32 -4.85
C ARG A 11 9.11 8.53 -4.40
N THR A 12 8.92 7.60 -3.47
CA THR A 12 10.02 6.79 -2.96
C THR A 12 9.76 5.31 -3.22
N ILE A 13 10.84 4.55 -3.40
CA ILE A 13 10.74 3.12 -3.65
C ILE A 13 10.80 2.33 -2.34
N PHE A 14 10.02 1.25 -2.27
CA PHE A 14 9.99 0.41 -1.08
C PHE A 14 10.81 -0.85 -1.30
N THR A 15 11.36 -1.39 -0.21
CA THR A 15 12.16 -2.60 -0.27
C THR A 15 11.29 -3.84 -0.44
N ASP A 16 11.93 -5.00 -0.57
CA ASP A 16 11.22 -6.25 -0.73
C ASP A 16 10.33 -6.54 0.47
N GLU A 17 10.89 -6.39 1.66
CA GLU A 17 10.15 -6.63 2.90
C GLU A 17 8.94 -5.71 2.98
N GLN A 18 9.16 -4.42 2.75
CA GLN A 18 8.09 -3.43 2.81
C GLN A 18 6.95 -3.81 1.89
N LEU A 19 7.27 -4.06 0.62
CA LEU A 19 6.27 -4.44 -0.37
C LEU A 19 5.61 -5.76 0.00
N GLU A 20 6.42 -6.74 0.39
CA GLU A 20 5.92 -8.05 0.77
C GLU A 20 4.91 -7.92 1.90
N ALA A 21 5.28 -7.21 2.96
CA ALA A 21 4.41 -7.02 4.11
C ALA A 21 3.14 -6.29 3.71
N LEU A 22 3.28 -5.16 3.02
CA LEU A 22 2.14 -4.37 2.58
C LEU A 22 1.20 -5.20 1.71
N GLU A 23 1.77 -5.98 0.79
CA GLU A 23 1.00 -6.82 -0.10
C GLU A 23 0.35 -7.98 0.67
N ASN A 24 1.11 -8.55 1.60
CA ASN A 24 0.62 -9.67 2.40
C ASN A 24 -0.57 -9.25 3.25
N LEU A 25 -0.52 -8.03 3.78
CA LEU A 25 -1.60 -7.50 4.61
C LEU A 25 -2.74 -6.98 3.75
N PHE A 26 -2.40 -6.20 2.73
CA PHE A 26 -3.40 -5.64 1.82
C PHE A 26 -4.19 -6.75 1.12
N GLN A 27 -3.50 -7.83 0.79
CA GLN A 27 -4.12 -8.97 0.12
C GLN A 27 -5.25 -9.54 0.97
N GLU A 28 -4.90 -10.03 2.16
CA GLU A 28 -5.89 -10.60 3.07
C GLU A 28 -6.98 -9.60 3.40
N THR A 29 -6.58 -8.38 3.74
CA THR A 29 -7.53 -7.32 4.08
C THR A 29 -7.24 -6.05 3.30
N LYS A 30 -8.30 -5.38 2.87
CA LYS A 30 -8.15 -4.14 2.10
C LYS A 30 -7.76 -2.98 3.02
N TYR A 31 -8.36 -2.95 4.21
CA TYR A 31 -8.06 -1.89 5.17
C TYR A 31 -7.79 -2.48 6.56
N PRO A 32 -6.50 -2.55 6.92
CA PRO A 32 -6.08 -3.08 8.21
C PRO A 32 -6.46 -2.17 9.38
N ASP A 33 -6.02 -2.53 10.58
CA ASP A 33 -6.31 -1.74 11.76
C ASP A 33 -5.06 -1.03 12.27
N VAL A 34 -5.23 -0.20 13.31
CA VAL A 34 -4.11 0.54 13.88
C VAL A 34 -3.07 -0.40 14.48
N GLY A 35 -3.55 -1.42 15.20
CA GLY A 35 -2.65 -2.37 15.82
C GLY A 35 -1.83 -3.14 14.81
N THR A 36 -2.43 -3.43 13.65
CA THR A 36 -1.75 -4.16 12.60
C THR A 36 -0.81 -3.26 11.82
N ARG A 37 -1.27 -2.06 11.51
CA ARG A 37 -0.46 -1.10 10.76
C ARG A 37 0.76 -0.66 11.58
N GLU A 38 0.53 -0.32 12.85
CA GLU A 38 1.61 0.11 13.72
C GLU A 38 2.74 -0.91 13.75
N GLN A 39 2.37 -2.19 13.93
CA GLN A 39 3.35 -3.26 13.98
C GLN A 39 4.01 -3.44 12.62
N LEU A 40 3.21 -3.60 11.57
CA LEU A 40 3.72 -3.78 10.22
C LEU A 40 4.74 -2.70 9.87
N ALA A 41 4.39 -1.45 10.14
CA ALA A 41 5.27 -0.32 9.87
C ALA A 41 6.66 -0.56 10.45
N ARG A 42 6.75 -0.62 11.78
CA ARG A 42 8.02 -0.85 12.45
C ARG A 42 8.70 -2.12 11.93
N LYS A 43 7.89 -3.10 11.57
CA LYS A 43 8.41 -4.37 11.06
C LYS A 43 9.09 -4.17 9.71
N VAL A 44 8.51 -3.30 8.88
CA VAL A 44 9.08 -3.02 7.56
C VAL A 44 9.92 -1.75 7.59
N HIS A 45 10.21 -1.26 8.79
CA HIS A 45 11.01 -0.06 8.96
C HIS A 45 10.38 1.12 8.22
N LEU A 46 9.08 1.30 8.43
CA LEU A 46 8.36 2.40 7.78
C LEU A 46 7.44 3.09 8.78
N ARG A 47 6.75 4.14 8.32
CA ARG A 47 5.83 4.89 9.16
C ARG A 47 4.39 4.46 8.90
N GLU A 48 3.55 4.57 9.93
CA GLU A 48 2.15 4.20 9.82
C GLU A 48 1.48 4.96 8.69
N GLU A 49 1.73 6.27 8.62
CA GLU A 49 1.15 7.11 7.59
C GLU A 49 1.54 6.62 6.20
N LYS A 50 2.83 6.34 6.03
CA LYS A 50 3.35 5.87 4.75
C LYS A 50 2.66 4.58 4.33
N VAL A 51 2.54 3.64 5.27
CA VAL A 51 1.89 2.36 4.99
C VAL A 51 0.54 2.56 4.32
N GLU A 52 -0.29 3.41 4.91
CA GLU A 52 -1.61 3.70 4.37
C GLU A 52 -1.51 4.15 2.91
N VAL A 53 -0.63 5.11 2.66
CA VAL A 53 -0.44 5.63 1.31
C VAL A 53 -0.31 4.51 0.29
N TRP A 54 0.48 3.49 0.63
CA TRP A 54 0.68 2.35 -0.25
C TRP A 54 -0.64 1.66 -0.57
N PHE A 55 -1.46 1.45 0.47
CA PHE A 55 -2.75 0.80 0.30
C PHE A 55 -3.65 1.61 -0.63
N LYS A 56 -3.69 2.91 -0.42
CA LYS A 56 -4.50 3.80 -1.25
C LYS A 56 -4.02 3.78 -2.70
N ASN A 57 -2.71 3.84 -2.88
CA ASN A 57 -2.12 3.84 -4.22
C ASN A 57 -2.51 2.56 -4.98
N ARG A 58 -2.46 1.44 -4.28
CA ARG A 58 -2.81 0.15 -4.88
C ARG A 58 -4.27 0.13 -5.33
N ARG A 59 -5.17 0.43 -4.40
CA ARG A 59 -6.60 0.44 -4.69
C ARG A 59 -6.87 1.03 -6.07
N ALA A 60 -6.28 2.20 -6.34
CA ALA A 60 -6.45 2.86 -7.62
C ALA A 60 -6.43 1.86 -8.76
N LYS A 61 -5.44 0.98 -8.76
CA LYS A 61 -5.30 -0.03 -9.81
C LYS A 61 -6.38 -1.11 -9.66
N TRP A 62 -6.60 -1.55 -8.43
CA TRP A 62 -7.60 -2.57 -8.15
C TRP A 62 -8.93 -2.22 -8.81
N ARG A 63 -9.46 -1.05 -8.49
CA ARG A 63 -10.73 -0.61 -9.07
C ARG A 63 -10.62 -0.46 -10.58
N ARG A 64 -9.45 -0.04 -11.05
CA ARG A 64 -9.22 0.14 -12.47
C ARG A 64 -9.47 -1.15 -13.24
N SER A 65 -8.80 -2.22 -12.82
CA SER A 65 -8.94 -3.51 -13.46
C SER A 65 -8.40 -3.48 -14.89
N GLY A 66 -7.25 -2.83 -15.06
CA GLY A 66 -6.64 -2.73 -16.37
C GLY A 66 -5.83 -3.96 -16.73
N PRO A 67 -5.44 -4.06 -18.01
CA PRO A 67 -4.65 -5.20 -18.51
C PRO A 67 -3.23 -5.20 -17.97
N SER A 68 -2.51 -6.29 -18.21
CA SER A 68 -1.13 -6.41 -17.74
C SER A 68 -0.18 -6.59 -18.92
N SER A 69 1.12 -6.48 -18.64
CA SER A 69 2.14 -6.62 -19.67
C SER A 69 2.21 -8.06 -20.18
N GLY A 70 2.26 -9.00 -19.24
CA GLY A 70 2.33 -10.41 -19.61
C GLY A 70 3.60 -11.08 -19.12
N GLY A 1 1.43 4.62 -34.99
CA GLY A 1 2.19 4.45 -33.77
C GLY A 1 1.97 5.58 -32.79
N SER A 2 1.01 5.41 -31.88
CA SER A 2 0.71 6.43 -30.89
C SER A 2 1.79 6.49 -29.81
N SER A 3 2.12 5.33 -29.26
CA SER A 3 3.13 5.25 -28.22
C SER A 3 4.32 4.42 -28.67
N GLY A 4 5.50 4.77 -28.19
CA GLY A 4 6.71 4.04 -28.57
C GLY A 4 7.90 4.41 -27.72
N SER A 5 7.70 4.48 -26.40
CA SER A 5 8.76 4.84 -25.48
C SER A 5 9.91 3.83 -25.55
N SER A 6 11.05 4.29 -26.07
CA SER A 6 12.23 3.44 -26.21
C SER A 6 13.27 3.79 -25.16
N GLY A 7 13.46 2.89 -24.19
CA GLY A 7 14.44 3.11 -23.14
C GLY A 7 13.82 3.69 -21.88
N ARG A 8 13.19 2.82 -21.09
CA ARG A 8 12.55 3.26 -19.86
C ARG A 8 13.45 2.99 -18.65
N ARG A 9 13.36 3.85 -17.65
CA ARG A 9 14.18 3.70 -16.44
C ARG A 9 13.29 3.60 -15.21
N HIS A 10 13.17 2.39 -14.65
CA HIS A 10 12.36 2.16 -13.47
C HIS A 10 13.23 2.12 -12.21
N ARG A 11 12.69 2.64 -11.11
CA ARG A 11 13.42 2.67 -9.85
C ARG A 11 12.67 1.87 -8.78
N THR A 12 13.36 1.58 -7.67
CA THR A 12 12.76 0.83 -6.57
C THR A 12 12.62 1.69 -5.33
N ILE A 13 11.39 2.12 -5.05
CA ILE A 13 11.12 2.95 -3.88
C ILE A 13 11.25 2.14 -2.59
N PHE A 14 10.37 1.16 -2.43
CA PHE A 14 10.39 0.31 -1.25
C PHE A 14 11.19 -0.96 -1.49
N THR A 15 11.73 -1.53 -0.41
CA THR A 15 12.52 -2.76 -0.51
C THR A 15 11.63 -3.97 -0.72
N ASP A 16 12.25 -5.09 -1.10
CA ASP A 16 11.51 -6.33 -1.32
C ASP A 16 10.65 -6.68 -0.12
N GLU A 17 11.25 -6.68 1.06
CA GLU A 17 10.54 -7.00 2.29
C GLU A 17 9.34 -6.07 2.47
N GLN A 18 9.59 -4.77 2.46
CA GLN A 18 8.54 -3.78 2.63
C GLN A 18 7.35 -4.10 1.73
N LEU A 19 7.63 -4.41 0.46
CA LEU A 19 6.58 -4.74 -0.50
C LEU A 19 5.90 -6.05 -0.13
N GLU A 20 6.70 -7.04 0.26
CA GLU A 20 6.18 -8.35 0.63
C GLU A 20 5.10 -8.22 1.71
N ALA A 21 5.48 -7.61 2.84
CA ALA A 21 4.56 -7.42 3.94
C ALA A 21 3.34 -6.61 3.50
N LEU A 22 3.58 -5.38 3.07
CA LEU A 22 2.50 -4.50 2.62
C LEU A 22 1.53 -5.25 1.71
N GLU A 23 2.07 -6.02 0.78
CA GLU A 23 1.25 -6.79 -0.14
C GLU A 23 0.57 -7.96 0.57
N ASN A 24 1.30 -8.58 1.49
CA ASN A 24 0.77 -9.71 2.24
C ASN A 24 -0.38 -9.28 3.15
N LEU A 25 -0.36 -8.01 3.54
CA LEU A 25 -1.40 -7.46 4.41
C LEU A 25 -2.55 -6.89 3.60
N PHE A 26 -2.21 -6.07 2.59
CA PHE A 26 -3.22 -5.47 1.74
C PHE A 26 -4.00 -6.53 0.98
N GLN A 27 -3.39 -7.70 0.81
CA GLN A 27 -4.04 -8.80 0.10
C GLN A 27 -5.10 -9.47 0.96
N GLU A 28 -4.74 -9.74 2.21
CA GLU A 28 -5.67 -10.39 3.14
C GLU A 28 -6.75 -9.41 3.58
N THR A 29 -6.40 -8.13 3.65
CA THR A 29 -7.33 -7.09 4.06
C THR A 29 -7.12 -5.80 3.28
N LYS A 30 -8.22 -5.13 2.95
CA LYS A 30 -8.14 -3.88 2.21
C LYS A 30 -7.65 -2.74 3.09
N TYR A 31 -8.22 -2.65 4.29
CA TYR A 31 -7.84 -1.60 5.24
C TYR A 31 -7.48 -2.20 6.60
N PRO A 32 -6.17 -2.29 6.87
CA PRO A 32 -5.67 -2.84 8.13
C PRO A 32 -5.94 -1.93 9.31
N ASP A 33 -6.38 -2.51 10.42
CA ASP A 33 -6.67 -1.75 11.63
C ASP A 33 -5.50 -0.86 12.02
N VAL A 34 -5.70 -0.05 13.05
CA VAL A 34 -4.64 0.84 13.53
C VAL A 34 -3.54 0.06 14.25
N GLY A 35 -3.96 -0.94 15.03
CA GLY A 35 -3.00 -1.74 15.77
C GLY A 35 -2.09 -2.55 14.85
N THR A 36 -2.67 -3.07 13.77
CA THR A 36 -1.91 -3.87 12.82
C THR A 36 -0.94 -3.00 12.03
N ARG A 37 -1.40 -1.82 11.64
CA ARG A 37 -0.58 -0.89 10.87
C ARG A 37 0.69 -0.52 11.64
N GLU A 38 0.52 -0.10 12.89
CA GLU A 38 1.64 0.29 13.72
C GLU A 38 2.73 -0.79 13.70
N GLN A 39 2.34 -2.02 14.03
CA GLN A 39 3.27 -3.14 14.05
C GLN A 39 3.93 -3.32 12.69
N LEU A 40 3.10 -3.54 11.67
CA LEU A 40 3.61 -3.73 10.31
C LEU A 40 4.64 -2.67 9.95
N ALA A 41 4.28 -1.41 10.16
CA ALA A 41 5.18 -0.30 9.87
C ALA A 41 6.58 -0.57 10.43
N ARG A 42 6.67 -0.64 11.75
CA ARG A 42 7.95 -0.88 12.42
C ARG A 42 8.64 -2.11 11.83
N LYS A 43 7.84 -3.11 11.46
CA LYS A 43 8.39 -4.33 10.89
C LYS A 43 8.98 -4.08 9.51
N VAL A 44 8.31 -3.23 8.73
CA VAL A 44 8.78 -2.90 7.39
C VAL A 44 9.60 -1.62 7.39
N HIS A 45 9.92 -1.13 8.59
CA HIS A 45 10.70 0.10 8.73
C HIS A 45 10.03 1.26 8.02
N LEU A 46 8.72 1.41 8.25
CA LEU A 46 7.96 2.48 7.62
C LEU A 46 7.09 3.20 8.66
N ARG A 47 6.54 4.34 8.27
CA ARG A 47 5.69 5.13 9.16
C ARG A 47 4.23 4.71 9.02
N GLU A 48 3.61 4.37 10.15
CA GLU A 48 2.21 3.94 10.14
C GLU A 48 1.41 4.73 9.11
N GLU A 49 1.66 6.04 9.05
CA GLU A 49 0.96 6.90 8.10
C GLU A 49 1.11 6.38 6.67
N LYS A 50 2.34 6.32 6.20
CA LYS A 50 2.62 5.84 4.85
C LYS A 50 1.94 4.51 4.60
N VAL A 51 2.08 3.58 5.53
CA VAL A 51 1.48 2.26 5.41
C VAL A 51 0.06 2.36 4.85
N GLU A 52 -0.68 3.36 5.30
CA GLU A 52 -2.05 3.56 4.84
C GLU A 52 -2.08 4.05 3.38
N VAL A 53 -1.13 4.93 3.05
CA VAL A 53 -1.05 5.47 1.70
C VAL A 53 -0.63 4.38 0.70
N TRP A 54 0.20 3.46 1.16
CA TRP A 54 0.68 2.38 0.31
C TRP A 54 -0.46 1.45 -0.08
N PHE A 55 -1.52 1.45 0.73
CA PHE A 55 -2.68 0.61 0.46
C PHE A 55 -3.64 1.29 -0.50
N LYS A 56 -4.03 2.53 -0.18
CA LYS A 56 -4.94 3.30 -1.01
C LYS A 56 -4.36 3.49 -2.41
N ASN A 57 -3.08 3.86 -2.48
CA ASN A 57 -2.42 4.07 -3.75
C ASN A 57 -2.59 2.87 -4.67
N ARG A 58 -2.40 1.67 -4.11
CA ARG A 58 -2.54 0.44 -4.88
C ARG A 58 -3.98 0.25 -5.34
N ARG A 59 -4.91 0.27 -4.38
CA ARG A 59 -6.32 0.09 -4.69
C ARG A 59 -6.71 0.85 -5.95
N ALA A 60 -6.26 2.09 -6.05
CA ALA A 60 -6.55 2.92 -7.21
C ALA A 60 -6.46 2.12 -8.50
N LYS A 61 -5.44 1.26 -8.59
CA LYS A 61 -5.25 0.43 -9.77
C LYS A 61 -6.11 -0.83 -9.69
N TRP A 62 -6.09 -1.50 -8.54
CA TRP A 62 -6.88 -2.71 -8.36
C TRP A 62 -8.31 -2.52 -8.85
N ARG A 63 -8.92 -1.41 -8.47
CA ARG A 63 -10.29 -1.11 -8.87
C ARG A 63 -10.37 -0.88 -10.38
N ARG A 64 -9.28 -0.39 -10.97
CA ARG A 64 -9.22 -0.13 -12.40
C ARG A 64 -9.21 -1.44 -13.19
N SER A 65 -8.46 -2.42 -12.69
CA SER A 65 -8.36 -3.71 -13.36
C SER A 65 -9.63 -4.53 -13.15
N GLY A 66 -10.29 -4.87 -14.26
CA GLY A 66 -11.52 -5.65 -14.18
C GLY A 66 -11.30 -7.01 -13.55
N PRO A 67 -12.40 -7.67 -13.16
CA PRO A 67 -12.34 -8.99 -12.54
C PRO A 67 -11.92 -10.09 -13.52
N SER A 68 -10.80 -10.74 -13.23
CA SER A 68 -10.29 -11.80 -14.08
C SER A 68 -11.27 -12.96 -14.15
N SER A 69 -11.64 -13.48 -12.99
CA SER A 69 -12.57 -14.61 -12.92
C SER A 69 -13.64 -14.50 -14.01
N GLY A 70 -14.39 -13.39 -13.99
CA GLY A 70 -15.42 -13.19 -14.98
C GLY A 70 -15.62 -11.72 -15.31
#